data_5QGT
# 
_entry.id   5QGT 
# 
_audit_conform.dict_name       mmcif_pdbx.dic 
_audit_conform.dict_version    5.381 
_audit_conform.dict_location   http://mmcif.pdb.org/dictionaries/ascii/mmcif_pdbx.dic 
# 
loop_
_database_2.database_id 
_database_2.database_code 
_database_2.pdbx_database_accession 
_database_2.pdbx_DOI 
PDB   5QGT         pdb_00005qgt 10.2210/pdb5qgt/pdb 
WWPDB D_1001401930 ?            ?                   
# 
_pdbx_database_status.entry_id                        5QGT 
_pdbx_database_status.status_code                     REL 
_pdbx_database_status.status_code_sf                  REL 
_pdbx_database_status.status_code_mr                  ? 
_pdbx_database_status.status_code_cs                  ? 
_pdbx_database_status.recvd_initial_deposition_date   2018-05-15 
_pdbx_database_status.deposit_site                    RCSB 
_pdbx_database_status.process_site                    RCSB 
_pdbx_database_status.SG_entry                        ? 
_pdbx_database_status.pdb_format_compatible           Y 
_pdbx_database_status.methods_development_category    ? 
_pdbx_database_status.status_code_nmr_data            ? 
# 
loop_
_audit_author.name 
_audit_author.pdbx_ordinal 
_audit_author.identifier_ORCID 
'Krojer, T.'         1  ? 
'Talon, R.'          2  ? 
'Fairhead, M.'       3  ? 
'Diaz Saez, L.'      4  ? 
'Bradley, A.R.'      5  ? 
'Aimon, A.'          6  ? 
'Collins, P.'        7  ? 
'Brandao-Neto, J.'   8  ? 
'Douangamath, A.'    9  ? 
'Ruda, G.F.'         10 ? 
'Szommer, T.'        11 ? 
'Srikannathasan, V.' 12 ? 
'Elkins, J.'         13 ? 
'Spencer, J.'        14 ? 
'London, N.'         15 ? 
'Nelson, A.'         16 ? 
'Brennan, P.E.'      17 ? 
'Huber, K.'          18 ? 
'Bountra, C.'        19 ? 
'Arrowsmith, C.H.'   20 ? 
'Edwards, A.'        21 ? 
'von Delft, F.'      22 ? 
# 
_citation.id                        primary 
_citation.title                     'PanDDA analysis group deposition of models with modelled events (e.g. bound ligands)' 
_citation.journal_abbrev            'To Be Published' 
_citation.journal_volume            ? 
_citation.page_first                ? 
_citation.page_last                 ? 
_citation.year                      ? 
_citation.journal_id_ASTM           ? 
_citation.country                   ? 
_citation.journal_id_ISSN           ? 
_citation.journal_id_CSD            0353 
_citation.book_publisher            ? 
_citation.pdbx_database_id_PubMed   ? 
_citation.pdbx_database_id_DOI      ? 
# 
loop_
_citation_author.citation_id 
_citation_author.name 
_citation_author.identifier_ORCID 
_citation_author.ordinal 
primary 'Krojer, T.'         ? 1  
primary 'Talon, R.'          ? 2  
primary 'Fairhead, M.'       ? 3  
primary 'Diaz Saez, L.'      ? 4  
primary 'Bradley, A.R.'      ? 5  
primary 'Aimon, A.'          ? 6  
primary 'Collins, P.'        ? 7  
primary 'Brandao-Neto, J.'   ? 8  
primary 'Douangamath, A.'    ? 9  
primary 'Ruda, G.F.'         ? 10 
primary 'Szommer, T.'        ? 11 
primary 'Srikannathasan, V.' ? 12 
primary 'Elkins, J.'         ? 13 
primary 'Spencer, J.'        ? 14 
primary 'London, N.'         ? 15 
primary 'Nelson, A.'         ? 16 
primary 'Brennan, P.E.'      ? 17 
primary 'Huber, K.'          ? 18 
primary 'Bountra, C.'        ? 19 
primary 'Arrowsmith, C.H.'   ? 20 
primary 'Edwards, A.'        ? 21 
primary 'von Delft, F.'      ? 22 
# 
_cell.entry_id           5QGT 
_cell.length_a           126.781 
_cell.length_b           126.781 
_cell.length_c           41.762 
_cell.angle_alpha        90.000 
_cell.angle_beta         90.000 
_cell.angle_gamma        120.000 
_cell.Z_PDB              6 
_cell.pdbx_unique_axis   ? 
# 
_symmetry.entry_id                         5QGT 
_symmetry.space_group_name_H-M             'P 3 2 1' 
_symmetry.pdbx_full_space_group_name_H-M   ? 
_symmetry.cell_setting                     ? 
_symmetry.Int_Tables_number                150 
# 
loop_
_entity.id 
_entity.type 
_entity.src_method 
_entity.pdbx_description 
_entity.formula_weight 
_entity.pdbx_number_of_molecules 
_entity.pdbx_ec 
_entity.pdbx_mutation 
_entity.pdbx_fragment 
_entity.details 
1 polymer     man 'Peroxisomal coenzyme A diphosphatase NUDT7' 22197.600 1   3.6.1.- ? ? ? 
2 non-polymer syn 'ACETATE ION'                                59.044    2   ?       ? ? ? 
3 non-polymer syn 'DIMETHYL SULFOXIDE'                         78.133    2   ?       ? ? ? 
4 non-polymer syn '1-(2-ethoxyphenyl)piperazine'               206.284   1   ?       ? ? ? 
5 water       nat water                                        18.015    161 ?       ? ? ? 
# 
_entity_name_com.entity_id   1 
_entity_name_com.name        'Nucleoside diphosphate-linked moiety X motif 7,Nudix motif 7' 
# 
_entity_poly.entity_id                      1 
_entity_poly.type                           'polypeptide(L)' 
_entity_poly.nstd_linkage                   no 
_entity_poly.nstd_monomer                   yes 
_entity_poly.pdbx_seq_one_letter_code       
;SMLDDAKARLRKYDIGGKYSHLPYNKYSVLLPLVAKEGKLHLLFTVRSEKLRRAPGEVCFPGGKRDPTDMDDAATALREA
QEEVGLR(HYP)HQVEVV(CSO)CLVPCLIDTDTLITPFVGLIDHNFQAQPNPAEVKDVFLVPLAYFLHPQVHDQHYVTR
LGHRFINHIFEYTNPEDGVTYQIKGMTANLAVLVAFIILEKKPT
;
_entity_poly.pdbx_seq_one_letter_code_can   
;SMLDDAKARLRKYDIGGKYSHLPYNKYSVLLPLVAKEGKLHLLFTVRSEKLRRAPGEVCFPGGKRDPTDMDDAATALREA
QEEVGLRPHQVEVVCCLVPCLIDTDTLITPFVGLIDHNFQAQPNPAEVKDVFLVPLAYFLHPQVHDQHYVTRLGHRFINH
IFEYTNPEDGVTYQIKGMTANLAVLVAFIILEKKPT
;
_entity_poly.pdbx_strand_id                 A 
_entity_poly.pdbx_target_identifier         ? 
# 
loop_
_entity_poly_seq.entity_id 
_entity_poly_seq.num 
_entity_poly_seq.mon_id 
_entity_poly_seq.hetero 
1 1   SER n 
1 2   MET n 
1 3   LEU n 
1 4   ASP n 
1 5   ASP n 
1 6   ALA n 
1 7   LYS n 
1 8   ALA n 
1 9   ARG n 
1 10  LEU n 
1 11  ARG n 
1 12  LYS n 
1 13  TYR n 
1 14  ASP n 
1 15  ILE n 
1 16  GLY n 
1 17  GLY n 
1 18  LYS n 
1 19  TYR n 
1 20  SER n 
1 21  HIS n 
1 22  LEU n 
1 23  PRO n 
1 24  TYR n 
1 25  ASN n 
1 26  LYS n 
1 27  TYR n 
1 28  SER n 
1 29  VAL n 
1 30  LEU n 
1 31  LEU n 
1 32  PRO n 
1 33  LEU n 
1 34  VAL n 
1 35  ALA n 
1 36  LYS n 
1 37  GLU n 
1 38  GLY n 
1 39  LYS n 
1 40  LEU n 
1 41  HIS n 
1 42  LEU n 
1 43  LEU n 
1 44  PHE n 
1 45  THR n 
1 46  VAL n 
1 47  ARG n 
1 48  SER n 
1 49  GLU n 
1 50  LYS n 
1 51  LEU n 
1 52  ARG n 
1 53  ARG n 
1 54  ALA n 
1 55  PRO n 
1 56  GLY n 
1 57  GLU n 
1 58  VAL n 
1 59  CYS n 
1 60  PHE n 
1 61  PRO n 
1 62  GLY n 
1 63  GLY n 
1 64  LYS n 
1 65  ARG n 
1 66  ASP n 
1 67  PRO n 
1 68  THR n 
1 69  ASP n 
1 70  MET n 
1 71  ASP n 
1 72  ASP n 
1 73  ALA n 
1 74  ALA n 
1 75  THR n 
1 76  ALA n 
1 77  LEU n 
1 78  ARG n 
1 79  GLU n 
1 80  ALA n 
1 81  GLN n 
1 82  GLU n 
1 83  GLU n 
1 84  VAL n 
1 85  GLY n 
1 86  LEU n 
1 87  ARG n 
1 88  HYP n 
1 89  HIS n 
1 90  GLN n 
1 91  VAL n 
1 92  GLU n 
1 93  VAL n 
1 94  VAL n 
1 95  CSO n 
1 96  CYS n 
1 97  LEU n 
1 98  VAL n 
1 99  PRO n 
1 100 CYS n 
1 101 LEU n 
1 102 ILE n 
1 103 ASP n 
1 104 THR n 
1 105 ASP n 
1 106 THR n 
1 107 LEU n 
1 108 ILE n 
1 109 THR n 
1 110 PRO n 
1 111 PHE n 
1 112 VAL n 
1 113 GLY n 
1 114 LEU n 
1 115 ILE n 
1 116 ASP n 
1 117 HIS n 
1 118 ASN n 
1 119 PHE n 
1 120 GLN n 
1 121 ALA n 
1 122 GLN n 
1 123 PRO n 
1 124 ASN n 
1 125 PRO n 
1 126 ALA n 
1 127 GLU n 
1 128 VAL n 
1 129 LYS n 
1 130 ASP n 
1 131 VAL n 
1 132 PHE n 
1 133 LEU n 
1 134 VAL n 
1 135 PRO n 
1 136 LEU n 
1 137 ALA n 
1 138 TYR n 
1 139 PHE n 
1 140 LEU n 
1 141 HIS n 
1 142 PRO n 
1 143 GLN n 
1 144 VAL n 
1 145 HIS n 
1 146 ASP n 
1 147 GLN n 
1 148 HIS n 
1 149 TYR n 
1 150 VAL n 
1 151 THR n 
1 152 ARG n 
1 153 LEU n 
1 154 GLY n 
1 155 HIS n 
1 156 ARG n 
1 157 PHE n 
1 158 ILE n 
1 159 ASN n 
1 160 HIS n 
1 161 ILE n 
1 162 PHE n 
1 163 GLU n 
1 164 TYR n 
1 165 THR n 
1 166 ASN n 
1 167 PRO n 
1 168 GLU n 
1 169 ASP n 
1 170 GLY n 
1 171 VAL n 
1 172 THR n 
1 173 TYR n 
1 174 GLN n 
1 175 ILE n 
1 176 LYS n 
1 177 GLY n 
1 178 MET n 
1 179 THR n 
1 180 ALA n 
1 181 ASN n 
1 182 LEU n 
1 183 ALA n 
1 184 VAL n 
1 185 LEU n 
1 186 VAL n 
1 187 ALA n 
1 188 PHE n 
1 189 ILE n 
1 190 ILE n 
1 191 LEU n 
1 192 GLU n 
1 193 LYS n 
1 194 LYS n 
1 195 PRO n 
1 196 THR n 
# 
_entity_src_gen.entity_id                          1 
_entity_src_gen.pdbx_src_id                        1 
_entity_src_gen.pdbx_alt_source_flag               sample 
_entity_src_gen.pdbx_seq_type                      'Biological sequence' 
_entity_src_gen.pdbx_beg_seq_num                   1 
_entity_src_gen.pdbx_end_seq_num                   196 
_entity_src_gen.gene_src_common_name               Human 
_entity_src_gen.gene_src_genus                     ? 
_entity_src_gen.pdbx_gene_src_gene                 NUDT7 
_entity_src_gen.gene_src_species                   ? 
_entity_src_gen.gene_src_strain                    ? 
_entity_src_gen.gene_src_tissue                    ? 
_entity_src_gen.gene_src_tissue_fraction           ? 
_entity_src_gen.gene_src_details                   ? 
_entity_src_gen.pdbx_gene_src_fragment             ? 
_entity_src_gen.pdbx_gene_src_scientific_name      'Homo sapiens' 
_entity_src_gen.pdbx_gene_src_ncbi_taxonomy_id     9606 
_entity_src_gen.pdbx_gene_src_variant              ? 
_entity_src_gen.pdbx_gene_src_cell_line            ? 
_entity_src_gen.pdbx_gene_src_atcc                 ? 
_entity_src_gen.pdbx_gene_src_organ                ? 
_entity_src_gen.pdbx_gene_src_organelle            ? 
_entity_src_gen.pdbx_gene_src_cell                 ? 
_entity_src_gen.pdbx_gene_src_cellular_location    ? 
_entity_src_gen.host_org_common_name               ? 
_entity_src_gen.pdbx_host_org_scientific_name      'Escherichia coli' 
_entity_src_gen.pdbx_host_org_ncbi_taxonomy_id     562 
_entity_src_gen.host_org_genus                     ? 
_entity_src_gen.pdbx_host_org_gene                 ? 
_entity_src_gen.pdbx_host_org_organ                ? 
_entity_src_gen.host_org_species                   ? 
_entity_src_gen.pdbx_host_org_tissue               ? 
_entity_src_gen.pdbx_host_org_tissue_fraction      ? 
_entity_src_gen.pdbx_host_org_strain               ? 
_entity_src_gen.pdbx_host_org_variant              ? 
_entity_src_gen.pdbx_host_org_cell_line            ? 
_entity_src_gen.pdbx_host_org_atcc                 ? 
_entity_src_gen.pdbx_host_org_culture_collection   ? 
_entity_src_gen.pdbx_host_org_cell                 ? 
_entity_src_gen.pdbx_host_org_organelle            ? 
_entity_src_gen.pdbx_host_org_cellular_location    ? 
_entity_src_gen.pdbx_host_org_vector_type          ? 
_entity_src_gen.pdbx_host_org_vector               ? 
_entity_src_gen.host_org_details                   ? 
_entity_src_gen.expression_system_id               ? 
_entity_src_gen.plasmid_name                       ? 
_entity_src_gen.plasmid_details                    ? 
_entity_src_gen.pdbx_description                   ? 
# 
_struct_ref.id                         1 
_struct_ref.db_name                    UNP 
_struct_ref.db_code                    NUDT7_HUMAN 
_struct_ref.pdbx_db_accession          P0C024 
_struct_ref.pdbx_db_isoform            ? 
_struct_ref.entity_id                  1 
_struct_ref.pdbx_seq_one_letter_code   
;SLLDDAKARLRKYDIGGKYSHLPYNKYSVLLPLVAKEGKLHLLFTVRSEKLRRAPGEVCFPGGKRDPTDMDDAATALREA
QEEVGLRPHQVEVVCCLVPCLIDTDTLITPFVGLIDHNFQAQPNPAEVKDVFLVPLAYFLHPQVHDQHYVTRLGHRFINH
IFEYTNPEDGVTYQIKGMTANLAVLVAFIILEKKPT
;
_struct_ref.pdbx_align_begin           14 
# 
_struct_ref_seq.align_id                      1 
_struct_ref_seq.ref_id                        1 
_struct_ref_seq.pdbx_PDB_id_code              5QGT 
_struct_ref_seq.pdbx_strand_id                A 
_struct_ref_seq.seq_align_beg                 1 
_struct_ref_seq.pdbx_seq_align_beg_ins_code   ? 
_struct_ref_seq.seq_align_end                 196 
_struct_ref_seq.pdbx_seq_align_end_ins_code   ? 
_struct_ref_seq.pdbx_db_accession             P0C024 
_struct_ref_seq.db_align_beg                  14 
_struct_ref_seq.pdbx_db_align_beg_ins_code    ? 
_struct_ref_seq.db_align_end                  209 
_struct_ref_seq.pdbx_db_align_end_ins_code    ? 
_struct_ref_seq.pdbx_auth_seq_align_beg       15 
_struct_ref_seq.pdbx_auth_seq_align_end       210 
# 
_struct_ref_seq_dif.align_id                     1 
_struct_ref_seq_dif.pdbx_pdb_id_code             5QGT 
_struct_ref_seq_dif.mon_id                       MET 
_struct_ref_seq_dif.pdbx_pdb_strand_id           A 
_struct_ref_seq_dif.seq_num                      2 
_struct_ref_seq_dif.pdbx_pdb_ins_code            ? 
_struct_ref_seq_dif.pdbx_seq_db_name             UNP 
_struct_ref_seq_dif.pdbx_seq_db_accession_code   P0C024 
_struct_ref_seq_dif.db_mon_id                    LEU 
_struct_ref_seq_dif.pdbx_seq_db_seq_num          15 
_struct_ref_seq_dif.details                      conflict 
_struct_ref_seq_dif.pdbx_auth_seq_num            16 
_struct_ref_seq_dif.pdbx_ordinal                 1 
# 
loop_
_chem_comp.id 
_chem_comp.type 
_chem_comp.mon_nstd_flag 
_chem_comp.name 
_chem_comp.pdbx_synonyms 
_chem_comp.formula 
_chem_comp.formula_weight 
ACT non-polymer         . 'ACETATE ION'                  ?              'C2 H3 O2 -1'    59.044  
ALA 'L-peptide linking' y ALANINE                        ?              'C3 H7 N O2'     89.093  
ARG 'L-peptide linking' y ARGININE                       ?              'C6 H15 N4 O2 1' 175.209 
ASN 'L-peptide linking' y ASPARAGINE                     ?              'C4 H8 N2 O3'    132.118 
ASP 'L-peptide linking' y 'ASPARTIC ACID'                ?              'C4 H7 N O4'     133.103 
CSO 'L-peptide linking' n S-HYDROXYCYSTEINE              ?              'C3 H7 N O3 S'   137.158 
CYS 'L-peptide linking' y CYSTEINE                       ?              'C3 H7 N O2 S'   121.158 
DMS non-polymer         . 'DIMETHYL SULFOXIDE'           ?              'C2 H6 O S'      78.133  
GLN 'L-peptide linking' y GLUTAMINE                      ?              'C5 H10 N2 O3'   146.144 
GLU 'L-peptide linking' y 'GLUTAMIC ACID'                ?              'C5 H9 N O4'     147.129 
GLY 'peptide linking'   y GLYCINE                        ?              'C2 H5 N O2'     75.067  
H04 non-polymer         . '1-(2-ethoxyphenyl)piperazine' ?              'C12 H18 N2 O'   206.284 
HIS 'L-peptide linking' y HISTIDINE                      ?              'C6 H10 N3 O2 1' 156.162 
HOH non-polymer         . WATER                          ?              'H2 O'           18.015  
HYP 'L-peptide linking' n 4-HYDROXYPROLINE               HYDROXYPROLINE 'C5 H9 N O3'     131.130 
ILE 'L-peptide linking' y ISOLEUCINE                     ?              'C6 H13 N O2'    131.173 
LEU 'L-peptide linking' y LEUCINE                        ?              'C6 H13 N O2'    131.173 
LYS 'L-peptide linking' y LYSINE                         ?              'C6 H15 N2 O2 1' 147.195 
MET 'L-peptide linking' y METHIONINE                     ?              'C5 H11 N O2 S'  149.211 
PHE 'L-peptide linking' y PHENYLALANINE                  ?              'C9 H11 N O2'    165.189 
PRO 'L-peptide linking' y PROLINE                        ?              'C5 H9 N O2'     115.130 
SER 'L-peptide linking' y SERINE                         ?              'C3 H7 N O3'     105.093 
THR 'L-peptide linking' y THREONINE                      ?              'C4 H9 N O3'     119.119 
TYR 'L-peptide linking' y TYROSINE                       ?              'C9 H11 N O3'    181.189 
VAL 'L-peptide linking' y VALINE                         ?              'C5 H11 N O2'    117.146 
# 
_exptl.crystals_number   1 
_exptl.entry_id          5QGT 
_exptl.method            'X-RAY DIFFRACTION' 
# 
_exptl_crystal.id                    1 
_exptl_crystal.pdbx_mosaicity        0.170 
_exptl_crystal.pdbx_mosaicity_esd    ? 
_exptl_crystal.density_Matthews      4.36 
_exptl_crystal.density_diffrn        ? 
_exptl_crystal.density_meas          ? 
_exptl_crystal.density_meas_temp     ? 
_exptl_crystal.density_percent_sol   71.82 
_exptl_crystal.size_max              ? 
_exptl_crystal.size_mid              ? 
_exptl_crystal.size_min              ? 
_exptl_crystal.size_rad              ? 
_exptl_crystal.description           ? 
# 
_exptl_crystal_grow.crystal_id      1 
_exptl_crystal_grow.method          'VAPOR DIFFUSION, SITTING DROP' 
_exptl_crystal_grow.pH              5.5 
_exptl_crystal_grow.temp            293 
_exptl_crystal_grow.pdbx_details    '0.1M bis-tris pH 5.5 -- 0.1M ammonium acetate -- 5%(w/v) PEG10K' 
_exptl_crystal_grow.temp_details    ? 
_exptl_crystal_grow.pdbx_pH_range   ? 
# 
_diffrn.id                     1 
_diffrn.ambient_temp           100 
_diffrn.crystal_id             1 
_diffrn.ambient_temp_details   ? 
# 
_diffrn_detector.detector               PIXEL 
_diffrn_detector.type                   'DECTRIS PILATUS 6M' 
_diffrn_detector.pdbx_collection_date   2017-05-11 
_diffrn_detector.diffrn_id              1 
_diffrn_detector.details                ? 
# 
_diffrn_radiation.diffrn_id                        1 
_diffrn_radiation.wavelength_id                    1 
_diffrn_radiation.pdbx_diffrn_protocol             'SINGLE WAVELENGTH' 
_diffrn_radiation.pdbx_monochromatic_or_laue_m_l   ? 
_diffrn_radiation.monochromator                    ? 
_diffrn_radiation.pdbx_scattering_type             x-ray 
# 
_diffrn_radiation_wavelength.id           1 
_diffrn_radiation_wavelength.wavelength   0.92819 
_diffrn_radiation_wavelength.wt           1.0 
# 
_diffrn_source.diffrn_id                   1 
_diffrn_source.source                      SYNCHROTRON 
_diffrn_source.type                        'DIAMOND BEAMLINE I04-1' 
_diffrn_source.pdbx_wavelength_list        0.92819 
_diffrn_source.pdbx_synchrotron_site       Diamond 
_diffrn_source.pdbx_synchrotron_beamline   I04-1 
_diffrn_source.pdbx_wavelength             ? 
# 
_reflns.entry_id                     5QGT 
_reflns.pdbx_diffrn_id               1 
_reflns.pdbx_ordinal                 1 
_reflns.observed_criterion_sigma_I   ? 
_reflns.observed_criterion_sigma_F   ? 
_reflns.d_resolution_low             29.440 
_reflns.d_resolution_high            1.970 
_reflns.number_obs                   27194 
_reflns.number_all                   ? 
_reflns.percent_possible_obs         99.600 
_reflns.pdbx_Rmerge_I_obs            0.074 
_reflns.pdbx_Rsym_value              ? 
_reflns.pdbx_netI_over_sigmaI        21.300 
_reflns.B_iso_Wilson_estimate        ? 
_reflns.pdbx_redundancy              9.900 
_reflns.pdbx_Rrim_I_all              0.079 
_reflns.pdbx_Rpim_I_all              0.025 
_reflns.pdbx_CC_half                 0.999 
_reflns.pdbx_netI_over_av_sigmaI     ? 
_reflns.pdbx_number_measured_all     269096 
_reflns.pdbx_scaling_rejects         4 
_reflns.pdbx_chi_squared             ? 
_reflns.Rmerge_F_all                 ? 
_reflns.Rmerge_F_obs                 ? 
_reflns.observed_criterion_F_max     ? 
_reflns.observed_criterion_F_min     ? 
_reflns.observed_criterion_I_max     ? 
_reflns.observed_criterion_I_min     ? 
_reflns.pdbx_d_res_high_opt          ? 
_reflns.pdbx_d_res_low_opt           ? 
_reflns.details                      ? 
# 
loop_
_reflns_shell.pdbx_diffrn_id 
_reflns_shell.pdbx_ordinal 
_reflns_shell.d_res_high 
_reflns_shell.d_res_low 
_reflns_shell.number_measured_obs 
_reflns_shell.number_measured_all 
_reflns_shell.number_unique_obs 
_reflns_shell.pdbx_rejects 
_reflns_shell.Rmerge_I_obs 
_reflns_shell.meanI_over_sigI_obs 
_reflns_shell.pdbx_Rsym_value 
_reflns_shell.pdbx_chi_squared 
_reflns_shell.pdbx_redundancy 
_reflns_shell.percent_possible_obs 
_reflns_shell.pdbx_netI_over_sigmaI_obs 
_reflns_shell.number_possible 
_reflns_shell.number_unique_all 
_reflns_shell.Rmerge_F_all 
_reflns_shell.Rmerge_F_obs 
_reflns_shell.Rmerge_I_all 
_reflns_shell.meanI_over_sigI_all 
_reflns_shell.percent_possible_all 
_reflns_shell.pdbx_Rrim_I_all 
_reflns_shell.pdbx_Rpim_I_all 
_reflns_shell.pdbx_CC_half 
1 1 1.970 2.030  ? 18684 ? ? 0.947 ? ? ? 9.800 ? 2.100  ? 1897 ? ? ? ? 95.200 0.998 0.312 0.824 
1 2 8.830 29.440 ? 3145  ? ? 0.024 ? ? ? 9.500 ? 74.300 ? 331  ? ? ? ? 97.000 0.026 0.009 0.998 
# 
_refine.entry_id                                 5QGT 
_refine.pdbx_refine_id                           'X-RAY DIFFRACTION' 
_refine.ls_d_res_high                            1.9700 
_refine.ls_d_res_low                             109.8000 
_refine.pdbx_ls_sigma_F                          0.000 
_refine.pdbx_data_cutoff_high_absF               ? 
_refine.pdbx_data_cutoff_low_absF                ? 
_refine.ls_percent_reflns_obs                    99.5100 
_refine.ls_number_reflns_obs                     25722 
_refine.ls_number_reflns_all                     ? 
_refine.pdbx_ls_cross_valid_method               THROUGHOUT 
_refine.ls_matrix_type                           ? 
_refine.pdbx_R_Free_selection_details            RANDOM 
_refine.details                                  
'HYDROGENS HAVE BEEN ADDED IN THE RIDING POSITIONS U VALUES      : REFINED INDIVIDUALLY' 
_refine.ls_R_factor_all                          ? 
_refine.ls_R_factor_obs                          0.1903 
_refine.ls_R_factor_R_work                       0.1890 
_refine.ls_wR_factor_R_work                      ? 
_refine.ls_R_factor_R_free                       0.2139 
_refine.ls_wR_factor_R_free                      ? 
_refine.ls_percent_reflns_R_free                 5.3000 
_refine.ls_number_reflns_R_free                  1448 
_refine.ls_number_reflns_R_work                  ? 
_refine.ls_R_factor_R_free_error                 ? 
_refine.B_iso_mean                               42.1980 
_refine.solvent_model_param_bsol                 ? 
_refine.solvent_model_param_ksol                 ? 
_refine.pdbx_isotropic_thermal_model             ? 
_refine.aniso_B[1][1]                            0.5600 
_refine.aniso_B[2][2]                            0.5600 
_refine.aniso_B[3][3]                            -1.8300 
_refine.aniso_B[1][2]                            0.2800 
_refine.aniso_B[1][3]                            0.0000 
_refine.aniso_B[2][3]                            -0.0000 
_refine.correlation_coeff_Fo_to_Fc               0.9610 
_refine.correlation_coeff_Fo_to_Fc_free          0.9420 
_refine.overall_SU_R_Cruickshank_DPI             ? 
_refine.pdbx_overall_SU_R_free_Cruickshank_DPI   ? 
_refine.pdbx_overall_SU_R_Blow_DPI               ? 
_refine.pdbx_overall_SU_R_free_Blow_DPI          ? 
_refine.overall_SU_R_free                        ? 
_refine.pdbx_overall_ESU_R                       0.1130 
_refine.pdbx_overall_ESU_R_Free                  0.1100 
_refine.overall_SU_ML                            0.0870 
_refine.overall_SU_B                             3.2210 
_refine.solvent_model_details                    MASK 
_refine.pdbx_solvent_vdw_probe_radii             1.2000 
_refine.pdbx_solvent_ion_probe_radii             0.8000 
_refine.pdbx_solvent_shrinkage_radii             0.8000 
_refine.ls_number_parameters                     ? 
_refine.ls_number_restraints                     ? 
_refine.pdbx_starting_model                      5T3P 
_refine.pdbx_method_to_determine_struct          'FOURIER SYNTHESIS' 
_refine.pdbx_stereochemistry_target_values       'MAXIMUM LIKELIHOOD' 
_refine.pdbx_stereochem_target_val_spec_case     ? 
_refine.overall_FOM_work_R_set                   ? 
_refine.B_iso_max                                132.590 
_refine.B_iso_min                                18.810 
_refine.pdbx_overall_phase_error                 ? 
_refine.occupancy_max                            ? 
_refine.occupancy_min                            ? 
_refine.pdbx_diffrn_id                           1 
_refine.pdbx_TLS_residual_ADP_flag               ? 
_refine.pdbx_ls_sigma_I                          ? 
_refine.pdbx_data_cutoff_high_rms_absF           ? 
_refine.ls_R_factor_R_free_error_details         ? 
# 
_refine_hist.cycle_id                         final 
_refine_hist.pdbx_refine_id                   'X-RAY DIFFRACTION' 
_refine_hist.d_res_high                       1.9700 
_refine_hist.d_res_low                        109.8000 
_refine_hist.pdbx_number_atoms_ligand         31 
_refine_hist.number_atoms_solvent             161 
_refine_hist.number_atoms_total               1659 
_refine_hist.pdbx_number_residues_total       186 
_refine_hist.pdbx_B_iso_mean_ligand           59.79 
_refine_hist.pdbx_B_iso_mean_solvent          52.65 
_refine_hist.pdbx_number_atoms_protein        1467 
_refine_hist.pdbx_number_atoms_nucleic_acid   0 
# 
loop_
_refine_ls_restr.pdbx_refine_id 
_refine_ls_restr.type 
_refine_ls_restr.number 
_refine_ls_restr.dev_ideal 
_refine_ls_restr.dev_ideal_target 
_refine_ls_restr.weight 
_refine_ls_restr.pdbx_restraint_function 
'X-RAY DIFFRACTION' r_bond_refined_d       1548 0.017  0.019  ? ? 
'X-RAY DIFFRACTION' r_bond_other_d         1470 0.002  0.020  ? ? 
'X-RAY DIFFRACTION' r_angle_refined_deg    2102 1.798  1.989  ? ? 
'X-RAY DIFFRACTION' r_angle_other_deg      3412 1.001  2.981  ? ? 
'X-RAY DIFFRACTION' r_dihedral_angle_1_deg 188  6.195  5.000  ? ? 
'X-RAY DIFFRACTION' r_dihedral_angle_2_deg 67   32.301 24.179 ? ? 
'X-RAY DIFFRACTION' r_dihedral_angle_3_deg 254  14.061 15.000 ? ? 
'X-RAY DIFFRACTION' r_dihedral_angle_4_deg 8    21.742 15.000 ? ? 
'X-RAY DIFFRACTION' r_chiral_restr         239  0.115  0.200  ? ? 
'X-RAY DIFFRACTION' r_gen_planes_refined   1694 0.008  0.021  ? ? 
'X-RAY DIFFRACTION' r_gen_planes_other     294  0.001  0.020  ? ? 
'X-RAY DIFFRACTION' r_mcbond_it            754  3.248  3.807  ? ? 
'X-RAY DIFFRACTION' r_mcbond_other         751  3.228  3.793  ? ? 
'X-RAY DIFFRACTION' r_mcangle_it           940  4.516  5.646  ? ? 
# 
_refine_ls_shell.d_res_high                       1.9740 
_refine_ls_shell.d_res_low                        2.0260 
_refine_ls_shell.pdbx_total_number_of_bins_used   20 
_refine_ls_shell.percent_reflns_obs               95.4700 
_refine_ls_shell.number_reflns_R_work             1781 
_refine_ls_shell.R_factor_all                     ? 
_refine_ls_shell.R_factor_R_work                  0.2490 
_refine_ls_shell.R_factor_R_free                  0.2620 
_refine_ls_shell.percent_reflns_R_free            ? 
_refine_ls_shell.number_reflns_R_free             115 
_refine_ls_shell.R_factor_R_free_error            ? 
_refine_ls_shell.number_reflns_all                1896 
_refine_ls_shell.number_reflns_obs                ? 
_refine_ls_shell.pdbx_refine_id                   'X-RAY DIFFRACTION' 
# 
_struct.entry_id                  5QGT 
_struct.title                     
;PanDDA analysis group deposition of models with modelled events (e.g. bound ligands) -- Crystal Structure of NUDT7 in complex with FMOPL000609a
;
_struct.pdbx_model_details        ? 
_struct.pdbx_CASP_flag            ? 
_struct.pdbx_model_type_details   ? 
# 
_struct_keywords.entry_id        5QGT 
_struct_keywords.text            'PanDDA, SGC - Diamond I04-1 fragment screening, NUDIX domain, XChemExplorer, HYDROLASE' 
_struct_keywords.pdbx_keywords   HYDROLASE 
# 
loop_
_struct_asym.id 
_struct_asym.pdbx_blank_PDB_chainid_flag 
_struct_asym.pdbx_modified 
_struct_asym.entity_id 
_struct_asym.details 
A N N 1 ? 
B N N 2 ? 
C N N 2 ? 
D N N 3 ? 
E N N 3 ? 
F N N 4 ? 
G N N 5 ? 
# 
loop_
_struct_conf.conf_type_id 
_struct_conf.id 
_struct_conf.pdbx_PDB_helix_id 
_struct_conf.beg_label_comp_id 
_struct_conf.beg_label_asym_id 
_struct_conf.beg_label_seq_id 
_struct_conf.pdbx_beg_PDB_ins_code 
_struct_conf.end_label_comp_id 
_struct_conf.end_label_asym_id 
_struct_conf.end_label_seq_id 
_struct_conf.pdbx_end_PDB_ins_code 
_struct_conf.beg_auth_comp_id 
_struct_conf.beg_auth_asym_id 
_struct_conf.beg_auth_seq_id 
_struct_conf.end_auth_comp_id 
_struct_conf.end_auth_asym_id 
_struct_conf.end_auth_seq_id 
_struct_conf.pdbx_PDB_helix_class 
_struct_conf.details 
_struct_conf.pdbx_PDB_helix_length 
HELX_P HELX_P1 AA1 SER A 1   ? LYS A 12  ? SER A 15  LYS A 26  1 ? 12 
HELX_P HELX_P2 AA2 ASP A 71  ? GLY A 85  ? ASP A 85  GLY A 99  1 ? 15 
HELX_P HELX_P3 AA3 ARG A 87  ? HIS A 89  ? ARG A 101 HIS A 103 5 ? 3  
HELX_P HELX_P4 AA4 ALA A 137 ? HIS A 141 ? ALA A 151 HIS A 155 5 ? 5  
HELX_P HELX_P5 AA5 LYS A 176 ? GLU A 192 ? LYS A 190 GLU A 206 1 ? 17 
# 
_struct_conf_type.id          HELX_P 
_struct_conf_type.criteria    ? 
_struct_conf_type.reference   ? 
# 
loop_
_struct_conn.id 
_struct_conn.conn_type_id 
_struct_conn.pdbx_leaving_atom_flag 
_struct_conn.pdbx_PDB_id 
_struct_conn.ptnr1_label_asym_id 
_struct_conn.ptnr1_label_comp_id 
_struct_conn.ptnr1_label_seq_id 
_struct_conn.ptnr1_label_atom_id 
_struct_conn.pdbx_ptnr1_label_alt_id 
_struct_conn.pdbx_ptnr1_PDB_ins_code 
_struct_conn.pdbx_ptnr1_standard_comp_id 
_struct_conn.ptnr1_symmetry 
_struct_conn.ptnr2_label_asym_id 
_struct_conn.ptnr2_label_comp_id 
_struct_conn.ptnr2_label_seq_id 
_struct_conn.ptnr2_label_atom_id 
_struct_conn.pdbx_ptnr2_label_alt_id 
_struct_conn.pdbx_ptnr2_PDB_ins_code 
_struct_conn.ptnr1_auth_asym_id 
_struct_conn.ptnr1_auth_comp_id 
_struct_conn.ptnr1_auth_seq_id 
_struct_conn.ptnr2_auth_asym_id 
_struct_conn.ptnr2_auth_comp_id 
_struct_conn.ptnr2_auth_seq_id 
_struct_conn.ptnr2_symmetry 
_struct_conn.pdbx_ptnr3_label_atom_id 
_struct_conn.pdbx_ptnr3_label_seq_id 
_struct_conn.pdbx_ptnr3_label_comp_id 
_struct_conn.pdbx_ptnr3_label_asym_id 
_struct_conn.pdbx_ptnr3_label_alt_id 
_struct_conn.pdbx_ptnr3_PDB_ins_code 
_struct_conn.details 
_struct_conn.pdbx_dist_value 
_struct_conn.pdbx_value_order 
_struct_conn.pdbx_role 
covale1 covale both ? A ARG 87 C ? ? ? 1_555 A HYP 88 N ? ? A ARG 101 A HYP 102 1_555 ? ? ? ? ? ? ? 1.338 ? ? 
covale2 covale both ? A HYP 88 C ? ? ? 1_555 A HIS 89 N ? ? A HYP 102 A HIS 103 1_555 ? ? ? ? ? ? ? 1.336 ? ? 
covale3 covale both ? A VAL 94 C ? ? ? 1_555 A CSO 95 N ? ? A VAL 108 A CSO 109 1_555 ? ? ? ? ? ? ? 1.337 ? ? 
covale4 covale both ? A CSO 95 C ? ? ? 1_555 A CYS 96 N ? ? A CSO 109 A CYS 110 1_555 ? ? ? ? ? ? ? 1.328 ? ? 
# 
_struct_conn_type.id          covale 
_struct_conn_type.criteria    ? 
_struct_conn_type.reference   ? 
# 
loop_
_struct_sheet.id 
_struct_sheet.type 
_struct_sheet.number_strands 
_struct_sheet.details 
AA1 ? 4 ? 
AA2 ? 4 ? 
AA3 ? 3 ? 
AA4 ? 3 ? 
# 
loop_
_struct_sheet_order.sheet_id 
_struct_sheet_order.range_id_1 
_struct_sheet_order.range_id_2 
_struct_sheet_order.offset 
_struct_sheet_order.sense 
AA1 1 2 ? anti-parallel 
AA1 2 3 ? parallel      
AA1 3 4 ? anti-parallel 
AA2 1 2 ? anti-parallel 
AA2 2 3 ? parallel      
AA2 3 4 ? anti-parallel 
AA3 1 2 ? anti-parallel 
AA3 2 3 ? anti-parallel 
AA4 1 2 ? anti-parallel 
AA4 2 3 ? anti-parallel 
# 
loop_
_struct_sheet_range.sheet_id 
_struct_sheet_range.id 
_struct_sheet_range.beg_label_comp_id 
_struct_sheet_range.beg_label_asym_id 
_struct_sheet_range.beg_label_seq_id 
_struct_sheet_range.pdbx_beg_PDB_ins_code 
_struct_sheet_range.end_label_comp_id 
_struct_sheet_range.end_label_asym_id 
_struct_sheet_range.end_label_seq_id 
_struct_sheet_range.pdbx_end_PDB_ins_code 
_struct_sheet_range.beg_auth_comp_id 
_struct_sheet_range.beg_auth_asym_id 
_struct_sheet_range.beg_auth_seq_id 
_struct_sheet_range.end_auth_comp_id 
_struct_sheet_range.end_auth_asym_id 
_struct_sheet_range.end_auth_seq_id 
AA1 1 VAL A 91  ? CYS A 96  ? VAL A 105 CYS A 110 
AA1 2 THR A 106 ? ILE A 115 ? THR A 120 ILE A 129 
AA1 3 ASN A 25  ? LYS A 36  ? ASN A 39  LYS A 50  
AA1 4 LYS A 39  ? ARG A 47  ? LYS A 53  ARG A 61  
AA2 1 CYS A 100 ? ILE A 102 ? CYS A 114 ILE A 116 
AA2 2 THR A 106 ? ILE A 115 ? THR A 120 ILE A 129 
AA2 3 ASN A 25  ? LYS A 36  ? ASN A 39  LYS A 50  
AA2 4 GLY A 62  ? LYS A 64  ? GLY A 76  LYS A 78  
AA3 1 VAL A 128 ? PRO A 135 ? VAL A 142 PRO A 149 
AA3 2 LYS A 39  ? ARG A 47  ? LYS A 53  ARG A 61  
AA3 3 VAL A 58  ? CYS A 59  ? VAL A 72  CYS A 73  
AA4 1 GLN A 143 ? ASP A 146 ? GLN A 157 ASP A 160 
AA4 2 HIS A 160 ? THR A 165 ? HIS A 174 THR A 179 
AA4 3 THR A 172 ? ILE A 175 ? THR A 186 ILE A 189 
# 
loop_
_pdbx_struct_sheet_hbond.sheet_id 
_pdbx_struct_sheet_hbond.range_id_1 
_pdbx_struct_sheet_hbond.range_id_2 
_pdbx_struct_sheet_hbond.range_1_label_atom_id 
_pdbx_struct_sheet_hbond.range_1_label_comp_id 
_pdbx_struct_sheet_hbond.range_1_label_asym_id 
_pdbx_struct_sheet_hbond.range_1_label_seq_id 
_pdbx_struct_sheet_hbond.range_1_PDB_ins_code 
_pdbx_struct_sheet_hbond.range_1_auth_atom_id 
_pdbx_struct_sheet_hbond.range_1_auth_comp_id 
_pdbx_struct_sheet_hbond.range_1_auth_asym_id 
_pdbx_struct_sheet_hbond.range_1_auth_seq_id 
_pdbx_struct_sheet_hbond.range_2_label_atom_id 
_pdbx_struct_sheet_hbond.range_2_label_comp_id 
_pdbx_struct_sheet_hbond.range_2_label_asym_id 
_pdbx_struct_sheet_hbond.range_2_label_seq_id 
_pdbx_struct_sheet_hbond.range_2_PDB_ins_code 
_pdbx_struct_sheet_hbond.range_2_auth_atom_id 
_pdbx_struct_sheet_hbond.range_2_auth_comp_id 
_pdbx_struct_sheet_hbond.range_2_auth_asym_id 
_pdbx_struct_sheet_hbond.range_2_auth_seq_id 
AA1 1 2 N VAL A 94  ? N VAL A 108 O VAL A 112 ? O VAL A 126 
AA1 2 3 O PHE A 111 ? O PHE A 125 N LEU A 31  ? N LEU A 45  
AA1 3 4 N VAL A 34  ? N VAL A 48  O HIS A 41  ? O HIS A 55  
AA2 1 2 N CYS A 100 ? N CYS A 114 O ILE A 108 ? O ILE A 122 
AA2 2 3 O PHE A 111 ? O PHE A 125 N LEU A 31  ? N LEU A 45  
AA2 3 4 N SER A 28  ? N SER A 42  O GLY A 63  ? O GLY A 77  
AA3 1 2 O PHE A 132 ? O PHE A 146 N PHE A 44  ? N PHE A 58  
AA3 2 3 N THR A 45  ? N THR A 59  O CYS A 59  ? O CYS A 73  
AA4 1 2 N HIS A 145 ? N HIS A 159 O ILE A 161 ? O ILE A 175 
AA4 2 3 N TYR A 164 ? N TYR A 178 O TYR A 173 ? O TYR A 187 
# 
loop_
_struct_site.id 
_struct_site.pdbx_evidence_code 
_struct_site.pdbx_auth_asym_id 
_struct_site.pdbx_auth_comp_id 
_struct_site.pdbx_auth_seq_id 
_struct_site.pdbx_auth_ins_code 
_struct_site.pdbx_num_residues 
_struct_site.details 
AC1 Software A ACT 301 ? 4 'binding site for residue ACT A 301' 
AC2 Software A ACT 302 ? 3 'binding site for residue ACT A 302' 
AC3 Software A DMS 303 ? 6 'binding site for residue DMS A 303' 
AC4 Software A DMS 304 ? 3 'binding site for residue DMS A 304' 
AC5 Software A H04 305 ? 4 'binding site for residue H04 A 305' 
# 
loop_
_struct_site_gen.id 
_struct_site_gen.site_id 
_struct_site_gen.pdbx_num_res 
_struct_site_gen.label_comp_id 
_struct_site_gen.label_asym_id 
_struct_site_gen.label_seq_id 
_struct_site_gen.pdbx_auth_ins_code 
_struct_site_gen.auth_comp_id 
_struct_site_gen.auth_asym_id 
_struct_site_gen.auth_seq_id 
_struct_site_gen.label_atom_id 
_struct_site_gen.label_alt_id 
_struct_site_gen.symmetry 
_struct_site_gen.details 
1  AC1 4 GLY A 56  ? GLY A 70  . ? 1_555 ? 
2  AC1 4 VAL A 58  ? VAL A 72  . ? 1_555 ? 
3  AC1 4 TYR A 173 ? TYR A 187 . ? 1_555 ? 
4  AC1 4 GLN A 174 ? GLN A 188 . ? 1_555 ? 
5  AC2 3 HIS A 89  ? HIS A 103 . ? 1_555 ? 
6  AC2 3 VAL A 91  ? VAL A 105 . ? 1_555 ? 
7  AC2 3 HOH G .   ? HOH A 503 . ? 1_555 ? 
8  AC3 6 GLY A 85  ? GLY A 99  . ? 1_555 ? 
9  AC3 6 ARG A 87  ? ARG A 101 . ? 1_555 ? 
10 AC3 6 GLN A 90  ? GLN A 104 . ? 1_555 ? 
11 AC3 6 PHE A 119 ? PHE A 133 . ? 1_555 ? 
12 AC3 6 GLN A 120 ? GLN A 134 . ? 1_555 ? 
13 AC3 6 GLN A 122 ? GLN A 136 . ? 1_555 ? 
14 AC4 3 ASP A 116 ? ASP A 130 . ? 1_555 ? 
15 AC4 3 HIS A 117 ? HIS A 131 . ? 1_555 ? 
16 AC4 3 ASP A 130 ? ASP A 144 . ? 2_545 ? 
17 AC5 4 TYR A 27  ? TYR A 41  . ? 1_555 ? 
18 AC5 4 ARG A 53  ? ARG A 67  . ? 1_555 ? 
19 AC5 4 CYS A 59  ? CYS A 73  . ? 1_555 ? 
20 AC5 4 ILE A 102 ? ILE A 116 . ? 1_555 ? 
# 
_atom_sites.entry_id                    5QGT 
_atom_sites.fract_transf_matrix[1][1]   -0.00359003 
_atom_sites.fract_transf_matrix[1][2]   -0.00556682 
_atom_sites.fract_transf_matrix[1][3]   0.00625153 
_atom_sites.fract_transf_matrix[2][1]   -0.00272453 
_atom_sites.fract_transf_matrix[2][2]   -0.00836031 
_atom_sites.fract_transf_matrix[2][3]   -0.00237440 
_atom_sites.fract_transf_matrix[3][1]   0.02182484 
_atom_sites.fract_transf_matrix[3][2]   -0.00851784 
_atom_sites.fract_transf_matrix[3][3]   0.00494832 
_atom_sites.fract_transf_vector[1]      0.135600 
_atom_sites.fract_transf_vector[2]      -0.434813 
_atom_sites.fract_transf_vector[3]      1.977085 
# 
loop_
_atom_type.symbol 
C 
N 
O 
S 
# 
loop_
_atom_site.group_PDB 
_atom_site.id 
_atom_site.type_symbol 
_atom_site.label_atom_id 
_atom_site.label_alt_id 
_atom_site.label_comp_id 
_atom_site.label_asym_id 
_atom_site.label_entity_id 
_atom_site.label_seq_id 
_atom_site.pdbx_PDB_ins_code 
_atom_site.Cartn_x 
_atom_site.Cartn_y 
_atom_site.Cartn_z 
_atom_site.occupancy 
_atom_site.B_iso_or_equiv 
_atom_site.pdbx_formal_charge 
_atom_site.auth_seq_id 
_atom_site.auth_comp_id 
_atom_site.auth_asym_id 
_atom_site.auth_atom_id 
_atom_site.pdbx_PDB_model_num 
ATOM   1    N N   . SER A 1 1   ? 10.472  3.773   20.415  1.00 61.73  ? 15  SER A N   1 
ATOM   2    C CA  . SER A 1 1   ? 9.896   2.438   20.116  1.00 57.65  ? 15  SER A CA  1 
ATOM   3    C C   . SER A 1 1   ? 9.961   2.181   18.593  1.00 58.54  ? 15  SER A C   1 
ATOM   4    O O   . SER A 1 1   ? 10.314  3.095   17.821  1.00 56.60  ? 15  SER A O   1 
ATOM   5    C CB  . SER A 1 1   ? 8.459   2.345   20.683  1.00 60.95  ? 15  SER A CB  1 
ATOM   6    O OG  . SER A 1 1   ? 7.551   3.295   20.090  1.00 55.95  ? 15  SER A OG  1 
ATOM   7    N N   . MET A 1 2   ? 9.678   0.936   18.202  1.00 56.02  ? 16  MET A N   1 
ATOM   8    C CA  . MET A 1 2   ? 9.523   0.509   16.799  1.00 58.83  ? 16  MET A CA  1 
ATOM   9    C C   . MET A 1 2   ? 8.537   1.389   16.011  1.00 62.36  ? 16  MET A C   1 
ATOM   10   O O   . MET A 1 2   ? 8.837   1.795   14.867  1.00 54.11  ? 16  MET A O   1 
ATOM   11   C CB  . MET A 1 2   ? 9.065   -0.969  16.719  1.00 60.20  ? 16  MET A CB  1 
ATOM   12   C CG  . MET A 1 2   ? 8.402   -1.417  15.403  1.00 63.89  ? 16  MET A CG  1 
ATOM   13   S SD  . MET A 1 2   ? 8.296   -3.234  15.221  1.00 70.22  ? 16  MET A SD  1 
ATOM   14   C CE  . MET A 1 2   ? 7.194   -3.642  16.558  1.00 65.89  ? 16  MET A CE  1 
ATOM   15   N N   . LEU A 1 3   ? 7.372   1.663   16.590  1.00 56.47  ? 17  LEU A N   1 
ATOM   16   C CA  . LEU A 1 3   ? 6.341   2.401   15.830  1.00 60.18  ? 17  LEU A CA  1 
ATOM   17   C C   . LEU A 1 3   ? 6.623   3.910   15.709  1.00 57.81  ? 17  LEU A C   1 
ATOM   18   O O   . LEU A 1 3   ? 6.315   4.547   14.686  1.00 54.22  ? 17  LEU A O   1 
ATOM   19   C CB  . LEU A 1 3   ? 4.967   2.166   16.424  1.00 58.88  ? 17  LEU A CB  1 
ATOM   20   C CG  . LEU A 1 3   ? 4.344   0.855   15.919  1.00 64.52  ? 17  LEU A CG  1 
ATOM   21   C CD1 . LEU A 1 3   ? 3.316   0.330   16.939  1.00 59.65  ? 17  LEU A CD1 1 
ATOM   22   C CD2 . LEU A 1 3   ? 3.733   1.061   14.524  1.00 65.15  ? 17  LEU A CD2 1 
ATOM   23   N N   . ASP A 1 4   ? 7.207   4.448   16.764  1.00 53.13  ? 18  ASP A N   1 
ATOM   24   C CA  . ASP A 1 4   ? 7.560   5.845   16.837  1.00 59.41  ? 18  ASP A CA  1 
ATOM   25   C C   . ASP A 1 4   ? 8.712   6.137   15.919  1.00 57.25  ? 18  ASP A C   1 
ATOM   26   O O   . ASP A 1 4   ? 8.816   7.238   15.382  1.00 52.80  ? 18  ASP A O   1 
ATOM   27   C CB  . ASP A 1 4   ? 7.967   6.239   18.281  1.00 58.88  ? 18  ASP A CB  1 
ATOM   28   C CG  . ASP A 1 4   ? 6.759   6.459   19.206  1.00 67.66  ? 18  ASP A CG  1 
ATOM   29   O OD1 . ASP A 1 4   ? 5.573   6.278   18.802  1.00 66.43  ? 18  ASP A OD1 1 
ATOM   30   O OD2 . ASP A 1 4   ? 7.019   6.838   20.356  1.00 77.30  ? 18  ASP A OD2 1 
ATOM   31   N N   . ASP A 1 5   ? 9.604   5.161   15.825  1.00 50.68  ? 19  ASP A N   1 
ATOM   32   C CA  . ASP A 1 5   ? 10.730  5.220   14.960  1.00 52.66  ? 19  ASP A CA  1 
ATOM   33   C C   . ASP A 1 5   ? 10.293  5.203   13.490  1.00 43.68  ? 19  ASP A C   1 
ATOM   34   O O   . ASP A 1 5   ? 10.822  5.996   12.713  1.00 40.23  ? 19  ASP A O   1 
ATOM   35   C CB  . ASP A 1 5   ? 11.698  4.066   15.256  1.00 60.81  ? 19  ASP A CB  1 
ATOM   36   C CG  . ASP A 1 5   ? 12.588  4.327   16.492  1.00 69.32  ? 19  ASP A CG  1 
ATOM   37   O OD1 . ASP A 1 5   ? 12.624  5.468   17.035  1.00 70.64  ? 19  ASP A OD1 1 
ATOM   38   O OD2 . ASP A 1 5   ? 13.255  3.352   16.918  1.00 83.95  ? 19  ASP A OD2 1 
ATOM   39   N N   . ALA A 1 6   ? 9.345   4.337   13.135  1.00 39.12  ? 20  ALA A N   1 
ATOM   40   C CA  . ALA A 1 6   ? 8.788   4.300   11.760  1.00 39.37  ? 20  ALA A CA  1 
ATOM   41   C C   . ALA A 1 6   ? 8.162   5.610   11.327  1.00 40.57  ? 20  ALA A C   1 
ATOM   42   O O   . ALA A 1 6   ? 8.518   6.138   10.254  1.00 32.55  ? 20  ALA A O   1 
ATOM   43   C CB  . ALA A 1 6   ? 7.821   3.172   11.579  1.00 39.64  ? 20  ALA A CB  1 
ATOM   44   N N   . LYS A 1 7   ? 7.268   6.149   12.166  1.00 37.17  ? 21  LYS A N   1 
ATOM   45   C CA  . LYS A 1 7   ? 6.607   7.423   11.897  1.00 40.67  ? 21  LYS A CA  1 
ATOM   46   C C   . LYS A 1 7   ? 7.592   8.595   11.760  1.00 38.91  ? 21  LYS A C   1 
ATOM   47   O O   . LYS A 1 7   ? 7.472   9.430   10.851  1.00 36.38  ? 21  LYS A O   1 
ATOM   48   C CB  . LYS A 1 7   ? 5.633   7.808   13.016  1.00 44.52  ? 21  LYS A CB  1 
ATOM   49   C CG  . LYS A 1 7   ? 4.451   6.897   13.197  1.00 52.73  ? 21  LYS A CG  1 
ATOM   50   C CD  . LYS A 1 7   ? 3.492   7.429   14.280  1.00 61.51  ? 21  LYS A CD  1 
ATOM   51   C CE  . LYS A 1 7   ? 3.416   6.568   15.541  1.00 61.47  ? 21  LYS A CE  1 
ATOM   52   N NZ  . LYS A 1 7   ? 2.172   6.907   16.308  1.00 64.63  ? 21  LYS A NZ  1 
ATOM   53   N N   . ALA A 1 8   ? 8.565   8.661   12.649  1.00 37.51  ? 22  ALA A N   1 
ATOM   54   C CA  . ALA A 1 8   ? 9.595   9.725   12.550  1.00 41.79  ? 22  ALA A CA  1 
ATOM   55   C C   . ALA A 1 8   ? 10.405  9.660   11.214  1.00 37.12  ? 22  ALA A C   1 
ATOM   56   O O   . ALA A 1 8   ? 10.668  10.687  10.589  1.00 36.72  ? 22  ALA A O   1 
ATOM   57   C CB  . ALA A 1 8   ? 10.511  9.710   13.787  1.00 42.63  ? 22  ALA A CB  1 
ATOM   58   N N   . ARG A 1 9   ? 10.743  8.459   10.771  1.00 34.28  ? 23  ARG A N   1 
ATOM   59   C CA  . ARG A 1 9   ? 11.412  8.264   9.475   1.00 35.68  ? 23  ARG A CA  1 
ATOM   60   C C   . ARG A 1 9   ? 10.491  8.725   8.334   1.00 36.63  ? 23  ARG A C   1 
ATOM   61   O O   . ARG A 1 9   ? 10.919  9.497   7.506   1.00 32.74  ? 23  ARG A O   1 
ATOM   62   C CB  . ARG A 1 9   ? 11.808  6.794   9.234   1.00 38.65  ? 23  ARG A CB  1 
ATOM   63   C CG  . ARG A 1 9   ? 12.931  6.217   10.104  1.00 42.62  ? 23  ARG A CG  1 
ATOM   64   C CD  . ARG A 1 9   ? 14.287  6.761   9.707   1.00 51.40  ? 23  ARG A CD  1 
ATOM   65   N NE  . ARG A 1 9   ? 15.409  5.994   10.308  1.00 57.21  ? 23  ARG A NE  1 
ATOM   66   C CZ  . ARG A 1 9   ? 16.018  4.912   9.792   1.00 52.61  ? 23  ARG A CZ  1 
ATOM   67   N NH1 . ARG A 1 9   ? 15.656  4.396   8.624   1.00 39.46  ? 23  ARG A NH1 1 
ATOM   68   N NH2 . ARG A 1 9   ? 17.048  4.354   10.449  1.00 53.83  ? 23  ARG A NH2 1 
ATOM   69   N N   . LEU A 1 10  ? 9.249   8.222   8.313   1.00 31.36  ? 24  LEU A N   1 
ATOM   70   C CA  . LEU A 1 10  ? 8.274   8.491   7.271   1.00 32.14  ? 24  LEU A CA  1 
ATOM   71   C C   . LEU A 1 10  ? 7.975   9.963   7.129   1.00 32.82  ? 24  LEU A C   1 
ATOM   72   O O   . LEU A 1 10  ? 7.811   10.448  6.008   1.00 32.36  ? 24  LEU A O   1 
ATOM   73   C CB  . LEU A 1 10  ? 6.956   7.733   7.506   1.00 31.29  ? 24  LEU A CB  1 
ATOM   74   C CG  . LEU A 1 10  ? 6.916   6.193   7.346   1.00 32.21  ? 24  LEU A CG  1 
ATOM   75   C CD1 . LEU A 1 10  ? 5.644   5.637   7.989   1.00 32.89  ? 24  LEU A CD1 1 
ATOM   76   C CD2 . LEU A 1 10  ? 6.984   5.782   5.881   1.00 33.95  ? 24  LEU A CD2 1 
ATOM   77   N N   . ARG A 1 11  ? 7.953   10.692  8.226   1.00 32.07  ? 25  ARG A N   1 
ATOM   78   C CA  . ARG A 1 11  ? 7.648   12.131  8.160   1.00 35.60  ? 25  ARG A CA  1 
ATOM   79   C C   . ARG A 1 11  ? 8.669   12.980  7.371   1.00 40.11  ? 25  ARG A C   1 
ATOM   80   O O   . ARG A 1 11  ? 8.279   13.993  6.797   1.00 39.73  ? 25  ARG A O   1 
ATOM   81   C CB  . ARG A 1 11  ? 7.423   12.728  9.542   1.00 39.49  ? 25  ARG A CB  1 
ATOM   82   C CG  . ARG A 1 11  ? 6.049   12.323  10.097  1.00 51.19  ? 25  ARG A CG  1 
ATOM   83   C CD  . ARG A 1 11  ? 5.807   12.803  11.521  1.00 58.74  ? 25  ARG A CD  1 
ATOM   84   N NE  . ARG A 1 11  ? 4.671   12.084  12.129  1.00 67.05  ? 25  ARG A NE  1 
ATOM   85   C CZ  . ARG A 1 11  ? 4.651   11.485  13.337  1.00 78.72  ? 25  ARG A CZ  1 
ATOM   86   N NH1 . ARG A 1 11  ? 5.729   11.511  14.160  1.00 79.05  ? 25  ARG A NH1 1 
ATOM   87   N NH2 . ARG A 1 11  ? 3.527   10.850  13.738  1.00 69.19  ? 25  ARG A NH2 1 
ATOM   88   N N   . LYS A 1 12  ? 9.935   12.567  7.322   1.00 35.86  ? 26  LYS A N   1 
ATOM   89   C CA  . LYS A 1 12  ? 10.948  13.293  6.564   1.00 39.91  ? 26  LYS A CA  1 
ATOM   90   C C   . LYS A 1 12  ? 10.748  13.246  5.039   1.00 36.80  ? 26  LYS A C   1 
ATOM   91   O O   . LYS A 1 12  ? 11.330  14.050  4.345   1.00 35.83  ? 26  LYS A O   1 
ATOM   92   C CB  . LYS A 1 12  ? 12.341  12.778  6.915   1.00 47.63  ? 26  LYS A CB  1 
ATOM   93   C CG  . LYS A 1 12  ? 12.720  12.970  8.387   1.00 52.55  ? 26  LYS A CG  1 
ATOM   94   C CD  . LYS A 1 12  ? 14.203  12.679  8.587   1.00 61.68  ? 26  LYS A CD  1 
ATOM   95   C CE  . LYS A 1 12  ? 14.518  12.219  9.999   1.00 71.84  ? 26  LYS A CE  1 
ATOM   96   N NZ  . LYS A 1 12  ? 14.186  13.275  10.997  1.00 73.46  ? 26  LYS A NZ  1 
ATOM   97   N N   . TYR A 1 13  ? 9.921   12.323  4.539   1.00 33.46  ? 27  TYR A N   1 
ATOM   98   C CA  . TYR A 1 13  ? 9.630   12.161  3.141   1.00 28.62  ? 27  TYR A CA  1 
ATOM   99   C C   . TYR A 1 13  ? 8.247   12.662  2.727   1.00 29.05  ? 27  TYR A C   1 
ATOM   100  O O   . TYR A 1 13  ? 7.857   12.500  1.570   1.00 31.19  ? 27  TYR A O   1 
ATOM   101  C CB  . TYR A 1 13  ? 9.828   10.688  2.741   1.00 30.15  ? 27  TYR A CB  1 
ATOM   102  C CG  . TYR A 1 13  ? 11.262  10.154  2.980   1.00 31.33  ? 27  TYR A CG  1 
ATOM   103  C CD1 . TYR A 1 13  ? 11.644  9.687   4.244   1.00 32.21  ? 27  TYR A CD1 1 
ATOM   104  C CD2 . TYR A 1 13  ? 12.247  10.173  1.958   1.00 31.92  ? 27  TYR A CD2 1 
ATOM   105  C CE1 . TYR A 1 13  ? 12.946  9.235   4.485   1.00 34.74  ? 27  TYR A CE1 1 
ATOM   106  C CE2 . TYR A 1 13  ? 13.570  9.715   2.191   1.00 36.81  ? 27  TYR A CE2 1 
ATOM   107  C CZ  . TYR A 1 13  ? 13.912  9.263   3.464   1.00 35.85  ? 27  TYR A CZ  1 
ATOM   108  O OH  . TYR A 1 13  ? 15.159  8.760   3.757   1.00 39.48  ? 27  TYR A OH  1 
ATOM   109  N N   . ASP A 1 14  ? 7.485   13.210  3.666   1.00 30.02  ? 28  ASP A N   1 
ATOM   110  C CA  . ASP A 1 14  ? 6.097   13.676  3.417   1.00 34.53  ? 28  ASP A CA  1 
ATOM   111  C C   . ASP A 1 14  ? 6.157   14.886  2.496   1.00 40.37  ? 28  ASP A C   1 
ATOM   112  O O   . ASP A 1 14  ? 6.851   15.861  2.798   1.00 40.99  ? 28  ASP A O   1 
ATOM   113  C CB  . ASP A 1 14  ? 5.471   14.093  4.741   1.00 37.09  ? 28  ASP A CB  1 
ATOM   114  C CG  . ASP A 1 14  ? 3.982   14.413  4.666   1.00 40.19  ? 28  ASP A CG  1 
ATOM   115  O OD1 . ASP A 1 14  ? 3.277   14.077  3.700   1.00 38.92  ? 28  ASP A OD1 1 
ATOM   116  O OD2 . ASP A 1 14  ? 3.525   14.976  5.668   1.00 46.98  ? 28  ASP A OD2 1 
ATOM   117  N N   . ILE A 1 15  ? 5.502   14.795  1.354   1.00 39.03  ? 29  ILE A N   1 
ATOM   118  C CA  . ILE A 1 15  ? 5.382   15.983  0.499   1.00 49.33  ? 29  ILE A CA  1 
ATOM   119  C C   . ILE A 1 15  ? 4.123   16.826  0.754   1.00 45.40  ? 29  ILE A C   1 
ATOM   120  O O   . ILE A 1 15  ? 3.955   17.840  0.121   1.00 49.08  ? 29  ILE A O   1 
ATOM   121  C CB  . ILE A 1 15  ? 5.515   15.618  -0.982  1.00 50.80  ? 29  ILE A CB  1 
ATOM   122  C CG1 . ILE A 1 15  ? 4.279   14.953  -1.524  1.00 47.23  ? 29  ILE A CG1 1 
ATOM   123  C CG2 . ILE A 1 15  ? 6.738   14.717  -1.210  1.00 56.62  ? 29  ILE A CG2 1 
ATOM   124  C CD1 . ILE A 1 15  ? 4.149   15.214  -3.013  1.00 55.48  ? 29  ILE A CD1 1 
ATOM   125  N N   . GLY A 1 16  ? 3.227   16.366  1.634   1.00 50.91  ? 30  GLY A N   1 
ATOM   126  C CA  . GLY A 1 16  ? 1.960   17.081  1.926   1.00 52.73  ? 30  GLY A CA  1 
ATOM   127  C C   . GLY A 1 16  ? 1.023   17.214  0.718   1.00 51.26  ? 30  GLY A C   1 
ATOM   128  O O   . GLY A 1 16  ? 0.896   16.277  -0.080  1.00 43.95  ? 30  GLY A O   1 
ATOM   129  N N   . GLY A 1 17  ? 0.393   18.388  0.573   1.00 52.88  ? 31  GLY A N   1 
ATOM   130  C CA  . GLY A 1 17  ? -0.560  18.656  -0.527  1.00 49.45  ? 31  GLY A CA  1 
ATOM   131  C C   . GLY A 1 17  ? -0.021  19.362  -1.780  1.00 48.68  ? 31  GLY A C   1 
ATOM   132  O O   . GLY A 1 17  ? -0.775  19.670  -2.707  1.00 38.84  ? 31  GLY A O   1 
ATOM   133  N N   . LYS A 1 18  ? 1.287   19.588  -1.794  1.00 51.16  ? 32  LYS A N   1 
ATOM   134  C CA  . LYS A 1 18  ? 2.035   20.191  -2.894  1.00 48.78  ? 32  LYS A CA  1 
ATOM   135  C C   . LYS A 1 18  ? 1.528   19.863  -4.347  1.00 43.24  ? 32  LYS A C   1 
ATOM   136  O O   . LYS A 1 18  ? 1.207   20.769  -5.109  1.00 44.22  ? 32  LYS A O   1 
ATOM   137  C CB  . LYS A 1 18  ? 3.541   19.840  -2.659  1.00 47.30  ? 32  LYS A CB  1 
ATOM   138  C CG  . LYS A 1 18  ? 4.518   20.725  -3.403  1.00 53.84  ? 32  LYS A CG  1 
ATOM   139  C CD  . LYS A 1 18  ? 5.950   20.639  -2.901  1.00 49.19  ? 32  LYS A CD  1 
ATOM   140  C CE  . LYS A 1 18  ? 6.133   21.495  -1.664  1.00 52.57  ? 32  LYS A CE  1 
ATOM   141  N NZ  . LYS A 1 18  ? 7.577   21.541  -1.339  1.00 57.97  ? 32  LYS A NZ  1 
ATOM   142  N N   . TYR A 1 19  ? 1.340   18.582  -4.669  1.00 39.36  ? 33  TYR A N   1 
ATOM   143  C CA  . TYR A 1 19  ? 0.855   18.144  -6.002  1.00 36.29  ? 33  TYR A CA  1 
ATOM   144  C C   . TYR A 1 19  ? -0.679  17.810  -6.129  1.00 39.00  ? 33  TYR A C   1 
ATOM   145  O O   . TYR A 1 19  ? -1.172  17.460  -7.232  1.00 35.75  ? 33  TYR A O   1 
ATOM   146  C CB  . TYR A 1 19  ? 1.703   16.951  -6.464  1.00 35.67  ? 33  TYR A CB  1 
ATOM   147  C CG  . TYR A 1 19  ? 3.149   17.332  -6.854  1.00 34.20  ? 33  TYR A CG  1 
ATOM   148  C CD1 . TYR A 1 19  ? 4.087   17.733  -5.889  1.00 35.00  ? 33  TYR A CD1 1 
ATOM   149  C CD2 . TYR A 1 19  ? 3.573   17.280  -8.195  1.00 33.38  ? 33  TYR A CD2 1 
ATOM   150  C CE1 . TYR A 1 19  ? 5.406   18.089  -6.244  1.00 35.29  ? 33  TYR A CE1 1 
ATOM   151  C CE2 . TYR A 1 19  ? 4.889   17.612  -8.554  1.00 33.62  ? 33  TYR A CE2 1 
ATOM   152  C CZ  . TYR A 1 19  ? 5.793   18.009  -7.596  1.00 31.62  ? 33  TYR A CZ  1 
ATOM   153  O OH  . TYR A 1 19  ? 7.079   18.315  -7.931  1.00 32.77  ? 33  TYR A OH  1 
ATOM   154  N N   . SER A 1 20  ? -1.442  18.027  -5.052  1.00 37.39  ? 34  SER A N   1 
ATOM   155  C CA  . SER A 1 20  ? -2.851  17.590  -5.016  1.00 38.16  ? 34  SER A CA  1 
ATOM   156  C C   . SER A 1 20  ? -3.913  18.410  -5.827  1.00 35.00  ? 34  SER A C   1 
ATOM   157  O O   . SER A 1 20  ? -4.961  17.833  -6.148  1.00 40.64  ? 34  SER A O   1 
ATOM   158  C CB  . SER A 1 20  ? -3.294  17.530  -3.558  1.00 41.86  ? 34  SER A CB  1 
ATOM   159  O OG  . SER A 1 20  ? -3.373  18.858  -3.036  1.00 45.67  ? 34  SER A OG  1 
ATOM   160  N N   A HIS A 1 21  ? -3.678  19.673  -6.159  0.35 29.54  ? 35  HIS A N   1 
ATOM   161  N N   B HIS A 1 21  ? -3.646  19.694  -6.106  0.15 33.63  ? 35  HIS A N   1 
ATOM   162  C CA  A HIS A 1 21  ? -4.686  20.442  -6.926  0.35 29.04  ? 35  HIS A CA  1 
ATOM   163  C CA  B HIS A 1 21  ? -4.573  20.571  -6.859  0.15 33.43  ? 35  HIS A CA  1 
ATOM   164  C C   A HIS A 1 21  ? -4.549  20.339  -8.438  0.35 30.25  ? 35  HIS A C   1 
ATOM   165  C C   B HIS A 1 21  ? -4.494  20.423  -8.395  0.15 33.03  ? 35  HIS A C   1 
ATOM   166  O O   A HIS A 1 21  ? -5.445  20.754  -9.166  0.35 26.74  ? 35  HIS A O   1 
ATOM   167  O O   B HIS A 1 21  ? -5.373  20.922  -9.093  0.15 31.40  ? 35  HIS A O   1 
ATOM   168  C CB  A HIS A 1 21  ? -4.630  21.911  -6.586  0.35 28.36  ? 35  HIS A CB  1 
ATOM   169  C CB  B HIS A 1 21  ? -4.334  22.068  -6.541  0.15 34.29  ? 35  HIS A CB  1 
ATOM   170  C CG  A HIS A 1 21  ? -3.640  22.661  -7.417  0.35 30.61  ? 35  HIS A CG  1 
ATOM   171  C CG  B HIS A 1 21  ? -4.705  22.500  -5.149  0.15 35.18  ? 35  HIS A CG  1 
ATOM   172  N ND1 A HIS A 1 21  ? -2.333  22.858  -7.020  0.35 26.26  ? 35  HIS A ND1 1 
ATOM   173  N ND1 B HIS A 1 21  ? -3.812  22.483  -4.098  0.15 36.18  ? 35  HIS A ND1 1 
ATOM   174  C CD2 A HIS A 1 21  ? -3.759  23.245  -8.636  0.35 30.66  ? 35  HIS A CD2 1 
ATOM   175  C CD2 B HIS A 1 21  ? -5.852  23.022  -4.648  0.15 37.02  ? 35  HIS A CD2 1 
ATOM   176  C CE1 A HIS A 1 21  ? -1.690  23.520  -7.954  0.35 27.27  ? 35  HIS A CE1 1 
ATOM   177  C CE1 B HIS A 1 21  ? -4.396  22.940  -3.003  0.15 36.35  ? 35  HIS A CE1 1 
ATOM   178  N NE2 A HIS A 1 21  ? -2.534  23.782  -8.939  0.35 31.21  ? 35  HIS A NE2 1 
ATOM   179  N NE2 B HIS A 1 21  ? -5.637  23.273  -3.309  0.15 37.20  ? 35  HIS A NE2 1 
ATOM   180  N N   . LEU A 1 22  ? -3.448  19.772  -8.920  1.00 33.20  ? 36  LEU A N   1 
ATOM   181  C CA  . LEU A 1 22  ? -3.221  19.652  -10.388 1.00 34.15  ? 36  LEU A CA  1 
ATOM   182  C C   . LEU A 1 22  ? -4.327  18.919  -11.173 1.00 35.99  ? 36  LEU A C   1 
ATOM   183  O O   . LEU A 1 22  ? -4.903  17.922  -10.700 1.00 35.63  ? 36  LEU A O   1 
ATOM   184  C CB  . LEU A 1 22  ? -1.824  19.030  -10.707 1.00 32.38  ? 36  LEU A CB  1 
ATOM   185  C CG  . LEU A 1 22  ? -0.607  19.882  -10.295 1.00 33.04  ? 36  LEU A CG  1 
ATOM   186  C CD1 . LEU A 1 22  ? 0.664   19.061  -10.191 1.00 34.39  ? 36  LEU A CD1 1 
ATOM   187  C CD2 . LEU A 1 22  ? -0.353  21.036  -11.256 1.00 36.60  ? 36  LEU A CD2 1 
ATOM   188  N N   . PRO A 1 23  ? -4.572  19.344  -12.434 1.00 37.39  ? 37  PRO A N   1 
ATOM   189  C CA  . PRO A 1 23  ? -5.800  18.851  -13.133 1.00 33.29  ? 37  PRO A CA  1 
ATOM   190  C C   . PRO A 1 23  ? -5.689  17.457  -13.779 1.00 33.78  ? 37  PRO A C   1 
ATOM   191  O O   . PRO A 1 23  ? -5.843  17.279  -14.981 1.00 37.51  ? 37  PRO A O   1 
ATOM   192  C CB  . PRO A 1 23  ? -6.081  19.993  -14.154 1.00 36.77  ? 37  PRO A CB  1 
ATOM   193  C CG  . PRO A 1 23  ? -4.704  20.538  -14.488 1.00 35.75  ? 37  PRO A CG  1 
ATOM   194  C CD  . PRO A 1 23  ? -3.893  20.437  -13.193 1.00 35.29  ? 37  PRO A CD  1 
ATOM   195  N N   . TYR A 1 24  ? -5.449  16.432  -12.965 1.00 34.02  ? 38  TYR A N   1 
ATOM   196  C CA  . TYR A 1 24  ? -5.326  15.076  -13.459 1.00 29.29  ? 38  TYR A CA  1 
ATOM   197  C C   . TYR A 1 24  ? -6.624  14.258  -13.205 1.00 27.80  ? 38  TYR A C   1 
ATOM   198  O O   . TYR A 1 24  ? -7.447  14.647  -12.383 1.00 29.00  ? 38  TYR A O   1 
ATOM   199  C CB  . TYR A 1 24  ? -4.137  14.422  -12.712 1.00 32.26  ? 38  TYR A CB  1 
ATOM   200  C CG  . TYR A 1 24  ? -2.774  14.838  -13.219 1.00 29.36  ? 38  TYR A CG  1 
ATOM   201  C CD1 . TYR A 1 24  ? -2.267  14.285  -14.373 1.00 31.97  ? 38  TYR A CD1 1 
ATOM   202  C CD2 . TYR A 1 24  ? -1.969  15.725  -12.510 1.00 31.04  ? 38  TYR A CD2 1 
ATOM   203  C CE1 . TYR A 1 24  ? -0.998  14.637  -14.851 1.00 33.23  ? 38  TYR A CE1 1 
ATOM   204  C CE2 . TYR A 1 24  ? -0.693  16.089  -12.983 1.00 31.00  ? 38  TYR A CE2 1 
ATOM   205  C CZ  . TYR A 1 24  ? -0.221  15.564  -14.152 1.00 31.18  ? 38  TYR A CZ  1 
ATOM   206  O OH  . TYR A 1 24  ? 1.045   15.921  -14.627 1.00 33.56  ? 38  TYR A OH  1 
ATOM   207  N N   . ASN A 1 25  ? -6.739  13.116  -13.867 1.00 28.45  ? 39  ASN A N   1 
ATOM   208  C CA  . ASN A 1 25  ? -7.584  11.994  -13.386 1.00 33.27  ? 39  ASN A CA  1 
ATOM   209  C C   . ASN A 1 25  ? -6.915  11.441  -12.101 1.00 31.42  ? 39  ASN A C   1 
ATOM   210  O O   . ASN A 1 25  ? -5.753  11.003  -12.154 1.00 29.18  ? 39  ASN A O   1 
ATOM   211  C CB  . ASN A 1 25  ? -7.636  10.907  -14.416 1.00 35.72  ? 39  ASN A CB  1 
ATOM   212  C CG  . ASN A 1 25  ? -8.341  11.350  -15.696 1.00 46.32  ? 39  ASN A CG  1 
ATOM   213  O OD1 . ASN A 1 25  ? -9.421  11.920  -15.649 1.00 53.18  ? 39  ASN A OD1 1 
ATOM   214  N ND2 . ASN A 1 25  ? -7.705  11.132  -16.826 1.00 47.38  ? 39  ASN A ND2 1 
ATOM   215  N N   . LYS A 1 26  ? -7.604  11.504  -10.969 1.00 30.24  ? 40  LYS A N   1 
ATOM   216  C CA  . LYS A 1 26  ? -6.988  11.300  -9.647  1.00 29.63  ? 40  LYS A CA  1 
ATOM   217  C C   . LYS A 1 26  ? -7.382  9.961   -8.963  1.00 34.51  ? 40  LYS A C   1 
ATOM   218  O O   . LYS A 1 26  ? -8.580  9.609   -8.888  1.00 29.70  ? 40  LYS A O   1 
ATOM   219  C CB  . LYS A 1 26  ? -7.299  12.494  -8.767  1.00 32.05  ? 40  LYS A CB  1 
ATOM   220  C CG  . LYS A 1 26  ? -6.571  13.767  -9.201  1.00 33.36  ? 40  LYS A CG  1 
ATOM   221  C CD  . LYS A 1 26  ? -6.981  15.005  -8.430  1.00 35.38  ? 40  LYS A CD  1 
ATOM   222  C CE  . LYS A 1 26  ? -6.488  14.955  -6.983  1.00 35.04  ? 40  LYS A CE  1 
ATOM   223  N NZ  . LYS A 1 26  ? -5.044  14.640  -6.754  1.00 34.44  ? 40  LYS A NZ  1 
ATOM   224  N N   . TYR A 1 27  ? -6.361  9.191   -8.532  1.00 32.31  ? 41  TYR A N   1 
ATOM   225  C CA  . TYR A 1 27  ? -6.526  7.958   -7.720  1.00 30.38  ? 41  TYR A CA  1 
ATOM   226  C C   . TYR A 1 27  ? -5.625  8.058   -6.490  1.00 32.77  ? 41  TYR A C   1 
ATOM   227  O O   . TYR A 1 27  ? -4.555  8.710   -6.578  1.00 27.17  ? 41  TYR A O   1 
ATOM   228  C CB  . TYR A 1 27  ? -6.087  6.725   -8.494  1.00 31.87  ? 41  TYR A CB  1 
ATOM   229  C CG  . TYR A 1 27  ? -6.844  6.448   -9.731  1.00 33.16  ? 41  TYR A CG  1 
ATOM   230  C CD1 . TYR A 1 27  ? -6.689  7.274   -10.885 1.00 36.98  ? 41  TYR A CD1 1 
ATOM   231  C CD2 . TYR A 1 27  ? -7.757  5.399   -9.782  1.00 35.50  ? 41  TYR A CD2 1 
ATOM   232  C CE1 . TYR A 1 27  ? -7.423  7.034   -12.036 1.00 37.99  ? 41  TYR A CE1 1 
ATOM   233  C CE2 . TYR A 1 27  ? -8.487  5.123   -10.935 1.00 35.27  ? 41  TYR A CE2 1 
ATOM   234  C CZ  . TYR A 1 27  ? -8.328  5.932   -12.047 1.00 42.13  ? 41  TYR A CZ  1 
ATOM   235  O OH  . TYR A 1 27  ? -9.036  5.639   -13.188 1.00 45.20  ? 41  TYR A OH  1 
ATOM   236  N N   . SER A 1 28  ? -6.037  7.417   -5.356  1.00 28.94  ? 42  SER A N   1 
ATOM   237  C CA  . SER A 1 28  ? -5.206  7.295   -4.172  1.00 27.50  ? 42  SER A CA  1 
ATOM   238  C C   . SER A 1 28  ? -5.025  5.804   -3.752  1.00 29.29  ? 42  SER A C   1 
ATOM   239  O O   . SER A 1 28  ? -5.926  4.941   -4.017  1.00 28.68  ? 42  SER A O   1 
ATOM   240  C CB  . SER A 1 28  ? -5.752  8.051   -2.968  1.00 32.82  ? 42  SER A CB  1 
ATOM   241  O OG  . SER A 1 28  ? -5.920  9.423   -3.147  1.00 30.43  ? 42  SER A OG  1 
ATOM   242  N N   . VAL A 1 29  ? -3.872  5.506   -3.125  1.00 25.81  ? 43  VAL A N   1 
ATOM   243  C CA  . VAL A 1 29  ? -3.623  4.165   -2.548  1.00 25.07  ? 43  VAL A CA  1 
ATOM   244  C C   . VAL A 1 29  ? -3.227  4.282   -1.077  1.00 26.08  ? 43  VAL A C   1 
ATOM   245  O O   . VAL A 1 29  ? -2.664  5.306   -0.658  1.00 25.40  ? 43  VAL A O   1 
ATOM   246  C CB  . VAL A 1 29  ? -2.642  3.300   -3.317  1.00 27.64  ? 43  VAL A CB  1 
ATOM   247  C CG1 . VAL A 1 29  ? -3.131  3.003   -4.745  1.00 29.58  ? 43  VAL A CG1 1 
ATOM   248  C CG2 . VAL A 1 29  ? -1.236  3.892   -3.347  1.00 28.76  ? 43  VAL A CG2 1 
ATOM   249  N N   . LEU A 1 30  ? -3.574  3.247   -0.271  1.00 26.56  ? 44  LEU A N   1 
ATOM   250  C CA  . LEU A 1 30  ? -3.155  3.167   1.130   1.00 26.84  ? 44  LEU A CA  1 
ATOM   251  C C   . LEU A 1 30  ? -2.095  2.080   1.284   1.00 25.61  ? 44  LEU A C   1 
ATOM   252  O O   . LEU A 1 30  ? -2.343  0.981   0.885   1.00 28.19  ? 44  LEU A O   1 
ATOM   253  C CB  . LEU A 1 30  ? -4.334  2.856   2.061   1.00 28.35  ? 44  LEU A CB  1 
ATOM   254  C CG  . LEU A 1 30  ? -3.977  2.793   3.564   1.00 28.55  ? 44  LEU A CG  1 
ATOM   255  C CD1 . LEU A 1 30  ? -3.644  4.165   4.126   1.00 28.96  ? 44  LEU A CD1 1 
ATOM   256  C CD2 . LEU A 1 30  ? -5.135  2.209   4.368   1.00 30.15  ? 44  LEU A CD2 1 
ATOM   257  N N   . LEU A 1 31  ? -0.924  2.426   1.820   1.00 24.09  ? 45  LEU A N   1 
ATOM   258  C CA  . LEU A 1 31  ? 0.160   1.479   2.177   1.00 26.74  ? 45  LEU A CA  1 
ATOM   259  C C   . LEU A 1 31  ? -0.002  1.101   3.670   1.00 25.87  ? 45  LEU A C   1 
ATOM   260  O O   . LEU A 1 31  ? 0.385   1.890   4.534   1.00 26.16  ? 45  LEU A O   1 
ATOM   261  C CB  . LEU A 1 31  ? 1.540   2.122   1.941   1.00 28.88  ? 45  LEU A CB  1 
ATOM   262  C CG  . LEU A 1 31  ? 2.108   2.118   0.492   1.00 34.95  ? 45  LEU A CG  1 
ATOM   263  C CD1 . LEU A 1 31  ? 1.122   2.363   -0.607  1.00 32.69  ? 45  LEU A CD1 1 
ATOM   264  C CD2 . LEU A 1 31  ? 3.215   3.154   0.312   1.00 42.42  ? 45  LEU A CD2 1 
ATOM   265  N N   . PRO A 1 32  ? -0.634  -0.058  3.967   1.00 22.80  ? 46  PRO A N   1 
ATOM   266  C CA  . PRO A 1 32  ? -1.040  -0.316  5.372   1.00 25.65  ? 46  PRO A CA  1 
ATOM   267  C C   . PRO A 1 32  ? 0.055   -1.067  6.126   1.00 24.68  ? 46  PRO A C   1 
ATOM   268  O O   . PRO A 1 32  ? 0.433   -2.175  5.700   1.00 24.28  ? 46  PRO A O   1 
ATOM   269  C CB  . PRO A 1 32  ? -2.323  -1.134  5.224   1.00 26.38  ? 46  PRO A CB  1 
ATOM   270  C CG  . PRO A 1 32  ? -2.604  -1.200  3.721   1.00 26.67  ? 46  PRO A CG  1 
ATOM   271  C CD  . PRO A 1 32  ? -1.246  -1.043  3.082   1.00 26.04  ? 46  PRO A CD  1 
ATOM   272  N N   . LEU A 1 33  ? 0.614   -0.429  7.144   1.00 25.29  ? 47  LEU A N   1 
ATOM   273  C CA  . LEU A 1 33  ? 1.696   -1.025  7.983   1.00 30.24  ? 47  LEU A CA  1 
ATOM   274  C C   . LEU A 1 33  ? 1.077   -1.663  9.212   1.00 30.69  ? 47  LEU A C   1 
ATOM   275  O O   . LEU A 1 33  ? 0.415   -0.946  9.961   1.00 28.63  ? 47  LEU A O   1 
ATOM   276  C CB  . LEU A 1 33  ? 2.672   0.017   8.527   1.00 30.38  ? 47  LEU A CB  1 
ATOM   277  C CG  . LEU A 1 33  ? 3.769   0.488   7.561   1.00 37.59  ? 47  LEU A CG  1 
ATOM   278  C CD1 . LEU A 1 33  ? 4.521   1.634   8.215   1.00 37.23  ? 47  LEU A CD1 1 
ATOM   279  C CD2 . LEU A 1 33  ? 4.736   -0.640  7.175   1.00 37.48  ? 47  LEU A CD2 1 
ATOM   280  N N   . VAL A 1 34  ? 1.385   -2.944  9.425   1.00 31.35  ? 48  VAL A N   1 
ATOM   281  C CA  . VAL A 1 34  ? 0.854   -3.797  10.511  1.00 32.52  ? 48  VAL A CA  1 
ATOM   282  C C   . VAL A 1 34  ? 2.034   -4.331  11.324  1.00 34.92  ? 48  VAL A C   1 
ATOM   283  O O   . VAL A 1 34  ? 2.989   -4.852  10.731  1.00 31.98  ? 48  VAL A O   1 
ATOM   284  C CB  . VAL A 1 34  ? 0.122   -5.005  9.901   1.00 33.84  ? 48  VAL A CB  1 
ATOM   285  C CG1 . VAL A 1 34  ? -0.360  -5.985  10.977  1.00 37.60  ? 48  VAL A CG1 1 
ATOM   286  C CG2 . VAL A 1 34  ? -1.091  -4.547  9.105   1.00 36.92  ? 48  VAL A CG2 1 
ATOM   287  N N   . ALA A 1 35  ? 1.982   -4.191  12.653  1.00 33.72  ? 49  ALA A N   1 
ATOM   288  C CA  . ALA A 1 35  ? 3.013   -4.757  13.542  1.00 35.94  ? 49  ALA A CA  1 
ATOM   289  C C   . ALA A 1 35  ? 2.561   -6.103  14.077  1.00 43.35  ? 49  ALA A C   1 
ATOM   290  O O   . ALA A 1 35  ? 1.528   -6.131  14.711  1.00 45.96  ? 49  ALA A O   1 
ATOM   291  C CB  . ALA A 1 35  ? 3.300   -3.807  14.686  1.00 40.06  ? 49  ALA A CB  1 
ATOM   292  N N   . LYS A 1 36  ? 3.297   -7.195  13.783  1.00 43.47  ? 50  LYS A N   1 
ATOM   293  C CA  . LYS A 1 36  ? 3.056   -8.573  14.302  1.00 46.02  ? 50  LYS A CA  1 
ATOM   294  C C   . LYS A 1 36  ? 4.409   -9.178  14.699  1.00 48.24  ? 50  LYS A C   1 
ATOM   295  O O   . LYS A 1 36  ? 5.384   -9.112  13.917  1.00 39.27  ? 50  LYS A O   1 
ATOM   296  C CB  . LYS A 1 36  ? 2.507   -9.555  13.249  1.00 51.12  ? 50  LYS A CB  1 
ATOM   297  C CG  . LYS A 1 36  ? 1.103   -9.374  12.711  1.00 66.48  ? 50  LYS A CG  1 
ATOM   298  C CD  . LYS A 1 36  ? -0.003  -9.319  13.773  1.00 75.98  ? 50  LYS A CD  1 
ATOM   299  C CE  . LYS A 1 36  ? -1.396  -9.216  13.132  1.00 78.01  ? 50  LYS A CE  1 
ATOM   300  N NZ  . LYS A 1 36  ? -2.345  -8.417  13.965  1.00 82.03  ? 50  LYS A NZ  1 
ATOM   301  N N   . GLU A 1 37  ? 4.469   -9.797  15.879  1.00 44.02  ? 51  GLU A N   1 
ATOM   302  C CA  . GLU A 1 37  ? 5.637   -10.560 16.311  1.00 42.72  ? 51  GLU A CA  1 
ATOM   303  C C   . GLU A 1 37  ? 6.891   -9.765  16.316  1.00 39.38  ? 51  GLU A C   1 
ATOM   304  O O   . GLU A 1 37  ? 7.924   -10.237 15.863  1.00 42.69  ? 51  GLU A O   1 
ATOM   305  C CB  . GLU A 1 37  ? 5.837   -11.786 15.413  1.00 53.42  ? 51  GLU A CB  1 
ATOM   306  C CG  . GLU A 1 37  ? 4.602   -12.651 15.311  1.00 62.74  ? 51  GLU A CG  1 
ATOM   307  C CD  . GLU A 1 37  ? 4.788   -13.848 14.421  1.00 74.38  ? 51  GLU A CD  1 
ATOM   308  O OE1 . GLU A 1 37  ? 3.861   -14.684 14.382  1.00 86.36  ? 51  GLU A OE1 1 
ATOM   309  O OE2 . GLU A 1 37  ? 5.845   -13.954 13.763  1.00 87.80  ? 51  GLU A OE2 1 
ATOM   310  N N   . GLY A 1 38  ? 6.806   -8.555  16.844  1.00 36.47  ? 52  GLY A N   1 
ATOM   311  C CA  . GLY A 1 38  ? 7.903   -7.660  16.933  1.00 38.87  ? 52  GLY A CA  1 
ATOM   312  C C   . GLY A 1 38  ? 8.410   -7.060  15.605  1.00 41.26  ? 52  GLY A C   1 
ATOM   313  O O   . GLY A 1 38  ? 9.426   -6.366  15.637  1.00 41.46  ? 52  GLY A O   1 
ATOM   314  N N   . LYS A 1 39  ? 7.739   -7.292  14.460  1.00 38.32  ? 53  LYS A N   1 
ATOM   315  C CA  . LYS A 1 39  ? 8.225   -6.777  13.140  1.00 40.31  ? 53  LYS A CA  1 
ATOM   316  C C   . LYS A 1 39  ? 7.112   -6.070  12.351  1.00 39.04  ? 53  LYS A C   1 
ATOM   317  O O   . LYS A 1 39  ? 5.915   -6.353  12.560  1.00 33.46  ? 53  LYS A O   1 
ATOM   318  C CB  . LYS A 1 39  ? 8.802   -7.943  12.341  1.00 45.89  ? 53  LYS A CB  1 
ATOM   319  C CG  . LYS A 1 39  ? 10.113  -8.438  12.974  1.00 55.06  ? 53  LYS A CG  1 
ATOM   320  C CD  . LYS A 1 39  ? 10.711  -9.728  12.416  1.00 68.92  ? 53  LYS A CD  1 
ATOM   321  C CE  . LYS A 1 39  ? 9.706   -10.873 12.214  1.00 78.01  ? 53  LYS A CE  1 
ATOM   322  N NZ  . LYS A 1 39  ? 9.175   -10.969 10.812  1.00 74.16  ? 53  LYS A NZ  1 
ATOM   323  N N   . LEU A 1 40  ? 7.491   -5.161  11.449  1.00 31.56  ? 54  LEU A N   1 
ATOM   324  C CA  . LEU A 1 40  ? 6.499   -4.507  10.552  1.00 30.28  ? 54  LEU A CA  1 
ATOM   325  C C   . LEU A 1 40  ? 6.241   -5.347  9.295   1.00 26.31  ? 54  LEU A C   1 
ATOM   326  O O   . LEU A 1 40  ? 7.169   -5.978  8.756   1.00 28.57  ? 54  LEU A O   1 
ATOM   327  C CB  . LEU A 1 40  ? 7.000   -3.116  10.144  1.00 33.86  ? 54  LEU A CB  1 
ATOM   328  C CG  . LEU A 1 40  ? 7.182   -2.106  11.276  1.00 39.22  ? 54  LEU A CG  1 
ATOM   329  C CD1 . LEU A 1 40  ? 7.962   -0.896  10.796  1.00 42.37  ? 54  LEU A CD1 1 
ATOM   330  C CD2 . LEU A 1 40  ? 5.822   -1.672  11.816  1.00 37.00  ? 54  LEU A CD2 1 
ATOM   331  N N   . HIS A 1 41  ? 5.005   -5.290  8.820   1.00 25.85  ? 55  HIS A N   1 
ATOM   332  C CA  . HIS A 1 41  ? 4.497   -5.979  7.646   1.00 27.19  ? 55  HIS A CA  1 
ATOM   333  C C   . HIS A 1 41  ? 3.663   -4.976  6.791   1.00 27.13  ? 55  HIS A C   1 
ATOM   334  O O   . HIS A 1 41  ? 3.107   -4.019  7.320   1.00 29.74  ? 55  HIS A O   1 
ATOM   335  C CB  . HIS A 1 41  ? 3.550   -7.123  8.066   1.00 29.65  ? 55  HIS A CB  1 
ATOM   336  C CG  . HIS A 1 41  ? 4.220   -8.178  8.880   1.00 27.35  ? 55  HIS A CG  1 
ATOM   337  N ND1 . HIS A 1 41  ? 4.595   -7.966  10.187  1.00 34.30  ? 55  HIS A ND1 1 
ATOM   338  C CD2 . HIS A 1 41  ? 4.585   -9.434  8.577   1.00 29.62  ? 55  HIS A CD2 1 
ATOM   339  C CE1 . HIS A 1 41  ? 5.213   -9.048  10.638  1.00 34.21  ? 55  HIS A CE1 1 
ATOM   340  N NE2 . HIS A 1 41  ? 5.226   -9.948  9.679   1.00 33.17  ? 55  HIS A NE2 1 
ATOM   341  N N   . LEU A 1 42  ? 3.579   -5.227  5.496   1.00 26.95  ? 56  LEU A N   1 
ATOM   342  C CA  . LEU A 1 42  ? 2.664   -4.510  4.609   1.00 26.45  ? 56  LEU A CA  1 
ATOM   343  C C   . LEU A 1 42  ? 1.492   -5.430  4.253   1.00 26.41  ? 56  LEU A C   1 
ATOM   344  O O   . LEU A 1 42  ? 1.683   -6.610  3.916   1.00 30.28  ? 56  LEU A O   1 
ATOM   345  C CB  . LEU A 1 42  ? 3.372   -4.046  3.325   1.00 26.98  ? 56  LEU A CB  1 
ATOM   346  C CG  . LEU A 1 42  ? 4.256   -2.783  3.428   1.00 27.57  ? 56  LEU A CG  1 
ATOM   347  C CD1 . LEU A 1 42  ? 5.129   -2.636  2.176   1.00 31.49  ? 56  LEU A CD1 1 
ATOM   348  C CD2 . LEU A 1 42  ? 3.405   -1.533  3.630   1.00 29.06  ? 56  LEU A CD2 1 
ATOM   349  N N   . LEU A 1 43  ? 0.311   -4.854  4.235   1.00 28.73  ? 57  LEU A N   1 
ATOM   350  C CA  . LEU A 1 43  ? -0.932  -5.546  3.777   1.00 28.35  ? 57  LEU A CA  1 
ATOM   351  C C   . LEU A 1 43  ? -1.230  -5.295  2.301   1.00 28.31  ? 57  LEU A C   1 
ATOM   352  O O   . LEU A 1 43  ? -1.343  -4.132  1.871   1.00 29.03  ? 57  LEU A O   1 
ATOM   353  C CB  . LEU A 1 43  ? -2.090  -5.088  4.644   1.00 29.24  ? 57  LEU A CB  1 
ATOM   354  C CG  . LEU A 1 43  ? -3.480  -5.749  4.381   1.00 32.98  ? 57  LEU A CG  1 
ATOM   355  C CD1 . LEU A 1 43  ? -4.355  -5.645  5.613   1.00 37.75  ? 57  LEU A CD1 1 
ATOM   356  C CD2 . LEU A 1 43  ? -4.192  -5.101  3.233   1.00 35.61  ? 57  LEU A CD2 1 
ATOM   357  N N   . PHE A 1 44  ? -1.381  -6.394  1.551   1.00 27.92  ? 58  PHE A N   1 
ATOM   358  C CA  . PHE A 1 44  ? -1.723  -6.407  0.142   1.00 28.23  ? 58  PHE A CA  1 
ATOM   359  C C   . PHE A 1 44  ? -3.089  -7.050  -0.124  1.00 33.99  ? 58  PHE A C   1 
ATOM   360  O O   . PHE A 1 44  ? -3.604  -7.848  0.734   1.00 30.99  ? 58  PHE A O   1 
ATOM   361  C CB  . PHE A 1 44  ? -0.670  -7.192  -0.637  1.00 28.55  ? 58  PHE A CB  1 
ATOM   362  C CG  . PHE A 1 44  ? 0.731   -6.581  -0.597  1.00 29.82  ? 58  PHE A CG  1 
ATOM   363  C CD1 . PHE A 1 44  ? 1.601   -6.810  0.496   1.00 29.28  ? 58  PHE A CD1 1 
ATOM   364  C CD2 . PHE A 1 44  ? 1.166   -5.707  -1.612  1.00 28.47  ? 58  PHE A CD2 1 
ATOM   365  C CE1 . PHE A 1 44  ? 2.877   -6.254  0.531   1.00 29.44  ? 58  PHE A CE1 1 
ATOM   366  C CE2 . PHE A 1 44  ? 2.441   -5.151  -1.561  1.00 28.06  ? 58  PHE A CE2 1 
ATOM   367  C CZ  . PHE A 1 44  ? 3.311   -5.435  -0.514  1.00 26.85  ? 58  PHE A CZ  1 
ATOM   368  N N   . THR A 1 45  ? -3.694  -6.705  -1.291  1.00 31.73  ? 59  THR A N   1 
ATOM   369  C CA  . THR A 1 45  ? -4.942  -7.340  -1.786  1.00 31.16  ? 59  THR A CA  1 
ATOM   370  C C   . THR A 1 45  ? -4.635  -8.077  -3.072  1.00 33.49  ? 59  THR A C   1 
ATOM   371  O O   . THR A 1 45  ? -3.693  -7.715  -3.789  1.00 31.99  ? 59  THR A O   1 
ATOM   372  C CB  . THR A 1 45  ? -6.117  -6.353  -2.064  1.00 31.79  ? 59  THR A CB  1 
ATOM   373  O OG1 . THR A 1 45  ? -5.846  -5.536  -3.231  1.00 34.83  ? 59  THR A OG1 1 
ATOM   374  C CG2 . THR A 1 45  ? -6.376  -5.469  -0.900  1.00 30.79  ? 59  THR A CG2 1 
ATOM   375  N N   . VAL A 1 46  ? -5.428  -9.112  -3.351  1.00 32.73  ? 60  VAL A N   1 
ATOM   376  C CA  . VAL A 1 46  ? -5.515  -9.694  -4.675  1.00 34.06  ? 60  VAL A CA  1 
ATOM   377  C C   . VAL A 1 46  ? -6.879  -9.264  -5.232  1.00 35.83  ? 60  VAL A C   1 
ATOM   378  O O   . VAL A 1 46  ? -7.919  -9.577  -4.649  1.00 35.50  ? 60  VAL A O   1 
ATOM   379  C CB  . VAL A 1 46  ? -5.388  -11.237 -4.669  1.00 36.57  ? 60  VAL A CB  1 
ATOM   380  C CG1 . VAL A 1 46  ? -5.506  -11.798 -6.098  1.00 40.04  ? 60  VAL A CG1 1 
ATOM   381  C CG2 . VAL A 1 46  ? -4.069  -11.649 -4.056  1.00 35.87  ? 60  VAL A CG2 1 
ATOM   382  N N   . ARG A 1 47  ? -6.865  -8.534  -6.346  1.00 34.55  ? 61  ARG A N   1 
ATOM   383  C CA  . ARG A 1 47  ? -8.104  -7.995  -6.937  1.00 36.67  ? 61  ARG A CA  1 
ATOM   384  C C   . ARG A 1 47  ? -9.027  -9.101  -7.484  1.00 36.18  ? 61  ARG A C   1 
ATOM   385  O O   . ARG A 1 47  ? -8.567  -10.124 -7.965  1.00 39.42  ? 61  ARG A O   1 
ATOM   386  C CB  . ARG A 1 47  ? -7.786  -6.958  -8.034  1.00 36.69  ? 61  ARG A CB  1 
ATOM   387  C CG  . ARG A 1 47  ? -7.235  -5.652  -7.463  1.00 36.54  ? 61  ARG A CG  1 
ATOM   388  C CD  . ARG A 1 47  ? -6.742  -4.706  -8.564  1.00 41.55  ? 61  ARG A CD  1 
ATOM   389  N NE  . ARG A 1 47  ? -7.819  -4.102  -9.374  1.00 40.65  ? 61  ARG A NE  1 
ATOM   390  C CZ  . ARG A 1 47  ? -8.630  -3.120  -8.975  1.00 43.60  ? 61  ARG A CZ  1 
ATOM   391  N NH1 . ARG A 1 47  ? -8.544  -2.584  -7.754  1.00 47.89  ? 61  ARG A NH1 1 
ATOM   392  N NH2 . ARG A 1 47  ? -9.556  -2.662  -9.822  1.00 50.14  ? 61  ARG A NH2 1 
ATOM   393  N N   . SER A 1 48  ? -10.328 -8.910  -7.328  1.00 39.90  ? 62  SER A N   1 
ATOM   394  C CA  . SER A 1 48  ? -11.294 -9.860  -7.850  1.00 45.21  ? 62  SER A CA  1 
ATOM   395  C C   . SER A 1 48  ? -11.152 -10.013 -9.385  1.00 49.52  ? 62  SER A C   1 
ATOM   396  O O   . SER A 1 48  ? -10.943 -9.017  -10.109 1.00 44.45  ? 62  SER A O   1 
ATOM   397  C CB  . SER A 1 48  ? -12.717 -9.407  -7.548  1.00 47.56  ? 62  SER A CB  1 
ATOM   398  O OG  . SER A 1 48  ? -13.561 -9.929  -8.552  1.00 53.25  ? 62  SER A OG  1 
ATOM   399  N N   . GLU A 1 49  ? -11.312 -11.250 -9.860  1.00 56.24  ? 63  GLU A N   1 
ATOM   400  C CA  . GLU A 1 49  ? -11.279 -11.568 -11.313 1.00 61.79  ? 63  GLU A CA  1 
ATOM   401  C C   . GLU A 1 49  ? -12.393 -10.858 -12.140 1.00 60.38  ? 63  GLU A C   1 
ATOM   402  O O   . GLU A 1 49  ? -12.241 -10.709 -13.340 1.00 68.74  ? 63  GLU A O   1 
ATOM   403  C CB  . GLU A 1 49  ? -11.367 -13.085 -11.544 1.00 62.67  ? 63  GLU A CB  1 
ATOM   404  C CG  . GLU A 1 49  ? -10.315 -13.952 -10.847 1.00 71.31  ? 63  GLU A CG  1 
ATOM   405  C CD  . GLU A 1 49  ? -8.900  -13.836 -11.419 1.00 76.53  ? 63  GLU A CD  1 
ATOM   406  O OE1 . GLU A 1 49  ? -8.685  -13.134 -12.440 1.00 81.31  ? 63  GLU A OE1 1 
ATOM   407  O OE2 . GLU A 1 49  ? -7.985  -14.469 -10.824 1.00 69.28  ? 63  GLU A OE2 1 
ATOM   408  N N   . LYS A 1 50  ? -13.479 -10.425 -11.487 1.00 60.53  ? 64  LYS A N   1 
ATOM   409  C CA  . LYS A 1 50  ? -14.620 -9.732  -12.132 1.00 64.68  ? 64  LYS A CA  1 
ATOM   410  C C   . LYS A 1 50  ? -14.388 -8.269  -12.532 1.00 67.65  ? 64  LYS A C   1 
ATOM   411  O O   . LYS A 1 50  ? -15.180 -7.718  -13.301 1.00 68.30  ? 64  LYS A O   1 
ATOM   412  C CB  . LYS A 1 50  ? -15.858 -9.728  -11.208 1.00 67.46  ? 64  LYS A CB  1 
ATOM   413  C CG  . LYS A 1 50  ? -16.411 -11.090 -10.824 1.00 78.29  ? 64  LYS A CG  1 
ATOM   414  C CD  . LYS A 1 50  ? -17.889 -10.975 -10.431 1.00 88.51  ? 64  LYS A CD  1 
ATOM   415  C CE  . LYS A 1 50  ? -18.458 -12.263 -9.847  1.00 91.87  ? 64  LYS A CE  1 
ATOM   416  N NZ  . LYS A 1 50  ? -18.135 -13.457 -10.680 1.00 97.51  ? 64  LYS A NZ  1 
ATOM   417  N N   . LEU A 1 51  ? -13.359 -7.619  -11.995 1.00 57.48  ? 65  LEU A N   1 
ATOM   418  C CA  . LEU A 1 51  ? -13.237 -6.177  -12.153 1.00 59.59  ? 65  LEU A CA  1 
ATOM   419  C C   . LEU A 1 51  ? -12.693 -5.819  -13.546 1.00 63.93  ? 65  LEU A C   1 
ATOM   420  O O   . LEU A 1 51  ? -11.929 -6.592  -14.133 1.00 55.20  ? 65  LEU A O   1 
ATOM   421  C CB  . LEU A 1 51  ? -12.321 -5.613  -11.066 1.00 58.37  ? 65  LEU A CB  1 
ATOM   422  C CG  . LEU A 1 51  ? -12.760 -5.815  -9.600  1.00 53.53  ? 65  LEU A CG  1 
ATOM   423  C CD1 . LEU A 1 51  ? -11.659 -5.316  -8.652  1.00 49.85  ? 65  LEU A CD1 1 
ATOM   424  C CD2 . LEU A 1 51  ? -14.078 -5.083  -9.338  1.00 50.41  ? 65  LEU A CD2 1 
ATOM   425  N N   . ARG A 1 52  ? -13.072 -4.638  -14.038 1.00 65.67  ? 66  ARG A N   1 
ATOM   426  C CA  . ARG A 1 52  ? -12.566 -4.129  -15.321 1.00 71.24  ? 66  ARG A CA  1 
ATOM   427  C C   . ARG A 1 52  ? -11.061 -3.841  -15.280 1.00 67.22  ? 66  ARG A C   1 
ATOM   428  O O   . ARG A 1 52  ? -10.303 -4.368  -16.116 1.00 59.15  ? 66  ARG A O   1 
ATOM   429  C CB  . ARG A 1 52  ? -13.322 -2.866  -15.749 1.00 79.21  ? 66  ARG A CB  1 
ATOM   430  C CG  . ARG A 1 52  ? -13.507 -2.728  -17.256 1.00 90.90  ? 66  ARG A CG  1 
ATOM   431  C CD  . ARG A 1 52  ? -14.679 -3.564  -17.775 1.00 98.44  ? 66  ARG A CD  1 
ATOM   432  N NE  . ARG A 1 52  ? -15.472 -2.839  -18.772 1.00 105.36 ? 66  ARG A NE  1 
ATOM   433  C CZ  . ARG A 1 52  ? -16.377 -1.888  -18.506 1.00 107.36 ? 66  ARG A CZ  1 
ATOM   434  N NH1 . ARG A 1 52  ? -16.649 -1.507  -17.254 1.00 106.49 ? 66  ARG A NH1 1 
ATOM   435  N NH2 . ARG A 1 52  ? -17.023 -1.306  -19.514 1.00 107.04 ? 66  ARG A NH2 1 
ATOM   436  N N   . ARG A 1 53  ? -10.641 -3.014  -14.311 1.00 60.71  ? 67  ARG A N   1 
ATOM   437  C CA  . ARG A 1 53  ? -9.224  -2.617  -14.163 1.00 56.87  ? 67  ARG A CA  1 
ATOM   438  C C   . ARG A 1 53  ? -8.471  -3.680  -13.332 1.00 54.54  ? 67  ARG A C   1 
ATOM   439  O O   . ARG A 1 53  ? -8.763  -3.900  -12.155 1.00 49.64  ? 67  ARG A O   1 
ATOM   440  C CB  . ARG A 1 53  ? -9.115  -1.219  -13.503 1.00 58.07  ? 67  ARG A CB  1 
ATOM   441  C CG  . ARG A 1 53  ? -7.729  -0.532  -13.538 1.00 59.72  ? 67  ARG A CG  1 
ATOM   442  C CD  . ARG A 1 53  ? -7.360  0.274   -12.256 1.00 60.40  ? 67  ARG A CD  1 
ATOM   443  N NE  . ARG A 1 53  ? -8.498  0.985   -11.668 1.00 65.35  ? 67  ARG A NE  1 
ATOM   444  C CZ  . ARG A 1 53  ? -8.784  1.127   -10.362 1.00 64.42  ? 67  ARG A CZ  1 
ATOM   445  N NH1 . ARG A 1 53  ? -8.004  0.646   -9.390  1.00 62.74  ? 67  ARG A NH1 1 
ATOM   446  N NH2 . ARG A 1 53  ? -9.902  1.780   -10.029 1.00 69.35  ? 67  ARG A NH2 1 
ATOM   447  N N   . ALA A 1 54  ? -7.551  -4.370  -13.989 1.00 51.63  ? 68  ALA A N   1 
ATOM   448  C CA  . ALA A 1 54  ? -6.502  -5.132  -13.345 1.00 59.55  ? 68  ALA A CA  1 
ATOM   449  C C   . ALA A 1 54  ? -7.007  -6.353  -12.533 1.00 61.17  ? 68  ALA A C   1 
ATOM   450  O O   . ALA A 1 54  ? -6.622  -6.525  -11.376 1.00 54.23  ? 68  ALA A O   1 
ATOM   451  C CB  . ALA A 1 54  ? -5.650  -4.190  -12.479 1.00 59.98  ? 68  ALA A CB  1 
ATOM   452  N N   . PRO A 1 55  ? -7.842  -7.217  -13.160 1.00 61.42  ? 69  PRO A N   1 
ATOM   453  C CA  . PRO A 1 55  ? -8.427  -8.383  -12.480 1.00 55.31  ? 69  PRO A CA  1 
ATOM   454  C C   . PRO A 1 55  ? -7.361  -9.370  -12.094 1.00 50.62  ? 69  PRO A C   1 
ATOM   455  O O   . PRO A 1 55  ? -6.444  -9.565  -12.860 1.00 50.08  ? 69  PRO A O   1 
ATOM   456  C CB  . PRO A 1 55  ? -9.359  -8.989  -13.547 1.00 60.28  ? 69  PRO A CB  1 
ATOM   457  C CG  . PRO A 1 55  ? -8.730  -8.575  -14.845 1.00 58.93  ? 69  PRO A CG  1 
ATOM   458  C CD  . PRO A 1 55  ? -8.252  -7.170  -14.582 1.00 61.37  ? 69  PRO A CD  1 
ATOM   459  N N   . GLY A 1 56  ? -7.449  -9.932  -10.881 1.00 47.51  ? 70  GLY A N   1 
ATOM   460  C CA  . GLY A 1 56  ? -6.456  -10.878 -10.356 1.00 44.09  ? 70  GLY A CA  1 
ATOM   461  C C   . GLY A 1 56  ? -5.082  -10.391 -9.911  1.00 43.09  ? 70  GLY A C   1 
ATOM   462  O O   . GLY A 1 56  ? -4.235  -11.207 -9.527  1.00 42.46  ? 70  GLY A O   1 
ATOM   463  N N   . GLU A 1 57  ? -4.831  -9.079  -9.974  1.00 46.37  ? 71  GLU A N   1 
ATOM   464  C CA  . GLU A 1 57  ? -3.485  -8.550  -9.679  1.00 42.52  ? 71  GLU A CA  1 
ATOM   465  C C   . GLU A 1 57  ? -3.323  -8.231  -8.190  1.00 35.26  ? 71  GLU A C   1 
ATOM   466  O O   . GLU A 1 57  ? -4.276  -7.898  -7.538  1.00 36.52  ? 71  GLU A O   1 
ATOM   467  C CB  . GLU A 1 57  ? -3.214  -7.306  -10.519 1.00 49.31  ? 71  GLU A CB  1 
ATOM   468  C CG  . GLU A 1 57  ? -3.130  -7.589  -12.020 1.00 55.80  ? 71  GLU A CG  1 
ATOM   469  C CD  . GLU A 1 57  ? -2.488  -6.448  -12.787 1.00 59.46  ? 71  GLU A CD  1 
ATOM   470  O OE1 . GLU A 1 57  ? -1.477  -5.887  -12.318 1.00 62.68  ? 71  GLU A OE1 1 
ATOM   471  O OE2 . GLU A 1 57  ? -3.009  -6.076  -13.848 1.00 68.03  ? 71  GLU A OE2 1 
ATOM   472  N N   . VAL A 1 58  ? -2.084  -8.304  -7.698  1.00 35.34  ? 72  VAL A N   1 
ATOM   473  C CA  . VAL A 1 58  ? -1.740  -7.890  -6.364  1.00 35.07  ? 72  VAL A CA  1 
ATOM   474  C C   . VAL A 1 58  ? -1.567  -6.344  -6.365  1.00 34.46  ? 72  VAL A C   1 
ATOM   475  O O   . VAL A 1 58  ? -0.743  -5.823  -7.143  1.00 35.00  ? 72  VAL A O   1 
ATOM   476  C CB  . VAL A 1 58  ? -0.443  -8.579  -5.911  1.00 33.81  ? 72  VAL A CB  1 
ATOM   477  C CG1 . VAL A 1 58  ? -0.018  -8.091  -4.548  1.00 36.90  ? 72  VAL A CG1 1 
ATOM   478  C CG2 . VAL A 1 58  ? -0.587  -10.096 -5.868  1.00 37.97  ? 72  VAL A CG2 1 
ATOM   479  N N   . CYS A 1 59  ? -2.297  -5.636  -5.494  1.00 31.54  ? 73  CYS A N   1 
ATOM   480  C CA  . CYS A 1 59  ? -2.222  -4.173  -5.394  1.00 30.98  ? 73  CYS A CA  1 
ATOM   481  C C   . CYS A 1 59  ? -2.491  -3.763  -3.943  1.00 33.68  ? 73  CYS A C   1 
ATOM   482  O O   . CYS A 1 59  ? -3.076  -4.529  -3.173  1.00 31.68  ? 73  CYS A O   1 
ATOM   483  C CB  . CYS A 1 59  ? -3.284  -3.517  -6.287  1.00 36.41  ? 73  CYS A CB  1 
ATOM   484  S SG  . CYS A 1 59  ? -3.375  -4.067  -8.028  1.00 43.64  ? 73  CYS A SG  1 
ATOM   485  N N   . PHE A 1 60  ? -2.121  -2.536  -3.594  1.00 29.14  ? 74  PHE A N   1 
ATOM   486  C CA  . PHE A 1 60  ? -2.528  -1.951  -2.317  1.00 28.31  ? 74  PHE A CA  1 
ATOM   487  C C   . PHE A 1 60  ? -4.016  -1.556  -2.380  1.00 30.61  ? 74  PHE A C   1 
ATOM   488  O O   . PHE A 1 60  ? -4.551  -1.351  -3.469  1.00 31.10  ? 74  PHE A O   1 
ATOM   489  C CB  . PHE A 1 60  ? -1.650  -0.745  -1.962  1.00 30.51  ? 74  PHE A CB  1 
ATOM   490  C CG  . PHE A 1 60  ? -0.228  -1.106  -1.624  1.00 30.11  ? 74  PHE A CG  1 
ATOM   491  C CD1 . PHE A 1 60  ? 0.053   -1.813  -0.436  1.00 27.68  ? 74  PHE A CD1 1 
ATOM   492  C CD2 . PHE A 1 60  ? 0.844   -0.736  -2.457  1.00 28.39  ? 74  PHE A CD2 1 
ATOM   493  C CE1 . PHE A 1 60  ? 1.358   -2.141  -0.089  1.00 28.93  ? 74  PHE A CE1 1 
ATOM   494  C CE2 . PHE A 1 60  ? 2.162   -1.104  -2.126  1.00 29.40  ? 74  PHE A CE2 1 
ATOM   495  C CZ  . PHE A 1 60  ? 2.430   -1.791  -0.943  1.00 29.96  ? 74  PHE A CZ  1 
ATOM   496  N N   . PRO A 1 61  ? -4.705  -1.475  -1.220  1.00 29.16  ? 75  PRO A N   1 
ATOM   497  C CA  . PRO A 1 61  ? -6.055  -0.912  -1.249  1.00 29.78  ? 75  PRO A CA  1 
ATOM   498  C C   . PRO A 1 61  ? -6.024  0.535   -1.849  1.00 29.61  ? 75  PRO A C   1 
ATOM   499  O O   . PRO A 1 61  ? -5.074  1.299   -1.598  1.00 27.01  ? 75  PRO A O   1 
ATOM   500  C CB  . PRO A 1 61  ? -6.441  -0.814  0.257   1.00 28.66  ? 75  PRO A CB  1 
ATOM   501  C CG  . PRO A 1 61  ? -5.519  -1.724  0.957   1.00 29.39  ? 75  PRO A CG  1 
ATOM   502  C CD  . PRO A 1 61  ? -4.267  -1.835  0.146   1.00 28.92  ? 75  PRO A CD  1 
ATOM   503  N N   . GLY A 1 62  ? -7.058  0.883   -2.590  1.00 30.42  ? 76  GLY A N   1 
ATOM   504  C CA  . GLY A 1 62  ? -7.141  2.195   -3.266  1.00 32.19  ? 76  GLY A CA  1 
ATOM   505  C C   . GLY A 1 62  ? -8.092  2.210   -4.443  1.00 32.50  ? 76  GLY A C   1 
ATOM   506  O O   . GLY A 1 62  ? -8.725  1.186   -4.788  1.00 29.94  ? 76  GLY A O   1 
ATOM   507  N N   . GLY A 1 63  ? -8.236  3.409   -5.018  1.00 33.06  ? 77  GLY A N   1 
ATOM   508  C CA  . GLY A 1 63  ? -9.076  3.623   -6.187  1.00 31.73  ? 77  GLY A CA  1 
ATOM   509  C C   . GLY A 1 63  ? -9.283  5.087   -6.524  1.00 29.31  ? 77  GLY A C   1 
ATOM   510  O O   . GLY A 1 63  ? -8.555  5.940   -6.065  1.00 30.55  ? 77  GLY A O   1 
ATOM   511  N N   . LYS A 1 64  ? -10.331 5.359   -7.288  1.00 31.96  ? 78  LYS A N   1 
ATOM   512  C CA  . LYS A 1 64  ? -10.577 6.674   -7.925  1.00 32.09  ? 78  LYS A CA  1 
ATOM   513  C C   . LYS A 1 64  ? -11.236 7.650   -7.004  1.00 30.05  ? 78  LYS A C   1 
ATOM   514  O O   . LYS A 1 64  ? -12.121 7.281   -6.287  1.00 29.86  ? 78  LYS A O   1 
ATOM   515  C CB  . LYS A 1 64  ? -11.449 6.466   -9.162  1.00 35.88  ? 78  LYS A CB  1 
ATOM   516  C CG  . LYS A 1 64  ? -11.439 7.670   -10.101 1.00 42.21  ? 78  LYS A CG  1 
ATOM   517  C CD  . LYS A 1 64  ? -12.087 7.309   -11.445 1.00 49.27  ? 78  LYS A CD  1 
ATOM   518  C CE  . LYS A 1 64  ? -12.634 8.539   -12.184 1.00 54.44  ? 78  LYS A CE  1 
ATOM   519  N NZ  . LYS A 1 64  ? -11.570 9.412   -12.698 1.00 55.55  ? 78  LYS A NZ  1 
ATOM   520  N N   . ARG A 1 65  ? -10.804 8.905   -6.985  1.00 27.76  ? 79  ARG A N   1 
ATOM   521  C CA  . ARG A 1 65  ? -11.439 9.912   -6.182  1.00 28.87  ? 79  ARG A CA  1 
ATOM   522  C C   . ARG A 1 65  ? -12.852 10.138  -6.697  1.00 31.60  ? 79  ARG A C   1 
ATOM   523  O O   . ARG A 1 65  ? -13.116 9.996   -7.893  1.00 28.42  ? 79  ARG A O   1 
ATOM   524  C CB  . ARG A 1 65  ? -10.653 11.210  -6.210  1.00 31.41  ? 79  ARG A CB  1 
ATOM   525  C CG  . ARG A 1 65  ? -11.274 12.347  -5.426  1.00 34.37  ? 79  ARG A CG  1 
ATOM   526  C CD  . ARG A 1 65  ? -10.230 13.356  -5.021  1.00 34.10  ? 79  ARG A CD  1 
ATOM   527  N NE  . ARG A 1 65  ? -10.777 14.559  -4.401  1.00 34.82  ? 79  ARG A NE  1 
ATOM   528  C CZ  . ARG A 1 65  ? -10.045 15.562  -3.936  1.00 36.34  ? 79  ARG A CZ  1 
ATOM   529  N NH1 . ARG A 1 65  ? -8.725  15.515  -3.986  1.00 36.16  ? 79  ARG A NH1 1 
ATOM   530  N NH2 . ARG A 1 65  ? -10.627 16.639  -3.420  1.00 40.32  ? 79  ARG A NH2 1 
ATOM   531  N N   . ASP A 1 66  ? -13.746 10.464  -5.765  1.00 32.91  ? 80  ASP A N   1 
ATOM   532  C CA  . ASP A 1 66  ? -15.119 10.817  -6.099  1.00 30.82  ? 80  ASP A CA  1 
ATOM   533  C C   . ASP A 1 66  ? -15.525 12.105  -5.454  1.00 29.73  ? 80  ASP A C   1 
ATOM   534  O O   . ASP A 1 66  ? -14.791 12.650  -4.591  1.00 30.86  ? 80  ASP A O   1 
ATOM   535  C CB  . ASP A 1 66  ? -16.086 9.630   -5.892  1.00 32.50  ? 80  ASP A CB  1 
ATOM   536  C CG  . ASP A 1 66  ? -16.608 9.492   -4.450  1.00 30.57  ? 80  ASP A CG  1 
ATOM   537  O OD1 . ASP A 1 66  ? -16.403 10.351  -3.561  1.00 35.12  ? 80  ASP A OD1 1 
ATOM   538  O OD2 . ASP A 1 66  ? -17.248 8.463   -4.228  1.00 35.15  ? 80  ASP A OD2 1 
ATOM   539  N N   . PRO A 1 67  ? -16.715 12.673  -5.863  1.00 33.10  ? 81  PRO A N   1 
ATOM   540  C CA  . PRO A 1 67  ? -17.018 13.995  -5.334  1.00 31.57  ? 81  PRO A CA  1 
ATOM   541  C C   . PRO A 1 67  ? -17.254 14.072  -3.861  1.00 30.47  ? 81  PRO A C   1 
ATOM   542  O O   . PRO A 1 67  ? -17.140 15.152  -3.337  1.00 31.42  ? 81  PRO A O   1 
ATOM   543  C CB  . PRO A 1 67  ? -18.279 14.440  -6.132  1.00 36.23  ? 81  PRO A CB  1 
ATOM   544  C CG  . PRO A 1 67  ? -18.262 13.613  -7.342  1.00 36.79  ? 81  PRO A CG  1 
ATOM   545  C CD  . PRO A 1 67  ? -17.677 12.279  -6.908  1.00 35.02  ? 81  PRO A CD  1 
ATOM   546  N N   . THR A 1 68  ? -17.592 12.968  -3.165  1.00 31.97  ? 82  THR A N   1 
ATOM   547  C CA  . THR A 1 68  ? -17.746 13.033  -1.672  1.00 32.80  ? 82  THR A CA  1 
ATOM   548  C C   . THR A 1 68  ? -16.410 13.289  -0.884  1.00 36.06  ? 82  THR A C   1 
ATOM   549  O O   . THR A 1 68  ? -16.423 13.828  0.245   1.00 36.98  ? 82  THR A O   1 
ATOM   550  C CB  . THR A 1 68  ? -18.385 11.731  -1.091  1.00 35.40  ? 82  THR A CB  1 
ATOM   551  O OG1 . THR A 1 68  ? -17.467 10.628  -1.179  1.00 34.02  ? 82  THR A OG1 1 
ATOM   552  C CG2 . THR A 1 68  ? -19.617 11.323  -1.860  1.00 37.08  ? 82  THR A CG2 1 
ATOM   553  N N   . ASP A 1 69  ? -15.263 12.922  -1.476  1.00 36.62  ? 83  ASP A N   1 
ATOM   554  C CA  . ASP A 1 69  ? -13.996 12.898  -0.711  1.00 32.79  ? 83  ASP A CA  1 
ATOM   555  C C   . ASP A 1 69  ? -13.578 14.342  -0.425  1.00 33.76  ? 83  ASP A C   1 
ATOM   556  O O   . ASP A 1 69  ? -13.521 15.159  -1.341  1.00 34.09  ? 83  ASP A O   1 
ATOM   557  C CB  . ASP A 1 69  ? -12.881 12.189  -1.536  1.00 31.57  ? 83  ASP A CB  1 
ATOM   558  C CG  . ASP A 1 69  ? -13.161 10.734  -1.793  1.00 28.85  ? 83  ASP A CG  1 
ATOM   559  O OD1 . ASP A 1 69  ? -13.691 10.059  -0.878  1.00 28.88  ? 83  ASP A OD1 1 
ATOM   560  O OD2 . ASP A 1 69  ? -12.861 10.193  -2.906  1.00 30.26  ? 83  ASP A OD2 1 
ATOM   561  N N   . MET A 1 70  ? -13.307 14.649  0.834   1.00 31.70  ? 84  MET A N   1 
ATOM   562  C CA  . MET A 1 70  ? -12.754 15.945  1.247   1.00 35.86  ? 84  MET A CA  1 
ATOM   563  C C   . MET A 1 70  ? -11.346 16.219  0.713   1.00 33.97  ? 84  MET A C   1 
ATOM   564  O O   . MET A 1 70  ? -10.990 17.360  0.494   1.00 32.84  ? 84  MET A O   1 
ATOM   565  C CB  . MET A 1 70  ? -12.676 16.026  2.795   1.00 38.51  ? 84  MET A CB  1 
ATOM   566  C CG  . MET A 1 70  ? -14.013 16.082  3.533   1.00 49.24  ? 84  MET A CG  1 
ATOM   567  S SD  . MET A 1 70  ? -14.947 17.618  3.196   1.00 54.56  ? 84  MET A SD  1 
ATOM   568  C CE  . MET A 1 70  ? -13.984 18.902  4.002   1.00 54.80  ? 84  MET A CE  1 
ATOM   569  N N   . ASP A 1 71  ? -10.530 15.178  0.550   1.00 32.35  ? 85  ASP A N   1 
ATOM   570  C CA  . ASP A 1 71  ? -9.142  15.312  0.026   1.00 32.61  ? 85  ASP A CA  1 
ATOM   571  C C   . ASP A 1 71  ? -8.654  13.932  -0.436  1.00 31.99  ? 85  ASP A C   1 
ATOM   572  O O   . ASP A 1 71  ? -9.409  12.919  -0.351  1.00 29.12  ? 85  ASP A O   1 
ATOM   573  C CB  . ASP A 1 71  ? -8.221  15.942  1.094   1.00 32.86  ? 85  ASP A CB  1 
ATOM   574  C CG  . ASP A 1 71  ? -8.208  15.141  2.428   1.00 35.58  ? 85  ASP A CG  1 
ATOM   575  O OD1 . ASP A 1 71  ? -8.612  13.953  2.464   1.00 35.60  ? 85  ASP A OD1 1 
ATOM   576  O OD2 . ASP A 1 71  ? -7.742  15.675  3.431   1.00 39.23  ? 85  ASP A OD2 1 
ATOM   577  N N   . ASP A 1 72  ? -7.410  13.855  -0.939  1.00 30.71  ? 86  ASP A N   1 
ATOM   578  C CA  . ASP A 1 72  ? -6.850  12.597  -1.474  1.00 29.19  ? 86  ASP A CA  1 
ATOM   579  C C   . ASP A 1 72  ? -6.698  11.464  -0.432  1.00 25.07  ? 86  ASP A C   1 
ATOM   580  O O   . ASP A 1 72  ? -6.877  10.304  -0.741  1.00 28.32  ? 86  ASP A O   1 
ATOM   581  C CB  . ASP A 1 72  ? -5.504  12.873  -2.223  1.00 31.08  ? 86  ASP A CB  1 
ATOM   582  C CG  . ASP A 1 72  ? -5.706  13.647  -3.532  1.00 35.62  ? 86  ASP A CG  1 
ATOM   583  O OD1 . ASP A 1 72  ? -6.745  13.446  -4.209  1.00 31.23  ? 86  ASP A OD1 1 
ATOM   584  O OD2 . ASP A 1 72  ? -4.809  14.434  -3.902  1.00 33.64  ? 86  ASP A OD2 1 
ATOM   585  N N   . ALA A 1 73  ? -6.381  11.828  0.791   1.00 26.77  ? 87  ALA A N   1 
ATOM   586  C CA  . ALA A 1 73  ? -6.322  10.835  1.928   1.00 28.29  ? 87  ALA A CA  1 
ATOM   587  C C   . ALA A 1 73  ? -7.681  10.149  2.149   1.00 28.60  ? 87  ALA A C   1 
ATOM   588  O O   . ALA A 1 73  ? -7.746  8.915   2.283   1.00 28.26  ? 87  ALA A O   1 
ATOM   589  C CB  . ALA A 1 73  ? -5.838  11.514  3.195   1.00 26.52  ? 87  ALA A CB  1 
ATOM   590  N N   . ALA A 1 74  ? -8.759  10.952  2.085   1.00 29.14  ? 88  ALA A N   1 
ATOM   591  C CA  . ALA A 1 74  ? -10.140 10.434  2.196   1.00 30.92  ? 88  ALA A CA  1 
ATOM   592  C C   . ALA A 1 74  ? -10.460 9.407   1.164   1.00 28.84  ? 88  ALA A C   1 
ATOM   593  O O   . ALA A 1 74  ? -11.048 8.381   1.493   1.00 28.06  ? 88  ALA A O   1 
ATOM   594  C CB  . ALA A 1 74  ? -11.177 11.571  2.193   1.00 33.00  ? 88  ALA A CB  1 
ATOM   595  N N   . THR A 1 75  ? -10.042 9.617   -0.093  1.00 27.40  ? 89  THR A N   1 
ATOM   596  C CA  . THR A 1 75  ? -10.199 8.595   -1.118  1.00 26.58  ? 89  THR A CA  1 
ATOM   597  C C   . THR A 1 75  ? -9.593  7.224   -0.721  1.00 27.85  ? 89  THR A C   1 
ATOM   598  O O   . THR A 1 75  ? -10.233 6.120   -0.847  1.00 27.56  ? 89  THR A O   1 
ATOM   599  C CB  . THR A 1 75  ? -9.518  9.066   -2.441  1.00 28.12  ? 89  THR A CB  1 
ATOM   600  O OG1 . THR A 1 75  ? -9.989  10.368  -2.815  1.00 26.38  ? 89  THR A OG1 1 
ATOM   601  C CG2 . THR A 1 75  ? -9.700  8.064   -3.541  1.00 26.81  ? 89  THR A CG2 1 
ATOM   602  N N   . ALA A 1 76  ? -8.328  7.285   -0.284  1.00 27.06  ? 90  ALA A N   1 
ATOM   603  C CA  . ALA A 1 76  ? -7.619  6.057   0.162   1.00 26.82  ? 90  ALA A CA  1 
ATOM   604  C C   . ALA A 1 76  ? -8.374  5.295   1.315   1.00 23.63  ? 90  ALA A C   1 
ATOM   605  O O   . ALA A 1 76  ? -8.521  4.083   1.259   1.00 27.06  ? 90  ALA A O   1 
ATOM   606  C CB  . ALA A 1 76  ? -6.182  6.388   0.583   1.00 27.34  ? 90  ALA A CB  1 
ATOM   607  N N   . LEU A 1 77  ? -8.814  6.032   2.311   1.00 26.33  ? 91  LEU A N   1 
ATOM   608  C CA  . LEU A 1 77  ? -9.559  5.478   3.459   1.00 31.80  ? 91  LEU A CA  1 
ATOM   609  C C   . LEU A 1 77  ? -10.942 4.912   3.111   1.00 31.88  ? 91  LEU A C   1 
ATOM   610  O O   . LEU A 1 77  ? -11.279 3.830   3.566   1.00 30.43  ? 91  LEU A O   1 
ATOM   611  C CB  . LEU A 1 77  ? -9.679  6.495   4.606   1.00 32.04  ? 91  LEU A CB  1 
ATOM   612  C CG  . LEU A 1 77  ? -8.379  7.010   5.253   1.00 37.74  ? 91  LEU A CG  1 
ATOM   613  C CD1 . LEU A 1 77  ? -8.689  7.836   6.493   1.00 39.14  ? 91  LEU A CD1 1 
ATOM   614  C CD2 . LEU A 1 77  ? -7.436  5.849   5.583   1.00 39.95  ? 91  LEU A CD2 1 
ATOM   615  N N   . ARG A 1 78  ? -11.700 5.609   2.247   1.00 32.25  ? 92  ARG A N   1 
ATOM   616  C CA  . ARG A 1 78  ? -12.982 5.110   1.727   1.00 29.90  ? 92  ARG A CA  1 
ATOM   617  C C   . ARG A 1 78  ? -12.835 3.802   1.040   1.00 31.94  ? 92  ARG A C   1 
ATOM   618  O O   . ARG A 1 78  ? -13.608 2.808   1.297   1.00 27.63  ? 92  ARG A O   1 
ATOM   619  C CB  . ARG A 1 78  ? -13.669 6.156   0.780   1.00 32.96  ? 92  ARG A CB  1 
ATOM   620  C CG  . ARG A 1 78  ? -15.067 5.741   0.286   1.00 32.80  ? 92  ARG A CG  1 
ATOM   621  C CD  . ARG A 1 78  ? -15.755 6.844   -0.534  1.00 32.30  ? 92  ARG A CD  1 
ATOM   622  N NE  . ARG A 1 78  ? -14.853 7.414   -1.551  1.00 31.22  ? 92  ARG A NE  1 
ATOM   623  C CZ  . ARG A 1 78  ? -14.508 6.859   -2.718  1.00 30.39  ? 92  ARG A CZ  1 
ATOM   624  N NH1 . ARG A 1 78  ? -14.942 5.658   -3.109  1.00 33.01  ? 92  ARG A NH1 1 
ATOM   625  N NH2 . ARG A 1 78  ? -13.632 7.494   -3.513  1.00 35.54  ? 92  ARG A NH2 1 
ATOM   626  N N   . GLU A 1 79  ? -11.828 3.743   0.170   1.00 30.23  ? 93  GLU A N   1 
ATOM   627  C CA  . GLU A 1 79  ? -11.598 2.550   -0.610  1.00 29.73  ? 93  GLU A CA  1 
ATOM   628  C C   . GLU A 1 79  ? -11.095 1.353   0.215   1.00 29.83  ? 93  GLU A C   1 
ATOM   629  O O   . GLU A 1 79  ? -11.526 0.208   -0.049  1.00 29.15  ? 93  GLU A O   1 
ATOM   630  C CB  . GLU A 1 79  ? -10.672 2.841   -1.847  1.00 32.09  ? 93  GLU A CB  1 
ATOM   631  C CG  . GLU A 1 79  ? -11.308 3.732   -2.949  1.00 34.00  ? 93  GLU A CG  1 
ATOM   632  C CD  . GLU A 1 79  ? -12.222 3.015   -3.970  1.00 34.65  ? 93  GLU A CD  1 
ATOM   633  O OE1 . GLU A 1 79  ? -12.237 1.808   -4.069  1.00 44.10  ? 93  GLU A OE1 1 
ATOM   634  O OE2 . GLU A 1 79  ? -12.938 3.686   -4.721  1.00 50.38  ? 93  GLU A OE2 1 
ATOM   635  N N   . ALA A 1 80  ? -10.171 1.587   1.166   1.00 27.43  ? 94  ALA A N   1 
ATOM   636  C CA  . ALA A 1 80  ? -9.760  0.545   2.123   1.00 30.55  ? 94  ALA A CA  1 
ATOM   637  C C   . ALA A 1 80  ? -10.974 -0.024  2.952   1.00 31.60  ? 94  ALA A C   1 
ATOM   638  O O   . ALA A 1 80  ? -11.038 -1.229  3.217   1.00 32.56  ? 94  ALA A O   1 
ATOM   639  C CB  . ALA A 1 80  ? -8.718  1.078   3.082   1.00 29.90  ? 94  ALA A CB  1 
ATOM   640  N N   . GLN A 1 81  ? -11.884 0.843   3.374   1.00 31.11  ? 95  GLN A N   1 
ATOM   641  C CA  . GLN A 1 81  ? -13.106 0.392   4.104   1.00 34.53  ? 95  GLN A CA  1 
ATOM   642  C C   . GLN A 1 81  ? -13.971 -0.531  3.235   1.00 39.43  ? 95  GLN A C   1 
ATOM   643  O O   . GLN A 1 81  ? -14.314 -1.666  3.631   1.00 33.89  ? 95  GLN A O   1 
ATOM   644  C CB  . GLN A 1 81  ? -13.909 1.581   4.633   1.00 36.90  ? 95  GLN A CB  1 
ATOM   645  C CG  . GLN A 1 81  ? -15.000 1.141   5.621   1.00 42.11  ? 95  GLN A CG  1 
ATOM   646  C CD  . GLN A 1 81  ? -15.533 2.257   6.502   1.00 45.13  ? 95  GLN A CD  1 
ATOM   647  O OE1 . GLN A 1 81  ? -15.056 3.414   6.506   1.00 53.88  ? 95  GLN A OE1 1 
ATOM   648  N NE2 . GLN A 1 81  ? -16.539 1.913   7.275   1.00 52.94  ? 95  GLN A NE2 1 
ATOM   649  N N   . GLU A 1 82  ? -14.225 -0.089  2.008   1.00 36.92  ? 96  GLU A N   1 
ATOM   650  C CA  . GLU A 1 82  ? -15.016 -0.875  1.066   1.00 35.73  ? 96  GLU A CA  1 
ATOM   651  C C   . GLU A 1 82  ? -14.363 -2.200  0.716   1.00 35.10  ? 96  GLU A C   1 
ATOM   652  O O   . GLU A 1 82  ? -15.049 -3.216  0.553   1.00 35.07  ? 96  GLU A O   1 
ATOM   653  C CB  . GLU A 1 82  ? -15.326 -0.022  -0.200  1.00 42.12  ? 96  GLU A CB  1 
ATOM   654  C CG  . GLU A 1 82  ? -16.258 -0.704  -1.189  1.00 53.78  ? 96  GLU A CG  1 
ATOM   655  C CD  . GLU A 1 82  ? -17.666 -0.977  -0.616  1.00 67.00  ? 96  GLU A CD  1 
ATOM   656  O OE1 . GLU A 1 82  ? -18.123 -0.233  0.294   1.00 72.31  ? 96  GLU A OE1 1 
ATOM   657  O OE2 . GLU A 1 82  ? -18.321 -1.953  -1.064  1.00 75.47  ? 96  GLU A OE2 1 
ATOM   658  N N   . GLU A 1 83  ? -13.043 -2.261  0.583   1.00 30.58  ? 97  GLU A N   1 
ATOM   659  C CA  . GLU A 1 83  ? -12.409 -3.506  0.189   1.00 30.50  ? 97  GLU A CA  1 
ATOM   660  C C   . GLU A 1 83  ? -12.126 -4.511  1.291   1.00 33.86  ? 97  GLU A C   1 
ATOM   661  O O   . GLU A 1 83  ? -12.192 -5.717  1.033   1.00 32.03  ? 97  GLU A O   1 
ATOM   662  C CB  . GLU A 1 83  ? -11.083 -3.235  -0.526  1.00 33.82  ? 97  GLU A CB  1 
ATOM   663  C CG  . GLU A 1 83  ? -11.259 -2.433  -1.817  1.00 37.51  ? 97  GLU A CG  1 
ATOM   664  C CD  . GLU A 1 83  ? -9.944  -1.843  -2.328  1.00 45.26  ? 97  GLU A CD  1 
ATOM   665  O OE1 . GLU A 1 83  ? -8.878  -2.402  -2.034  1.00 55.16  ? 97  GLU A OE1 1 
ATOM   666  O OE2 . GLU A 1 83  ? -10.004 -0.899  -3.116  1.00 47.71  ? 97  GLU A OE2 1 
ATOM   667  N N   . VAL A 1 84  ? -11.662 -4.051  2.457   1.00 31.08  ? 98  VAL A N   1 
ATOM   668  C CA  . VAL A 1 84  ? -11.230 -5.003  3.528   1.00 32.56  ? 98  VAL A CA  1 
ATOM   669  C C   . VAL A 1 84  ? -11.809 -4.751  4.923   1.00 34.57  ? 98  VAL A C   1 
ATOM   670  O O   . VAL A 1 84  ? -11.433 -5.439  5.890   1.00 38.25  ? 98  VAL A O   1 
ATOM   671  C CB  . VAL A 1 84  ? -9.708  -5.084  3.609   1.00 30.16  ? 98  VAL A CB  1 
ATOM   672  C CG1 . VAL A 1 84  ? -9.159  -5.415  2.236   1.00 31.86  ? 98  VAL A CG1 1 
ATOM   673  C CG2 . VAL A 1 84  ? -9.097  -3.774  4.124   1.00 31.46  ? 98  VAL A CG2 1 
ATOM   674  N N   . GLY A 1 85  ? -12.710 -3.781  5.017   1.00 32.23  ? 99  GLY A N   1 
ATOM   675  C CA  . GLY A 1 85  ? -13.427 -3.480  6.245   1.00 34.96  ? 99  GLY A CA  1 
ATOM   676  C C   . GLY A 1 85  ? -12.700 -2.583  7.209   1.00 39.38  ? 99  GLY A C   1 
ATOM   677  O O   . GLY A 1 85  ? -13.170 -2.387  8.350   1.00 34.32  ? 99  GLY A O   1 
ATOM   678  N N   . LEU A 1 86  ? -11.581 -1.985  6.763   1.00 35.68  ? 100 LEU A N   1 
ATOM   679  C CA  . LEU A 1 86  ? -10.812 -1.083  7.619   1.00 33.55  ? 100 LEU A CA  1 
ATOM   680  C C   . LEU A 1 86  ? -11.565 0.172   7.956   1.00 35.74  ? 100 LEU A C   1 
ATOM   681  O O   . LEU A 1 86  ? -11.903 0.956   7.064   1.00 37.00  ? 100 LEU A O   1 
ATOM   682  C CB  . LEU A 1 86  ? -9.459  -0.760  6.915   1.00 34.74  ? 100 LEU A CB  1 
ATOM   683  C CG  . LEU A 1 86  ? -8.462  0.105   7.666   1.00 34.00  ? 100 LEU A CG  1 
ATOM   684  C CD1 . LEU A 1 86  ? -7.876  -0.660  8.871   1.00 32.18  ? 100 LEU A CD1 1 
ATOM   685  C CD2 . LEU A 1 86  ? -7.328  0.615   6.751   1.00 34.33  ? 100 LEU A CD2 1 
ATOM   686  N N   . ARG A 1 87  ? -11.790 0.408   9.243   1.00 34.49  ? 101 ARG A N   1 
ATOM   687  C CA  . ARG A 1 87  ? -12.525 1.563   9.710   1.00 40.03  ? 101 ARG A CA  1 
ATOM   688  C C   . ARG A 1 87  ? -11.609 2.722   10.109  1.00 39.73  ? 101 ARG A C   1 
ATOM   689  O O   . ARG A 1 87  ? -10.435 2.507   10.444  1.00 39.46  ? 101 ARG A O   1 
ATOM   690  C CB  . ARG A 1 87  ? -13.448 1.177   10.879  1.00 46.05  ? 101 ARG A CB  1 
ATOM   691  C CG  . ARG A 1 87  ? -14.649 0.351   10.413  1.00 53.39  ? 101 ARG A CG  1 
ATOM   692  C CD  . ARG A 1 87  ? -15.196 -0.545  11.506  1.00 60.49  ? 101 ARG A CD  1 
ATOM   693  N NE  . ARG A 1 87  ? -15.882 0.217   12.553  1.00 72.55  ? 101 ARG A NE  1 
ATOM   694  C CZ  . ARG A 1 87  ? -16.415 -0.309  13.671  1.00 79.92  ? 101 ARG A CZ  1 
ATOM   695  N NH1 . ARG A 1 87  ? -16.357 -1.624  13.914  1.00 78.14  ? 101 ARG A NH1 1 
ATOM   696  N NH2 . ARG A 1 87  ? -17.013 0.496   14.559  1.00 72.89  ? 101 ARG A NH2 1 
HETATM 697  N N   . HYP A 1 88  ? -12.126 3.955   10.083  1.00 47.28  ? 102 HYP A N   1 
HETATM 698  C CA  . HYP A 1 88  ? -11.249 5.114   10.318  1.00 48.76  ? 102 HYP A CA  1 
HETATM 699  C C   . HYP A 1 88  ? -10.590 5.237   11.643  1.00 44.17  ? 102 HYP A C   1 
HETATM 700  O O   . HYP A 1 88  ? -9.442  5.692   11.691  1.00 40.35  ? 102 HYP A O   1 
HETATM 701  C CB  . HYP A 1 88  ? -12.102 6.347   10.014  1.00 56.69  ? 102 HYP A CB  1 
HETATM 702  C CG  . HYP A 1 88  ? -13.040 5.778   8.952   1.00 65.27  ? 102 HYP A CG  1 
HETATM 703  C CD  . HYP A 1 88  ? -13.416 4.424   9.556   1.00 55.47  ? 102 HYP A CD  1 
HETATM 704  O OD1 . HYP A 1 88  ? -12.344 5.584   7.677   1.00 72.60  ? 102 HYP A OD1 1 
ATOM   705  N N   . HIS A 1 89  ? -11.252 4.797   12.716  1.00 39.14  ? 103 HIS A N   1 
ATOM   706  C CA  . HIS A 1 89  ? -10.581 4.746   13.998  1.00 40.61  ? 103 HIS A CA  1 
ATOM   707  C C   . HIS A 1 89  ? -9.424  3.730   14.007  1.00 33.01  ? 103 HIS A C   1 
ATOM   708  O O   . HIS A 1 89  ? -8.651  3.727   14.941  1.00 34.04  ? 103 HIS A O   1 
ATOM   709  C CB  . HIS A 1 89  ? -11.564 4.511   15.200  1.00 42.73  ? 103 HIS A CB  1 
ATOM   710  C CG  . HIS A 1 89  ? -12.184 3.141   15.242  1.00 39.07  ? 103 HIS A CG  1 
ATOM   711  N ND1 . HIS A 1 89  ? -11.719 2.137   16.063  1.00 42.38  ? 103 HIS A ND1 1 
ATOM   712  C CD2 . HIS A 1 89  ? -13.241 2.617   14.576  1.00 36.92  ? 103 HIS A CD2 1 
ATOM   713  C CE1 . HIS A 1 89  ? -12.443 1.043   15.874  1.00 39.05  ? 103 HIS A CE1 1 
ATOM   714  N NE2 . HIS A 1 89  ? -13.381 1.315   14.984  1.00 38.74  ? 103 HIS A NE2 1 
ATOM   715  N N   . GLN A 1 90  ? -9.329  2.856   13.002  1.00 30.97  ? 104 GLN A N   1 
ATOM   716  C CA  . GLN A 1 90  ? -8.336  1.777   12.996  1.00 31.91  ? 104 GLN A CA  1 
ATOM   717  C C   . GLN A 1 90  ? -7.058  2.093   12.211  1.00 32.06  ? 104 GLN A C   1 
ATOM   718  O O   . GLN A 1 90  ? -6.170  1.222   12.119  1.00 30.42  ? 104 GLN A O   1 
ATOM   719  C CB  . GLN A 1 90  ? -8.950  0.469   12.462  1.00 31.84  ? 104 GLN A CB  1 
ATOM   720  C CG  . GLN A 1 90  ? -10.180 -0.014  13.268  1.00 33.56  ? 104 GLN A CG  1 
ATOM   721  C CD  . GLN A 1 90  ? -10.728 -1.340  12.783  1.00 37.90  ? 104 GLN A CD  1 
ATOM   722  O OE1 . GLN A 1 90  ? -10.771 -2.325  13.522  1.00 39.90  ? 104 GLN A OE1 1 
ATOM   723  N NE2 . GLN A 1 90  ? -11.164 -1.375  11.548  1.00 30.99  ? 104 GLN A NE2 1 
ATOM   724  N N   . VAL A 1 91  ? -6.933  3.332   11.726  1.00 32.65  ? 105 VAL A N   1 
ATOM   725  C CA  . VAL A 1 91  ? -5.792  3.727   10.893  1.00 32.12  ? 105 VAL A CA  1 
ATOM   726  C C   . VAL A 1 91  ? -5.339  5.159   11.167  1.00 33.54  ? 105 VAL A C   1 
ATOM   727  O O   . VAL A 1 91  ? -6.143  6.064   11.283  1.00 33.35  ? 105 VAL A O   1 
ATOM   728  C CB  . VAL A 1 91  ? -6.081  3.479   9.396   1.00 34.72  ? 105 VAL A CB  1 
ATOM   729  C CG1 . VAL A 1 91  ? -7.454  3.991   9.018   1.00 38.55  ? 105 VAL A CG1 1 
ATOM   730  C CG2 . VAL A 1 91  ? -5.016  4.126   8.491   1.00 35.56  ? 105 VAL A CG2 1 
ATOM   731  N N   . GLU A 1 92  ? -4.030  5.346   11.325  1.00 32.13  ? 106 GLU A N   1 
ATOM   732  C CA  . GLU A 1 92  ? -3.460  6.687   11.432  1.00 33.73  ? 106 GLU A CA  1 
ATOM   733  C C   . GLU A 1 92  ? -2.619  6.947   10.155  1.00 31.27  ? 106 GLU A C   1 
ATOM   734  O O   . GLU A 1 92  ? -1.584  6.281   9.936   1.00 28.90  ? 106 GLU A O   1 
ATOM   735  C CB  . GLU A 1 92  ? -2.589  6.806   12.692  1.00 36.51  ? 106 GLU A CB  1 
ATOM   736  C CG  . GLU A 1 92  ? -1.989  8.200   12.948  1.00 41.31  ? 106 GLU A CG  1 
ATOM   737  C CD  . GLU A 1 92  ? -0.900  8.189   14.019  1.00 46.49  ? 106 GLU A CD  1 
ATOM   738  O OE1 . GLU A 1 92  ? -0.660  7.132   14.661  1.00 48.39  ? 106 GLU A OE1 1 
ATOM   739  O OE2 . GLU A 1 92  ? -0.270  9.247   14.214  1.00 51.69  ? 106 GLU A OE2 1 
ATOM   740  N N   . VAL A 1 93  ? -3.074  7.905   9.354   1.00 30.24  ? 107 VAL A N   1 
ATOM   741  C CA  . VAL A 1 93  ? -2.393  8.338   8.139   1.00 34.69  ? 107 VAL A CA  1 
ATOM   742  C C   . VAL A 1 93  ? -1.190  9.189   8.555   1.00 35.96  ? 107 VAL A C   1 
ATOM   743  O O   . VAL A 1 93  ? -1.347  10.186  9.234   1.00 32.34  ? 107 VAL A O   1 
ATOM   744  C CB  . VAL A 1 93  ? -3.359  9.115   7.202   1.00 37.06  ? 107 VAL A CB  1 
ATOM   745  C CG1 . VAL A 1 93  ? -2.611  9.703   6.002   1.00 36.28  ? 107 VAL A CG1 1 
ATOM   746  C CG2 . VAL A 1 93  ? -4.468  8.169   6.733   1.00 37.09  ? 107 VAL A CG2 1 
ATOM   747  N N   . VAL A 1 94  ? 0.010   8.736   8.198   1.00 34.51  ? 108 VAL A N   1 
ATOM   748  C CA  . VAL A 1 94  ? 1.245   9.327   8.726   1.00 39.05  ? 108 VAL A CA  1 
ATOM   749  C C   . VAL A 1 94  ? 1.880   10.278  7.700   1.00 36.89  ? 108 VAL A C   1 
ATOM   750  O O   . VAL A 1 94  ? 2.496   11.248  8.102   1.00 39.58  ? 108 VAL A O   1 
ATOM   751  C CB  . VAL A 1 94  ? 2.288   8.230   9.075   1.00 41.89  ? 108 VAL A CB  1 
ATOM   752  C CG1 . VAL A 1 94  ? 3.597   8.869   9.497   1.00 51.43  ? 108 VAL A CG1 1 
ATOM   753  C CG2 . VAL A 1 94  ? 1.800   7.374   10.213  1.00 46.65  ? 108 VAL A CG2 1 
HETATM 754  N N   . CSO A 1 95  ? 1.797   9.942   6.409   1.00 32.09  ? 109 CSO A N   1 
HETATM 755  C CA  . CSO A 1 95  ? 2.302   10.818  5.367   1.00 32.91  ? 109 CSO A CA  1 
HETATM 756  C CB  . CSO A 1 95  ? 3.812   10.774  5.430   1.00 37.18  ? 109 CSO A CB  1 
HETATM 757  S SG  . CSO A 1 95  ? 4.355   9.182   4.933   1.00 39.07  ? 109 CSO A SG  1 
HETATM 758  C C   . CSO A 1 95  ? 1.858   10.475  3.988   1.00 31.61  ? 109 CSO A C   1 
HETATM 759  O O   . CSO A 1 95  ? 1.240   9.416   3.715   1.00 29.25  ? 109 CSO A O   1 
HETATM 760  O OD  . CSO A 1 95  ? 5.409   9.887   3.746   1.00 47.68  ? 109 CSO A OD  1 
ATOM   761  N N   . CYS A 1 96  ? 2.180   11.404  3.094   1.00 31.07  ? 110 CYS A N   1 
ATOM   762  C CA  . CYS A 1 96  ? 1.921   11.342  1.670   1.00 31.49  ? 110 CYS A CA  1 
ATOM   763  C C   . CYS A 1 96  ? 3.297   11.281  0.939   1.00 34.26  ? 110 CYS A C   1 
ATOM   764  O O   . CYS A 1 96  ? 4.107   12.201  1.087   1.00 34.38  ? 110 CYS A O   1 
ATOM   765  C CB  . CYS A 1 96  ? 1.161   12.632  1.316   1.00 39.17  ? 110 CYS A CB  1 
ATOM   766  S SG  . CYS A 1 96  ? 0.756   12.775  -0.397  1.00 43.94  ? 110 CYS A SG  1 
ATOM   767  N N   . LEU A 1 97  ? 3.571   10.169  0.251   1.00 32.55  ? 111 LEU A N   1 
ATOM   768  C CA  . LEU A 1 97  ? 4.791   9.954   -0.493  1.00 36.10  ? 111 LEU A CA  1 
ATOM   769  C C   . LEU A 1 97  ? 4.639   10.514  -1.915  1.00 40.35  ? 111 LEU A C   1 
ATOM   770  O O   . LEU A 1 97  ? 3.554   10.974  -2.307  1.00 34.06  ? 111 LEU A O   1 
ATOM   771  C CB  . LEU A 1 97  ? 5.148   8.461   -0.572  1.00 34.13  ? 111 LEU A CB  1 
ATOM   772  C CG  . LEU A 1 97  ? 5.441   7.781   0.758   1.00 36.08  ? 111 LEU A CG  1 
ATOM   773  C CD1 . LEU A 1 97  ? 5.599   6.294   0.552   1.00 40.72  ? 111 LEU A CD1 1 
ATOM   774  C CD2 . LEU A 1 97  ? 6.649   8.368   1.421   1.00 35.71  ? 111 LEU A CD2 1 
ATOM   775  N N   . VAL A 1 98  ? 5.740   10.453  -2.668  1.00 40.21  ? 112 VAL A N   1 
ATOM   776  C CA  . VAL A 1 98  ? 5.801   10.969  -4.026  1.00 40.25  ? 112 VAL A CA  1 
ATOM   777  C C   . VAL A 1 98  ? 4.761   10.326  -4.911  1.00 34.51  ? 112 VAL A C   1 
ATOM   778  O O   . VAL A 1 98  ? 4.654   9.132   -4.943  1.00 34.30  ? 112 VAL A O   1 
ATOM   779  C CB  . VAL A 1 98  ? 7.221   10.816  -4.708  1.00 42.70  ? 112 VAL A CB  1 
ATOM   780  C CG1 . VAL A 1 98  ? 8.160   11.860  -4.145  1.00 49.14  ? 112 VAL A CG1 1 
ATOM   781  C CG2 . VAL A 1 98  ? 7.811   9.405   -4.603  1.00 41.28  ? 112 VAL A CG2 1 
ATOM   782  N N   . PRO A 1 99  ? 4.044   11.123  -5.695  1.00 32.62  ? 113 PRO A N   1 
ATOM   783  C CA  . PRO A 1 99  ? 2.950   10.538  -6.515  1.00 33.61  ? 113 PRO A CA  1 
ATOM   784  C C   . PRO A 1 99  ? 3.477   9.848   -7.764  1.00 31.67  ? 113 PRO A C   1 
ATOM   785  O O   . PRO A 1 99  ? 4.634   10.137  -8.128  1.00 34.43  ? 113 PRO A O   1 
ATOM   786  C CB  . PRO A 1 99  ? 2.072   11.770  -6.821  1.00 35.49  ? 113 PRO A CB  1 
ATOM   787  C CG  . PRO A 1 99  ? 3.025   12.907  -6.808  1.00 39.26  ? 113 PRO A CG  1 
ATOM   788  C CD  . PRO A 1 99  ? 4.003   12.589  -5.694  1.00 37.24  ? 113 PRO A CD  1 
ATOM   789  N N   A CYS A 1 100 ? 2.688   8.965   -8.364  0.24 23.85  ? 114 CYS A N   1 
ATOM   790  N N   B CYS A 1 100 ? 2.682   8.970   -8.363  0.23 24.98  ? 114 CYS A N   1 
ATOM   791  C CA  A CYS A 1 100 ? 3.059   8.174   -9.511  0.24 22.94  ? 114 CYS A CA  1 
ATOM   792  C CA  B CYS A 1 100 ? 3.029   8.196   -9.531  0.23 24.59  ? 114 CYS A CA  1 
ATOM   793  C C   A CYS A 1 100 ? 2.292   8.725   -10.760 0.24 24.45  ? 114 CYS A C   1 
ATOM   794  C C   B CYS A 1 100 ? 2.284   8.785   -10.746 0.23 25.38  ? 114 CYS A C   1 
ATOM   795  O O   A CYS A 1 100 ? 1.066   8.764   -10.799 0.24 18.81  ? 114 CYS A O   1 
ATOM   796  O O   B CYS A 1 100 ? 1.064   8.900   -10.752 0.23 19.62  ? 114 CYS A O   1 
ATOM   797  C CB  A CYS A 1 100 ? 2.754   6.675   -9.229  0.24 20.89  ? 114 CYS A CB  1 
ATOM   798  C CB  B CYS A 1 100 ? 2.616   6.730   -9.311  0.23 23.21  ? 114 CYS A CB  1 
ATOM   799  S SG  A CYS A 1 100 ? 3.500   6.006   -7.677  0.24 22.74  ? 114 CYS A SG  1 
ATOM   800  S SG  B CYS A 1 100 ? 2.919   5.599   -10.680 0.23 28.21  ? 114 CYS A SG  1 
ATOM   801  N N   . LEU A 1 101 ? 3.036   9.176   -11.768 1.00 29.39  ? 115 LEU A N   1 
ATOM   802  C CA  . LEU A 1 101 ? 2.447   9.694   -13.057 1.00 32.38  ? 115 LEU A CA  1 
ATOM   803  C C   . LEU A 1 101 ? 2.226   8.585   -14.034 1.00 33.36  ? 115 LEU A C   1 
ATOM   804  O O   . LEU A 1 101 ? 3.189   7.882   -14.350 1.00 35.20  ? 115 LEU A O   1 
ATOM   805  C CB  . LEU A 1 101 ? 3.381   10.728  -13.729 1.00 33.36  ? 115 LEU A CB  1 
ATOM   806  C CG  . LEU A 1 101 ? 3.682   12.003  -12.954 1.00 35.66  ? 115 LEU A CG  1 
ATOM   807  C CD1 . LEU A 1 101 ? 4.675   12.902  -13.682 1.00 37.62  ? 115 LEU A CD1 1 
ATOM   808  C CD2 . LEU A 1 101 ? 2.387   12.759  -12.678 1.00 40.90  ? 115 LEU A CD2 1 
ATOM   809  N N   . ILE A 1 102 ? 1.006   8.405   -14.553 1.00 35.52  ? 116 ILE A N   1 
ATOM   810  C CA  . ILE A 1 102 ? 0.827   7.403   -15.603 1.00 40.11  ? 116 ILE A CA  1 
ATOM   811  C C   . ILE A 1 102 ? -0.051  7.832   -16.734 1.00 36.23  ? 116 ILE A C   1 
ATOM   812  O O   . ILE A 1 102 ? -0.934  8.684   -16.578 1.00 39.10  ? 116 ILE A O   1 
ATOM   813  C CB  . ILE A 1 102 ? 0.353   6.026   -15.061 1.00 51.33  ? 116 ILE A CB  1 
ATOM   814  C CG1 . ILE A 1 102 ? -0.903  6.153   -14.260 1.00 48.84  ? 116 ILE A CG1 1 
ATOM   815  C CG2 . ILE A 1 102 ? 1.401   5.357   -14.156 1.00 55.12  ? 116 ILE A CG2 1 
ATOM   816  C CD1 . ILE A 1 102 ? -1.543  4.799   -14.059 1.00 61.93  ? 116 ILE A CD1 1 
ATOM   817  N N   . ASP A 1 103 ? 0.236   7.275   -17.910 1.00 39.77  ? 117 ASP A N   1 
ATOM   818  C CA  . ASP A 1 103 ? -0.614  7.440   -19.106 1.00 43.65  ? 117 ASP A CA  1 
ATOM   819  C C   . ASP A 1 103 ? -0.810  8.879   -19.601 1.00 38.22  ? 117 ASP A C   1 
ATOM   820  O O   . ASP A 1 103 ? -1.777  9.140   -20.289 1.00 39.23  ? 117 ASP A O   1 
ATOM   821  C CB  . ASP A 1 103 ? -2.034  6.821   -18.903 1.00 51.25  ? 117 ASP A CB  1 
ATOM   822  C CG  . ASP A 1 103 ? -2.019  5.307   -18.751 1.00 65.13  ? 117 ASP A CG  1 
ATOM   823  O OD1 . ASP A 1 103 ? -1.323  4.635   -19.552 1.00 77.74  ? 117 ASP A OD1 1 
ATOM   824  O OD2 . ASP A 1 103 ? -2.737  4.791   -17.847 1.00 70.86  ? 117 ASP A OD2 1 
ATOM   825  N N   . THR A 1 104 ? 0.054   9.800   -19.190 1.00 35.50  ? 118 THR A N   1 
ATOM   826  C CA  . THR A 1 104 ? 0.018   11.232  -19.556 1.00 35.98  ? 118 THR A CA  1 
ATOM   827  C C   . THR A 1 104 ? -1.091  12.075  -18.931 1.00 37.28  ? 118 THR A C   1 
ATOM   828  O O   . THR A 1 104 ? -0.973  13.294  -18.908 1.00 35.01  ? 118 THR A O   1 
ATOM   829  C CB  . THR A 1 104 ? 0.077   11.489  -21.101 1.00 39.96  ? 118 THR A CB  1 
ATOM   830  O OG1 . THR A 1 104 ? -1.199  11.260  -21.723 1.00 38.64  ? 118 THR A OG1 1 
ATOM   831  C CG2 . THR A 1 104 ? 1.158   10.612  -21.777 1.00 37.54  ? 118 THR A CG2 1 
ATOM   832  N N   . ASP A 1 105 ? -2.122  11.449  -18.362 1.00 33.62  ? 119 ASP A N   1 
ATOM   833  C CA  . ASP A 1 105 ? -3.280  12.196  -17.816 1.00 35.88  ? 119 ASP A CA  1 
ATOM   834  C C   . ASP A 1 105 ? -3.727  11.746  -16.396 1.00 33.72  ? 119 ASP A C   1 
ATOM   835  O O   . ASP A 1 105 ? -4.780  12.156  -15.942 1.00 32.26  ? 119 ASP A O   1 
ATOM   836  C CB  . ASP A 1 105 ? -4.491  12.053  -18.783 1.00 35.74  ? 119 ASP A CB  1 
ATOM   837  C CG  . ASP A 1 105 ? -4.961  10.574  -18.951 1.00 43.29  ? 119 ASP A CG  1 
ATOM   838  O OD1 . ASP A 1 105 ? -4.538  9.649   -18.196 1.00 42.42  ? 119 ASP A OD1 1 
ATOM   839  O OD2 . ASP A 1 105 ? -5.735  10.306  -19.894 1.00 48.01  ? 119 ASP A OD2 1 
ATOM   840  N N   . THR A 1 106 ? -2.924  10.953  -15.705 1.00 32.28  ? 120 THR A N   1 
ATOM   841  C CA  . THR A 1 106 ? -3.344  10.325  -14.448 1.00 33.45  ? 120 THR A CA  1 
ATOM   842  C C   . THR A 1 106 ? -2.232  10.439  -13.400 1.00 30.46  ? 120 THR A C   1 
ATOM   843  O O   . THR A 1 106 ? -1.022  10.297  -13.711 1.00 30.82  ? 120 THR A O   1 
ATOM   844  C CB  . THR A 1 106 ? -3.653  8.809   -14.664 1.00 34.54  ? 120 THR A CB  1 
ATOM   845  O OG1 . THR A 1 106 ? -4.701  8.668   -15.617 1.00 35.03  ? 120 THR A OG1 1 
ATOM   846  C CG2 . THR A 1 106 ? -4.069  8.103   -13.329 1.00 34.59  ? 120 THR A CG2 1 
ATOM   847  N N   . LEU A 1 107 ? -2.659  10.744  -12.179 1.00 28.48  ? 121 LEU A N   1 
ATOM   848  C CA  . LEU A 1 107 ? -1.800  10.932  -11.020 1.00 28.59  ? 121 LEU A CA  1 
ATOM   849  C C   . LEU A 1 107 ? -2.340  10.094  -9.828  1.00 30.19  ? 121 LEU A C   1 
ATOM   850  O O   . LEU A 1 107 ? -3.485  10.288  -9.360  1.00 31.25  ? 121 LEU A O   1 
ATOM   851  C CB  . LEU A 1 107 ? -1.761  12.402  -10.608 1.00 30.98  ? 121 LEU A CB  1 
ATOM   852  C CG  . LEU A 1 107 ? -0.639  12.727  -9.591  1.00 34.38  ? 121 LEU A CG  1 
ATOM   853  C CD1 . LEU A 1 107 ? -0.035  14.083  -9.825  1.00 42.24  ? 121 LEU A CD1 1 
ATOM   854  C CD2 . LEU A 1 107 ? -1.179  12.759  -8.187  1.00 40.46  ? 121 LEU A CD2 1 
ATOM   855  N N   . ILE A 1 108 ? -1.491  9.228   -9.316  1.00 28.49  ? 122 ILE A N   1 
ATOM   856  C CA  . ILE A 1 108 ? -1.808  8.323   -8.181  1.00 28.71  ? 122 ILE A CA  1 
ATOM   857  C C   . ILE A 1 108 ? -0.994  8.715   -6.958  1.00 29.28  ? 122 ILE A C   1 
ATOM   858  O O   . ILE A 1 108 ? 0.249   8.716   -6.990  1.00 28.34  ? 122 ILE A O   1 
ATOM   859  C CB  . ILE A 1 108 ? -1.506  6.866   -8.550  1.00 30.03  ? 122 ILE A CB  1 
ATOM   860  C CG1 . ILE A 1 108 ? -2.252  6.469   -9.842  1.00 31.73  ? 122 ILE A CG1 1 
ATOM   861  C CG2 . ILE A 1 108 ? -1.848  5.915   -7.382  1.00 34.56  ? 122 ILE A CG2 1 
ATOM   862  C CD1 . ILE A 1 108 ? -1.822  5.111   -10.376 1.00 36.34  ? 122 ILE A CD1 1 
ATOM   863  N N   . THR A 1 109 ? -1.680  9.059   -5.889  1.00 26.48  ? 123 THR A N   1 
ATOM   864  C CA  . THR A 1 109 ? -1.096  9.580   -4.682  1.00 28.11  ? 123 THR A CA  1 
ATOM   865  C C   . THR A 1 109 ? -1.101  8.457   -3.575  1.00 31.39  ? 123 THR A C   1 
ATOM   866  O O   . THR A 1 109 ? -2.182  7.945   -3.228  1.00 24.41  ? 123 THR A O   1 
ATOM   867  C CB  . THR A 1 109 ? -1.882  10.820  -4.193  1.00 29.50  ? 123 THR A CB  1 
ATOM   868  O OG1 . THR A 1 109 ? -1.964  11.775  -5.275  1.00 33.25  ? 123 THR A OG1 1 
ATOM   869  C CG2 . THR A 1 109 ? -1.192  11.486  -2.984  1.00 32.62  ? 123 THR A CG2 1 
ATOM   870  N N   . PRO A 1 110 ? 0.087   8.070   -3.064  1.00 31.65  ? 124 PRO A N   1 
ATOM   871  C CA  . PRO A 1 110 ? 0.194   7.064   -1.987  1.00 29.11  ? 124 PRO A CA  1 
ATOM   872  C C   . PRO A 1 110 ? 0.287   7.666   -0.596  1.00 28.63  ? 124 PRO A C   1 
ATOM   873  O O   . PRO A 1 110 ? 1.031   8.633   -0.360  1.00 29.81  ? 124 PRO A O   1 
ATOM   874  C CB  . PRO A 1 110 ? 1.470   6.298   -2.346  1.00 32.08  ? 124 PRO A CB  1 
ATOM   875  C CG  . PRO A 1 110 ? 2.258   7.176   -3.263  1.00 32.13  ? 124 PRO A CG  1 
ATOM   876  C CD  . PRO A 1 110 ? 1.421   8.378   -3.628  1.00 33.27  ? 124 PRO A CD  1 
ATOM   877  N N   . PHE A 1 111 ? -0.482  7.089   0.330   1.00 25.33  ? 125 PHE A N   1 
ATOM   878  C CA  . PHE A 1 111 ? -0.462  7.458   1.733   1.00 26.78  ? 125 PHE A CA  1 
ATOM   879  C C   . PHE A 1 111 ? -0.011  6.255   2.558   1.00 27.10  ? 125 PHE A C   1 
ATOM   880  O O   . PHE A 1 111 ? -0.408  5.129   2.262   1.00 28.56  ? 125 PHE A O   1 
ATOM   881  C CB  . PHE A 1 111 ? -1.846  7.884   2.182   1.00 28.29  ? 125 PHE A CB  1 
ATOM   882  C CG  . PHE A 1 111 ? -2.299  9.168   1.543   1.00 29.74  ? 125 PHE A CG  1 
ATOM   883  C CD1 . PHE A 1 111 ? -2.985  9.140   0.320   1.00 29.65  ? 125 PHE A CD1 1 
ATOM   884  C CD2 . PHE A 1 111 ? -2.042  10.376  2.138   1.00 27.01  ? 125 PHE A CD2 1 
ATOM   885  C CE1 . PHE A 1 111 ? -3.401  10.319  -0.283  1.00 28.48  ? 125 PHE A CE1 1 
ATOM   886  C CE2 . PHE A 1 111 ? -2.466  11.568  1.532   1.00 31.51  ? 125 PHE A CE2 1 
ATOM   887  C CZ  . PHE A 1 111 ? -3.111  11.529  0.321   1.00 28.26  ? 125 PHE A CZ  1 
ATOM   888  N N   . VAL A 1 112 ? 0.841   6.484   3.560   1.00 27.91  ? 126 VAL A N   1 
ATOM   889  C CA  . VAL A 1 112 ? 1.264   5.387   4.473   1.00 27.44  ? 126 VAL A CA  1 
ATOM   890  C C   . VAL A 1 112 ? 0.405   5.496   5.731   1.00 28.51  ? 126 VAL A C   1 
ATOM   891  O O   . VAL A 1 112 ? 0.273   6.577   6.288   1.00 28.66  ? 126 VAL A O   1 
ATOM   892  C CB  . VAL A 1 112 ? 2.761   5.414   4.840   1.00 27.85  ? 126 VAL A CB  1 
ATOM   893  C CG1 . VAL A 1 112 ? 3.117   4.201   5.760   1.00 29.14  ? 126 VAL A CG1 1 
ATOM   894  C CG2 . VAL A 1 112 ? 3.631   5.368   3.595   1.00 28.87  ? 126 VAL A CG2 1 
ATOM   895  N N   . GLY A 1 113 ? -0.173  4.366   6.171   1.00 27.04  ? 127 GLY A N   1 
ATOM   896  C CA  . GLY A 1 113 ? -1.069  4.315   7.338   1.00 26.31  ? 127 GLY A CA  1 
ATOM   897  C C   . GLY A 1 113 ? -0.622  3.264   8.345   1.00 29.50  ? 127 GLY A C   1 
ATOM   898  O O   . GLY A 1 113 ? -0.281  2.170   7.936   1.00 31.82  ? 127 GLY A O   1 
ATOM   899  N N   . LEU A 1 114 ? -0.585  3.617   9.641   1.00 29.08  ? 128 LEU A N   1 
ATOM   900  C CA  . LEU A 1 114 ? -0.338  2.649   10.718  1.00 30.78  ? 128 LEU A CA  1 
ATOM   901  C C   . LEU A 1 114 ? -1.675  2.031   11.182  1.00 28.58  ? 128 LEU A C   1 
ATOM   902  O O   . LEU A 1 114 ? -2.621  2.779   11.462  1.00 29.45  ? 128 LEU A O   1 
ATOM   903  C CB  . LEU A 1 114 ? 0.273   3.335   11.920  1.00 36.59  ? 128 LEU A CB  1 
ATOM   904  C CG  . LEU A 1 114 ? 1.503   4.192   11.744  1.00 44.41  ? 128 LEU A CG  1 
ATOM   905  C CD1 . LEU A 1 114 ? 1.927   4.657   13.130  1.00 51.10  ? 128 LEU A CD1 1 
ATOM   906  C CD2 . LEU A 1 114 ? 2.639   3.424   11.082  1.00 46.02  ? 128 LEU A CD2 1 
ATOM   907  N N   . ILE A 1 115 ? -1.745  0.713   11.195  1.00 28.58  ? 129 ILE A N   1 
ATOM   908  C CA  . ILE A 1 115 ? -2.997  -0.060  11.396  1.00 30.27  ? 129 ILE A CA  1 
ATOM   909  C C   . ILE A 1 115 ? -3.060  -0.559  12.848  1.00 31.16  ? 129 ILE A C   1 
ATOM   910  O O   . ILE A 1 115 ? -2.094  -1.110  13.363  1.00 29.51  ? 129 ILE A O   1 
ATOM   911  C CB  . ILE A 1 115 ? -3.079  -1.257  10.422  1.00 29.75  ? 129 ILE A CB  1 
ATOM   912  C CG1 . ILE A 1 115 ? -2.994  -0.791  8.938   1.00 33.33  ? 129 ILE A CG1 1 
ATOM   913  C CG2 . ILE A 1 115 ? -4.347  -2.087  10.633  1.00 31.15  ? 129 ILE A CG2 1 
ATOM   914  C CD1 . ILE A 1 115 ? -4.062  0.224   8.531   1.00 33.11  ? 129 ILE A CD1 1 
ATOM   915  N N   . ASP A 1 116 ? -4.201  -0.370  13.494  1.00 33.51  ? 130 ASP A N   1 
ATOM   916  C CA  . ASP A 1 116 ? -4.427  -0.844  14.872  1.00 31.99  ? 130 ASP A CA  1 
ATOM   917  C C   . ASP A 1 116 ? -4.217  -2.350  15.067  1.00 29.75  ? 130 ASP A C   1 
ATOM   918  O O   . ASP A 1 116 ? -4.636  -3.163  14.257  1.00 29.61  ? 130 ASP A O   1 
ATOM   919  C CB  . ASP A 1 116 ? -5.856  -0.491  15.287  1.00 36.90  ? 130 ASP A CB  1 
ATOM   920  C CG  . ASP A 1 116 ? -6.142  -0.804  16.777  1.00 38.44  ? 130 ASP A CG  1 
ATOM   921  O OD1 . ASP A 1 116 ? -5.710  0.005   17.608  1.00 36.79  ? 130 ASP A OD1 1 
ATOM   922  O OD2 . ASP A 1 116 ? -6.762  -1.859  17.067  1.00 35.53  ? 130 ASP A OD2 1 
ATOM   923  N N   . HIS A 1 117 ? -3.585  -2.747  16.168  1.00 33.15  ? 131 HIS A N   1 
ATOM   924  C CA  . HIS A 1 117 ? -3.376  -4.204  16.460  1.00 33.03  ? 131 HIS A CA  1 
ATOM   925  C C   . HIS A 1 117 ? -4.627  -5.057  16.548  1.00 33.48  ? 131 HIS A C   1 
ATOM   926  O O   . HIS A 1 117 ? -4.507  -6.236  16.375  1.00 33.97  ? 131 HIS A O   1 
ATOM   927  C CB  . HIS A 1 117 ? -2.460  -4.439  17.697  1.00 36.43  ? 131 HIS A CB  1 
ATOM   928  C CG  . HIS A 1 117 ? -3.135  -4.196  19.019  1.00 39.75  ? 131 HIS A CG  1 
ATOM   929  N ND1 . HIS A 1 117 ? -3.655  -2.966  19.392  1.00 39.25  ? 131 HIS A ND1 1 
ATOM   930  C CD2 . HIS A 1 117 ? -3.382  -5.032  20.054  1.00 42.62  ? 131 HIS A CD2 1 
ATOM   931  C CE1 . HIS A 1 117 ? -4.211  -3.068  20.583  1.00 38.51  ? 131 HIS A CE1 1 
ATOM   932  N NE2 . HIS A 1 117 ? -4.063  -4.307  21.010  1.00 44.87  ? 131 HIS A NE2 1 
ATOM   933  N N   . ASN A 1 118 ? -5.829  -4.529  16.810  1.00 34.70  ? 132 ASN A N   1 
ATOM   934  C CA  . ASN A 1 118 ? -7.017  -5.418  16.826  1.00 36.57  ? 132 ASN A CA  1 
ATOM   935  C C   . ASN A 1 118 ? -7.769  -5.487  15.477  1.00 43.08  ? 132 ASN A C   1 
ATOM   936  O O   . ASN A 1 118 ? -8.838  -6.100  15.412  1.00 36.10  ? 132 ASN A O   1 
ATOM   937  C CB  . ASN A 1 118 ? -7.992  -5.021  17.946  1.00 38.94  ? 132 ASN A CB  1 
ATOM   938  C CG  . ASN A 1 118 ? -7.396  -5.245  19.344  1.00 41.38  ? 132 ASN A CG  1 
ATOM   939  O OD1 . ASN A 1 118 ? -7.428  -4.359  20.218  1.00 41.25  ? 132 ASN A OD1 1 
ATOM   940  N ND2 . ASN A 1 118 ? -6.779  -6.387  19.521  1.00 36.53  ? 132 ASN A ND2 1 
ATOM   941  N N   . PHE A 1 119 ? -7.234  -4.879  14.401  1.00 37.96  ? 133 PHE A N   1 
ATOM   942  C CA  . PHE A 1 119 ? -7.920  -4.943  13.092  1.00 35.81  ? 133 PHE A CA  1 
ATOM   943  C C   . PHE A 1 119 ? -7.836  -6.361  12.574  1.00 33.99  ? 133 PHE A C   1 
ATOM   944  O O   . PHE A 1 119 ? -6.795  -6.969  12.631  1.00 33.46  ? 133 PHE A O   1 
ATOM   945  C CB  . PHE A 1 119 ? -7.297  -3.956  12.057  1.00 39.02  ? 133 PHE A CB  1 
ATOM   946  C CG  . PHE A 1 119 ? -7.676  -4.242  10.613  1.00 34.08  ? 133 PHE A CG  1 
ATOM   947  C CD1 . PHE A 1 119 ? -8.932  -3.933  10.134  1.00 37.85  ? 133 PHE A CD1 1 
ATOM   948  C CD2 . PHE A 1 119 ? -6.777  -4.823  9.763   1.00 36.40  ? 133 PHE A CD2 1 
ATOM   949  C CE1 . PHE A 1 119 ? -9.271  -4.182  8.792   1.00 39.31  ? 133 PHE A CE1 1 
ATOM   950  C CE2 . PHE A 1 119 ? -7.112  -5.088  8.424   1.00 40.70  ? 133 PHE A CE2 1 
ATOM   951  C CZ  . PHE A 1 119 ? -8.351  -4.761  7.946   1.00 34.63  ? 133 PHE A CZ  1 
ATOM   952  N N   . GLN A 1 120 ? -8.920  -6.884  12.034  1.00 37.97  ? 134 GLN A N   1 
ATOM   953  C CA  . GLN A 1 120 ? -8.831  -8.157  11.293  1.00 42.17  ? 134 GLN A CA  1 
ATOM   954  C C   . GLN A 1 120 ? -9.548  -8.028  9.952   1.00 38.38  ? 134 GLN A C   1 
ATOM   955  O O   . GLN A 1 120 ? -10.700 -7.673  9.926   1.00 32.16  ? 134 GLN A O   1 
ATOM   956  C CB  . GLN A 1 120 ? -9.485  -9.263  12.106  1.00 50.55  ? 134 GLN A CB  1 
ATOM   957  C CG  . GLN A 1 120 ? -8.662  -9.609  13.337  1.00 61.09  ? 134 GLN A CG  1 
ATOM   958  C CD  . GLN A 1 120 ? -8.879  -11.032 13.781  1.00 70.59  ? 134 GLN A CD  1 
ATOM   959  O OE1 . GLN A 1 120 ? -8.115  -11.931 13.406  1.00 76.53  ? 134 GLN A OE1 1 
ATOM   960  N NE2 . GLN A 1 120 ? -9.949  -11.256 14.559  1.00 76.99  ? 134 GLN A NE2 1 
ATOM   961  N N   . ALA A 1 121 ? -8.852  -8.290  8.857   1.00 41.60  ? 135 ALA A N   1 
ATOM   962  C CA  . ALA A 1 121 ? -9.413  -8.053  7.510   1.00 44.33  ? 135 ALA A CA  1 
ATOM   963  C C   . ALA A 1 121 ? -10.646 -8.898  7.251   1.00 45.75  ? 135 ALA A C   1 
ATOM   964  O O   . ALA A 1 121 ? -10.645 -10.101 7.540   1.00 45.91  ? 135 ALA A O   1 
ATOM   965  C CB  . ALA A 1 121 ? -8.370  -8.377  6.454   1.00 44.98  ? 135 ALA A CB  1 
ATOM   966  N N   . GLN A 1 122 ? -11.666 -8.260  6.693   1.00 41.59  ? 136 GLN A N   1 
ATOM   967  C CA  . GLN A 1 122 ? -12.843 -8.929  6.145   1.00 43.08  ? 136 GLN A CA  1 
ATOM   968  C C   . GLN A 1 122 ? -12.927 -8.709  4.617   1.00 37.83  ? 136 GLN A C   1 
ATOM   969  O O   . GLN A 1 122 ? -13.545 -7.739  4.181   1.00 36.12  ? 136 GLN A O   1 
ATOM   970  C CB  . GLN A 1 122 ? -14.079 -8.325  6.820   1.00 47.41  ? 136 GLN A CB  1 
ATOM   971  C CG  . GLN A 1 122 ? -14.134 -8.554  8.324   1.00 58.56  ? 136 GLN A CG  1 
ATOM   972  C CD  . GLN A 1 122 ? -15.320 -7.847  8.962   1.00 70.00  ? 136 GLN A CD  1 
ATOM   973  O OE1 . GLN A 1 122 ? -15.186 -6.761  9.540   1.00 66.51  ? 136 GLN A OE1 1 
ATOM   974  N NE2 . GLN A 1 122 ? -16.513 -8.453  8.818   1.00 77.53  ? 136 GLN A NE2 1 
ATOM   975  N N   . PRO A 1 123 ? -12.275 -9.565  3.812   1.00 38.15  ? 137 PRO A N   1 
ATOM   976  C CA  . PRO A 1 123 ? -12.295 -9.387  2.350   1.00 41.62  ? 137 PRO A CA  1 
ATOM   977  C C   . PRO A 1 123 ? -13.733 -9.310  1.802   1.00 44.96  ? 137 PRO A C   1 
ATOM   978  O O   . PRO A 1 123 ? -14.559 -10.203 2.088   1.00 43.50  ? 137 PRO A O   1 
ATOM   979  C CB  . PRO A 1 123 ? -11.613 -10.656 1.826   1.00 42.31  ? 137 PRO A CB  1 
ATOM   980  C CG  . PRO A 1 123 ? -10.780 -11.149 2.943   1.00 43.30  ? 137 PRO A CG  1 
ATOM   981  C CD  . PRO A 1 123 ? -11.510 -10.759 4.199   1.00 42.55  ? 137 PRO A CD  1 
ATOM   982  N N   . ASN A 1 124 ? -14.025 -8.233  1.089   1.00 39.57  ? 138 ASN A N   1 
ATOM   983  C CA  . ASN A 1 124 ? -15.252 -8.092  0.328   1.00 38.54  ? 138 ASN A CA  1 
ATOM   984  C C   . ASN A 1 124 ? -15.107 -8.810  -1.062  1.00 39.98  ? 138 ASN A C   1 
ATOM   985  O O   . ASN A 1 124 ? -14.408 -8.309  -1.945  1.00 37.04  ? 138 ASN A O   1 
ATOM   986  C CB  . ASN A 1 124 ? -15.602 -6.606  0.198   1.00 38.91  ? 138 ASN A CB  1 
ATOM   987  C CG  . ASN A 1 124 ? -16.758 -6.346  -0.747  1.00 42.71  ? 138 ASN A CG  1 
ATOM   988  O OD1 . ASN A 1 124 ? -17.278 -7.263  -1.417  1.00 46.33  ? 138 ASN A OD1 1 
ATOM   989  N ND2 . ASN A 1 124 ? -17.147 -5.091  -0.837  1.00 37.79  ? 138 ASN A ND2 1 
ATOM   990  N N   . PRO A 1 125 ? -15.765 -9.986  -1.247  1.00 41.28  ? 139 PRO A N   1 
ATOM   991  C CA  . PRO A 1 125 ? -15.554 -10.798 -2.456  1.00 41.37  ? 139 PRO A CA  1 
ATOM   992  C C   . PRO A 1 125 ? -15.933 -10.122 -3.800  1.00 39.17  ? 139 PRO A C   1 
ATOM   993  O O   . PRO A 1 125 ? -15.437 -10.548 -4.844  1.00 41.17  ? 139 PRO A O   1 
ATOM   994  C CB  . PRO A 1 125 ? -16.407 -12.061 -2.213  1.00 42.84  ? 139 PRO A CB  1 
ATOM   995  C CG  . PRO A 1 125 ? -17.457 -11.633 -1.261  1.00 43.20  ? 139 PRO A CG  1 
ATOM   996  C CD  . PRO A 1 125 ? -16.868 -10.527 -0.412  1.00 43.33  ? 139 PRO A CD  1 
ATOM   997  N N   . ALA A 1 126 ? -16.759 -9.083  -3.770  1.00 39.20  ? 140 ALA A N   1 
ATOM   998  C CA  . ALA A 1 126 ? -17.052 -8.326  -5.002  1.00 44.53  ? 140 ALA A CA  1 
ATOM   999  C C   . ALA A 1 126 ? -15.822 -7.518  -5.463  1.00 43.94  ? 140 ALA A C   1 
ATOM   1000 O O   . ALA A 1 126 ? -15.737 -7.164  -6.624  1.00 42.46  ? 140 ALA A O   1 
ATOM   1001 C CB  . ALA A 1 126 ? -18.248 -7.387  -4.806  1.00 40.53  ? 140 ALA A CB  1 
ATOM   1002 N N   . GLU A 1 127 ? -14.898 -7.208  -4.549  1.00 42.56  ? 141 GLU A N   1 
ATOM   1003 C CA  . GLU A 1 127 ? -13.680 -6.437  -4.898  1.00 40.99  ? 141 GLU A CA  1 
ATOM   1004 C C   . GLU A 1 127 ? -12.331 -7.118  -4.770  1.00 40.42  ? 141 GLU A C   1 
ATOM   1005 O O   . GLU A 1 127 ? -11.423 -6.857  -5.548  1.00 36.16  ? 141 GLU A O   1 
ATOM   1006 C CB  . GLU A 1 127 ? -13.759 -5.112  -4.159  1.00 47.18  ? 141 GLU A CB  1 
ATOM   1007 C CG  . GLU A 1 127 ? -14.568 -4.170  -5.064  1.00 56.08  ? 141 GLU A CG  1 
ATOM   1008 C CD  . GLU A 1 127 ? -15.277 -3.122  -4.347  1.00 60.48  ? 141 GLU A CD  1 
ATOM   1009 O OE1 . GLU A 1 127 ? -16.365 -2.766  -4.831  1.00 69.49  ? 141 GLU A OE1 1 
ATOM   1010 O OE2 . GLU A 1 127 ? -14.757 -2.674  -3.319  1.00 75.97  ? 141 GLU A OE2 1 
ATOM   1011 N N   . VAL A 1 128 ? -12.249 -8.093  -3.882  1.00 34.76  ? 142 VAL A N   1 
ATOM   1012 C CA  . VAL A 1 128 ? -10.999 -8.604  -3.448  1.00 37.53  ? 142 VAL A CA  1 
ATOM   1013 C C   . VAL A 1 128 ? -11.153 -10.125 -3.287  1.00 36.02  ? 142 VAL A C   1 
ATOM   1014 O O   . VAL A 1 128 ? -12.043 -10.581 -2.575  1.00 35.08  ? 142 VAL A O   1 
ATOM   1015 C CB  . VAL A 1 128 ? -10.663 -7.817  -2.135  1.00 40.23  ? 142 VAL A CB  1 
ATOM   1016 C CG1 . VAL A 1 128 ? -10.045 -8.676  -1.094  1.00 44.36  ? 142 VAL A CG1 1 
ATOM   1017 C CG2 . VAL A 1 128 ? -9.846  -6.559  -2.467  1.00 41.73  ? 142 VAL A CG2 1 
ATOM   1018 N N   . LYS A 1 129 ? -10.291 -10.864 -3.967  1.00 38.74  ? 143 LYS A N   1 
ATOM   1019 C CA  . LYS A 1 129 ? -10.196 -12.322 -3.897  1.00 44.10  ? 143 LYS A CA  1 
ATOM   1020 C C   . LYS A 1 129 ? -9.373  -12.841 -2.702  1.00 45.88  ? 143 LYS A C   1 
ATOM   1021 O O   . LYS A 1 129 ? -9.574  -13.988 -2.251  1.00 39.29  ? 143 LYS A O   1 
ATOM   1022 C CB  . LYS A 1 129 ? -9.547  -12.823 -5.188  1.00 49.87  ? 143 LYS A CB  1 
ATOM   1023 C CG  . LYS A 1 129 ? -9.552  -14.319 -5.329  1.00 62.79  ? 143 LYS A CG  1 
ATOM   1024 C CD  . LYS A 1 129 ? -9.401  -14.745 -6.774  1.00 68.56  ? 143 LYS A CD  1 
ATOM   1025 C CE  . LYS A 1 129 ? -8.079  -14.313 -7.345  1.00 71.93  ? 143 LYS A CE  1 
ATOM   1026 N NZ  . LYS A 1 129 ? -7.644  -15.351 -8.315  1.00 80.25  ? 143 LYS A NZ  1 
ATOM   1027 N N   . ASP A 1 130 ? -8.399  -12.047 -2.238  1.00 36.91  ? 144 ASP A N   1 
ATOM   1028 C CA  . ASP A 1 130 ? -7.529  -12.437 -1.107  1.00 34.36  ? 144 ASP A CA  1 
ATOM   1029 C C   . ASP A 1 130 ? -6.903  -11.164 -0.475  1.00 35.65  ? 144 ASP A C   1 
ATOM   1030 O O   . ASP A 1 130 ? -6.926  -10.076 -1.085  1.00 34.88  ? 144 ASP A O   1 
ATOM   1031 C CB  . ASP A 1 130 ? -6.465  -13.413 -1.644  1.00 35.51  ? 144 ASP A CB  1 
ATOM   1032 C CG  . ASP A 1 130 ? -5.799  -14.238 -0.582  1.00 36.03  ? 144 ASP A CG  1 
ATOM   1033 O OD1 . ASP A 1 130 ? -6.100  -14.096 0.618   1.00 33.94  ? 144 ASP A OD1 1 
ATOM   1034 O OD2 . ASP A 1 130 ? -4.920  -15.038 -0.959  1.00 36.77  ? 144 ASP A OD2 1 
ATOM   1035 N N   . VAL A 1 131 ? -6.439  -11.306 0.760   1.00 32.84  ? 145 VAL A N   1 
ATOM   1036 C CA  . VAL A 1 131 ? -5.693  -10.292 1.557   1.00 34.42  ? 145 VAL A CA  1 
ATOM   1037 C C   . VAL A 1 131 ? -4.553  -11.063 2.248   1.00 35.41  ? 145 VAL A C   1 
ATOM   1038 O O   . VAL A 1 131 ? -4.759  -12.192 2.719   1.00 35.70  ? 145 VAL A O   1 
ATOM   1039 C CB  . VAL A 1 131 ? -6.613  -9.590  2.581   1.00 35.71  ? 145 VAL A CB  1 
ATOM   1040 C CG1 . VAL A 1 131 ? -5.867  -8.628  3.499   1.00 37.87  ? 145 VAL A CG1 1 
ATOM   1041 C CG2 . VAL A 1 131 ? -7.720  -8.826  1.867   1.00 38.05  ? 145 VAL A CG2 1 
ATOM   1042 N N   . PHE A 1 132 ? -3.331  -10.536 2.213   1.00 31.34  ? 146 PHE A N   1 
ATOM   1043 C CA  . PHE A 1 132 ? -2.143  -11.187 2.783   1.00 30.77  ? 146 PHE A CA  1 
ATOM   1044 C C   . PHE A 1 132 ? -1.106  -10.166 3.272   1.00 32.49  ? 146 PHE A C   1 
ATOM   1045 O O   . PHE A 1 132 ? -1.069  -9.031  2.772   1.00 31.38  ? 146 PHE A O   1 
ATOM   1046 C CB  . PHE A 1 132 ? -1.524  -12.206 1.791   1.00 35.90  ? 146 PHE A CB  1 
ATOM   1047 C CG  . PHE A 1 132 ? -0.897  -11.599 0.543   1.00 37.33  ? 146 PHE A CG  1 
ATOM   1048 C CD1 . PHE A 1 132 ? -1.690  -11.194 -0.523  1.00 38.80  ? 146 PHE A CD1 1 
ATOM   1049 C CD2 . PHE A 1 132 ? 0.495   -11.488 0.422   1.00 37.84  ? 146 PHE A CD2 1 
ATOM   1050 C CE1 . PHE A 1 132 ? -1.120  -10.647 -1.677  1.00 39.60  ? 146 PHE A CE1 1 
ATOM   1051 C CE2 . PHE A 1 132 ? 1.077   -10.928 -0.714  1.00 38.59  ? 146 PHE A CE2 1 
ATOM   1052 C CZ  . PHE A 1 132 ? 0.275   -10.519 -1.767  1.00 40.43  ? 146 PHE A CZ  1 
ATOM   1053 N N   . LEU A 1 133 ? -0.299  -10.560 4.249   1.00 29.85  ? 147 LEU A N   1 
ATOM   1054 C CA  . LEU A 1 133 ? 0.765   -9.741  4.791   1.00 30.93  ? 147 LEU A CA  1 
ATOM   1055 C C   . LEU A 1 133 ? 2.126   -10.192 4.237   1.00 33.59  ? 147 LEU A C   1 
ATOM   1056 O O   . LEU A 1 133 ? 2.314   -11.377 3.975   1.00 34.60  ? 147 LEU A O   1 
ATOM   1057 C CB  . LEU A 1 133 ? 0.803   -9.827  6.319   1.00 32.98  ? 147 LEU A CB  1 
ATOM   1058 C CG  . LEU A 1 133 ? -0.445  -9.371  7.094   1.00 35.76  ? 147 LEU A CG  1 
ATOM   1059 C CD1 . LEU A 1 133 ? -0.202  -9.595  8.555   1.00 41.18  ? 147 LEU A CD1 1 
ATOM   1060 C CD2 . LEU A 1 133 ? -0.785  -7.923  6.861   1.00 36.20  ? 147 LEU A CD2 1 
ATOM   1061 N N   . VAL A 1 134 ? 3.068   -9.248  4.066   1.00 31.27  ? 148 VAL A N   1 
ATOM   1062 C CA  . VAL A 1 134 ? 4.471   -9.552  3.741   1.00 31.70  ? 148 VAL A CA  1 
ATOM   1063 C C   . VAL A 1 134 ? 5.340   -8.776  4.716   1.00 31.10  ? 148 VAL A C   1 
ATOM   1064 O O   . VAL A 1 134 ? 5.133   -7.567  4.913   1.00 29.89  ? 148 VAL A O   1 
ATOM   1065 C CB  . VAL A 1 134 ? 4.859   -9.163  2.292   1.00 29.87  ? 148 VAL A CB  1 
ATOM   1066 C CG1 . VAL A 1 134 ? 6.307   -9.543  1.998   1.00 30.66  ? 148 VAL A CG1 1 
ATOM   1067 C CG2 . VAL A 1 134 ? 3.934   -9.812  1.294   1.00 30.91  ? 148 VAL A CG2 1 
ATOM   1068 N N   . PRO A 1 135 ? 6.306   -9.457  5.377   1.00 31.90  ? 149 PRO A N   1 
ATOM   1069 C CA  . PRO A 1 135 ? 7.184   -8.686  6.242   1.00 30.20  ? 149 PRO A CA  1 
ATOM   1070 C C   . PRO A 1 135 ? 7.931   -7.574  5.445   1.00 28.43  ? 149 PRO A C   1 
ATOM   1071 O O   . PRO A 1 135 ? 8.370   -7.814  4.314   1.00 26.85  ? 149 PRO A O   1 
ATOM   1072 C CB  . PRO A 1 135 ? 8.204   -9.744  6.764   1.00 33.45  ? 149 PRO A CB  1 
ATOM   1073 C CG  . PRO A 1 135 ? 7.558   -11.099 6.539   1.00 34.78  ? 149 PRO A CG  1 
ATOM   1074 C CD  . PRO A 1 135 ? 6.636   -10.906 5.347   1.00 34.04  ? 149 PRO A CD  1 
ATOM   1075 N N   . LEU A 1 136 ? 8.024   -6.377  6.010   1.00 27.62  ? 150 LEU A N   1 
ATOM   1076 C CA  . LEU A 1 136 ? 8.647   -5.264  5.322   1.00 28.92  ? 150 LEU A CA  1 
ATOM   1077 C C   . LEU A 1 136 ? 10.099  -5.577  4.891   1.00 34.23  ? 150 LEU A C   1 
ATOM   1078 O O   . LEU A 1 136 ? 10.522  -5.235  3.773   1.00 30.58  ? 150 LEU A O   1 
ATOM   1079 C CB  . LEU A 1 136 ? 8.604   -3.995  6.203   1.00 29.34  ? 150 LEU A CB  1 
ATOM   1080 C CG  . LEU A 1 136 ? 9.023   -2.650  5.600   1.00 29.14  ? 150 LEU A CG  1 
ATOM   1081 C CD1 . LEU A 1 136 ? 8.130   -2.328  4.408   1.00 28.37  ? 150 LEU A CD1 1 
ATOM   1082 C CD2 . LEU A 1 136 ? 8.936   -1.554  6.652   1.00 30.26  ? 150 LEU A CD2 1 
ATOM   1083 N N   . ALA A 1 137 ? 10.848  -6.271  5.752   1.00 31.73  ? 151 ALA A N   1 
ATOM   1084 C CA  . ALA A 1 137 ? 12.245  -6.639  5.418   1.00 32.14  ? 151 ALA A CA  1 
ATOM   1085 C C   . ALA A 1 137 ? 12.434  -7.492  4.190   1.00 32.16  ? 151 ALA A C   1 
ATOM   1086 O O   . ALA A 1 137 ? 13.516  -7.458  3.595   1.00 33.55  ? 151 ALA A O   1 
ATOM   1087 C CB  . ALA A 1 137 ? 12.912  -7.346  6.619   1.00 36.13  ? 151 ALA A CB  1 
ATOM   1088 N N   . TYR A 1 138 ? 11.430  -8.261  3.789   1.00 30.36  ? 152 TYR A N   1 
ATOM   1089 C CA  . TYR A 1 138 ? 11.504  -9.038  2.544   1.00 31.30  ? 152 TYR A CA  1 
ATOM   1090 C C   . TYR A 1 138 ? 11.959  -8.187  1.340   1.00 33.27  ? 152 TYR A C   1 
ATOM   1091 O O   . TYR A 1 138 ? 12.711  -8.668  0.436   1.00 33.11  ? 152 TYR A O   1 
ATOM   1092 C CB  . TYR A 1 138 ? 10.137  -9.714  2.242   1.00 29.85  ? 152 TYR A CB  1 
ATOM   1093 C CG  . TYR A 1 138 ? 10.046  -10.281 0.857   1.00 32.52  ? 152 TYR A CG  1 
ATOM   1094 C CD1 . TYR A 1 138 ? 10.496  -11.582 0.573   1.00 32.52  ? 152 TYR A CD1 1 
ATOM   1095 C CD2 . TYR A 1 138 ? 9.554   -9.506  -0.199  1.00 33.09  ? 152 TYR A CD2 1 
ATOM   1096 C CE1 . TYR A 1 138 ? 10.457  -12.080 -0.729  1.00 34.36  ? 152 TYR A CE1 1 
ATOM   1097 C CE2 . TYR A 1 138 ? 9.523   -9.993  -1.497  1.00 35.39  ? 152 TYR A CE2 1 
ATOM   1098 C CZ  . TYR A 1 138 ? 9.976   -11.283 -1.770  1.00 34.87  ? 152 TYR A CZ  1 
ATOM   1099 O OH  . TYR A 1 138 ? 9.925   -11.787 -3.104  1.00 38.69  ? 152 TYR A OH  1 
ATOM   1100 N N   . PHE A 1 139 ? 11.455  -6.950  1.298   1.00 32.14  ? 153 PHE A N   1 
ATOM   1101 C CA  . PHE A 1 139 ? 11.667  -6.055  0.157   1.00 33.28  ? 153 PHE A CA  1 
ATOM   1102 C C   . PHE A 1 139 ? 13.119  -5.515  0.033   1.00 37.86  ? 153 PHE A C   1 
ATOM   1103 O O   . PHE A 1 139 ? 13.500  -4.989  -1.044  1.00 35.89  ? 153 PHE A O   1 
ATOM   1104 C CB  . PHE A 1 139 ? 10.593  -4.950  0.118   1.00 29.18  ? 153 PHE A CB  1 
ATOM   1105 C CG  . PHE A 1 139 ? 9.207   -5.499  -0.094  1.00 29.71  ? 153 PHE A CG  1 
ATOM   1106 C CD1 . PHE A 1 139 ? 8.815   -5.968  -1.334  1.00 29.50  ? 153 PHE A CD1 1 
ATOM   1107 C CD2 . PHE A 1 139 ? 8.337   -5.689  0.986   1.00 29.37  ? 153 PHE A CD2 1 
ATOM   1108 C CE1 . PHE A 1 139 ? 7.558   -6.530  -1.534  1.00 29.99  ? 153 PHE A CE1 1 
ATOM   1109 C CE2 . PHE A 1 139 ? 7.076   -6.267  0.803   1.00 27.37  ? 153 PHE A CE2 1 
ATOM   1110 C CZ  . PHE A 1 139 ? 6.683   -6.668  -0.449  1.00 30.25  ? 153 PHE A CZ  1 
ATOM   1111 N N   . LEU A 1 140 ? 13.927  -5.718  1.078   1.00 33.50  ? 154 LEU A N   1 
ATOM   1112 C CA  . LEU A 1 140 ? 15.367  -5.536  0.979   1.00 37.00  ? 154 LEU A CA  1 
ATOM   1113 C C   . LEU A 1 140 ? 16.150  -6.687  0.318   1.00 41.24  ? 154 LEU A C   1 
ATOM   1114 O O   . LEU A 1 140 ? 17.232  -6.459  -0.179  1.00 38.92  ? 154 LEU A O   1 
ATOM   1115 C CB  . LEU A 1 140 ? 15.958  -5.292  2.348   1.00 37.33  ? 154 LEU A CB  1 
ATOM   1116 C CG  . LEU A 1 140 ? 15.359  -4.160  3.179   1.00 41.18  ? 154 LEU A CG  1 
ATOM   1117 C CD1 . LEU A 1 140 ? 16.110  -4.118  4.490   1.00 43.63  ? 154 LEU A CD1 1 
ATOM   1118 C CD2 . LEU A 1 140 ? 15.397  -2.823  2.462   1.00 41.03  ? 154 LEU A CD2 1 
ATOM   1119 N N   . HIS A 1 141 ? 15.644  -7.922  0.366   1.00 38.24  ? 155 HIS A N   1 
ATOM   1120 C CA  . HIS A 1 141 ? 16.285  -9.088  -0.253  1.00 40.06  ? 155 HIS A CA  1 
ATOM   1121 C C   . HIS A 1 141 ? 15.204  -9.954  -0.861  1.00 40.95  ? 155 HIS A C   1 
ATOM   1122 O O   . HIS A 1 141 ? 14.952  -11.083 -0.412  1.00 40.55  ? 155 HIS A O   1 
ATOM   1123 C CB  . HIS A 1 141 ? 17.074  -9.887  0.783   1.00 42.04  ? 155 HIS A CB  1 
ATOM   1124 C CG  . HIS A 1 141 ? 18.246  -9.145  1.355   1.00 45.65  ? 155 HIS A CG  1 
ATOM   1125 N ND1 . HIS A 1 141 ? 19.414  -8.924  0.642   1.00 44.94  ? 155 HIS A ND1 1 
ATOM   1126 C CD2 . HIS A 1 141 ? 18.430  -8.576  2.571   1.00 45.18  ? 155 HIS A CD2 1 
ATOM   1127 C CE1 . HIS A 1 141 ? 20.266  -8.257  1.401   1.00 48.17  ? 155 HIS A CE1 1 
ATOM   1128 N NE2 . HIS A 1 141 ? 19.696  -8.027  2.575   1.00 48.22  ? 155 HIS A NE2 1 
ATOM   1129 N N   . PRO A 1 142 ? 14.522  -9.416  -1.864  1.00 41.36  ? 156 PRO A N   1 
ATOM   1130 C CA  . PRO A 1 142 ? 13.419  -10.148 -2.473  1.00 46.42  ? 156 PRO A CA  1 
ATOM   1131 C C   . PRO A 1 142 ? 13.887  -11.287 -3.408  1.00 49.87  ? 156 PRO A C   1 
ATOM   1132 O O   . PRO A 1 142 ? 15.015  -11.257 -3.886  1.00 49.27  ? 156 PRO A O   1 
ATOM   1133 C CB  . PRO A 1 142 ? 12.721  -9.052  -3.294  1.00 45.58  ? 156 PRO A CB  1 
ATOM   1134 C CG  . PRO A 1 142 ? 13.876  -8.167  -3.722  1.00 44.92  ? 156 PRO A CG  1 
ATOM   1135 C CD  . PRO A 1 142 ? 14.854  -8.174  -2.604  1.00 41.51  ? 156 PRO A CD  1 
ATOM   1136 N N   . GLN A 1 143 ? 12.999  -12.238 -3.675  1.00 48.19  ? 157 GLN A N   1 
ATOM   1137 C CA  . GLN A 1 143 ? 13.192  -13.290 -4.682  1.00 54.06  ? 157 GLN A CA  1 
ATOM   1138 C C   . GLN A 1 143 ? 12.688  -12.819 -6.061  1.00 53.48  ? 157 GLN A C   1 
ATOM   1139 O O   . GLN A 1 143 ? 11.471  -12.809 -6.327  1.00 49.70  ? 157 GLN A O   1 
ATOM   1140 C CB  . GLN A 1 143 ? 12.483  -14.570 -4.236  1.00 58.07  ? 157 GLN A CB  1 
ATOM   1141 C CG  . GLN A 1 143 ? 12.901  -15.819 -4.994  1.00 71.33  ? 157 GLN A CG  1 
ATOM   1142 C CD  . GLN A 1 143 ? 12.042  -17.030 -4.651  1.00 83.50  ? 157 GLN A CD  1 
ATOM   1143 O OE1 . GLN A 1 143 ? 11.649  -17.219 -3.495  1.00 98.72  ? 157 GLN A OE1 1 
ATOM   1144 N NE2 . GLN A 1 143 ? 11.742  -17.856 -5.652  1.00 88.11  ? 157 GLN A NE2 1 
ATOM   1145 N N   . VAL A 1 144 ? 13.640  -12.443 -6.928  1.00 51.59  ? 158 VAL A N   1 
ATOM   1146 C CA  . VAL A 1 144 ? 13.372  -11.729 -8.182  1.00 57.42  ? 158 VAL A CA  1 
ATOM   1147 C C   . VAL A 1 144 ? 13.323  -12.702 -9.373  1.00 60.91  ? 158 VAL A C   1 
ATOM   1148 O O   . VAL A 1 144 ? 14.131  -13.622 -9.441  1.00 64.51  ? 158 VAL A O   1 
ATOM   1149 C CB  . VAL A 1 144 ? 14.442  -10.629 -8.454  1.00 60.48  ? 158 VAL A CB  1 
ATOM   1150 C CG1 . VAL A 1 144 ? 14.094  -9.822  -9.700  1.00 64.45  ? 158 VAL A CG1 1 
ATOM   1151 C CG2 . VAL A 1 144 ? 14.588  -9.700  -7.268  1.00 60.40  ? 158 VAL A CG2 1 
ATOM   1152 N N   . HIS A 1 145 ? 12.375  -12.484 -10.289 1.00 60.34  ? 159 HIS A N   1 
ATOM   1153 C CA  . HIS A 1 145 ? 12.182  -13.306 -11.497 1.00 71.64  ? 159 HIS A CA  1 
ATOM   1154 C C   . HIS A 1 145 ? 11.914  -12.375 -12.656 1.00 76.08  ? 159 HIS A C   1 
ATOM   1155 O O   . HIS A 1 145 ? 11.037  -11.515 -12.553 1.00 74.51  ? 159 HIS A O   1 
ATOM   1156 C CB  . HIS A 1 145 ? 10.989  -14.259 -11.328 1.00 75.85  ? 159 HIS A CB  1 
ATOM   1157 C CG  . HIS A 1 145 ? 11.287  -15.411 -10.427 1.00 91.68  ? 159 HIS A CG  1 
ATOM   1158 N ND1 . HIS A 1 145 ? 11.303  -15.291 -9.053  1.00 95.77  ? 159 HIS A ND1 1 
ATOM   1159 C CD2 . HIS A 1 145 ? 11.643  -16.691 -10.698 1.00 98.93  ? 159 HIS A CD2 1 
ATOM   1160 C CE1 . HIS A 1 145 ? 11.631  -16.453 -8.517  1.00 96.69  ? 159 HIS A CE1 1 
ATOM   1161 N NE2 . HIS A 1 145 ? 11.844  -17.319 -9.492  1.00 98.19  ? 159 HIS A NE2 1 
ATOM   1162 N N   . ASP A 1 146 ? 12.650  -12.542 -13.755 1.00 79.31  ? 160 ASP A N   1 
ATOM   1163 C CA  . ASP A 1 146 ? 12.497  -11.663 -14.923 1.00 82.84  ? 160 ASP A CA  1 
ATOM   1164 C C   . ASP A 1 146 ? 11.486  -12.198 -15.955 1.00 83.91  ? 160 ASP A C   1 
ATOM   1165 O O   . ASP A 1 146 ? 11.569  -13.363 -16.357 1.00 79.09  ? 160 ASP A O   1 
ATOM   1166 C CB  . ASP A 1 146 ? 13.861  -11.397 -15.548 1.00 86.44  ? 160 ASP A CB  1 
ATOM   1167 C CG  . ASP A 1 146 ? 14.724  -10.498 -14.676 1.00 94.45  ? 160 ASP A CG  1 
ATOM   1168 O OD1 . ASP A 1 146 ? 14.635  -10.589 -13.425 1.00 94.17  ? 160 ASP A OD1 1 
ATOM   1169 O OD2 . ASP A 1 146 ? 15.479  -9.682  -15.245 1.00 103.33 ? 160 ASP A OD2 1 
ATOM   1170 N N   . GLN A 1 147 ? 10.528  -11.344 -16.351 1.00 82.70  ? 161 GLN A N   1 
ATOM   1171 C CA  . GLN A 1 147 ? 9.502   -11.659 -17.364 1.00 81.30  ? 161 GLN A CA  1 
ATOM   1172 C C   . GLN A 1 147 ? 9.827   -10.959 -18.678 1.00 80.27  ? 161 GLN A C   1 
ATOM   1173 O O   . GLN A 1 147 ? 10.701  -11.400 -19.431 1.00 89.43  ? 161 GLN A O   1 
ATOM   1174 C CB  . GLN A 1 147 ? 8.114   -11.216 -16.890 1.00 76.59  ? 161 GLN A CB  1 
ATOM   1175 N N   . ILE A 1 158 ? 12.401  -7.408  -20.957 1.00 125.87 ? 172 ILE A N   1 
ATOM   1176 C CA  . ILE A 1 158 ? 12.750  -8.074  -19.698 1.00 127.27 ? 172 ILE A CA  1 
ATOM   1177 C C   . ILE A 1 158 ? 12.484  -7.098  -18.531 1.00 115.37 ? 172 ILE A C   1 
ATOM   1178 O O   . ILE A 1 158 ? 12.958  -5.967  -18.566 1.00 110.46 ? 172 ILE A O   1 
ATOM   1179 C CB  . ILE A 1 158 ? 14.221  -8.602  -19.744 1.00 130.72 ? 172 ILE A CB  1 
ATOM   1180 C CG1 . ILE A 1 158 ? 14.325  -9.886  -20.614 1.00 129.71 ? 172 ILE A CG1 1 
ATOM   1181 C CG2 . ILE A 1 158 ? 14.807  -8.816  -18.347 1.00 132.59 ? 172 ILE A CG2 1 
ATOM   1182 C CD1 . ILE A 1 158 ? 13.875  -11.202 -19.982 1.00 121.82 ? 172 ILE A CD1 1 
ATOM   1183 N N   . ASN A 1 159 ? 11.715  -7.542  -17.524 1.00 108.72 ? 173 ASN A N   1 
ATOM   1184 C CA  . ASN A 1 159 ? 11.337  -6.707  -16.352 1.00 98.54  ? 173 ASN A CA  1 
ATOM   1185 C C   . ASN A 1 159 ? 11.081  -7.512  -15.030 1.00 86.80  ? 173 ASN A C   1 
ATOM   1186 O O   . ASN A 1 159 ? 10.625  -8.660  -15.051 1.00 76.27  ? 173 ASN A O   1 
ATOM   1187 C CB  . ASN A 1 159 ? 10.144  -5.788  -16.707 1.00 95.35  ? 173 ASN A CB  1 
ATOM   1188 C CG  . ASN A 1 159 ? 8.787   -6.422  -16.430 1.00 90.46  ? 173 ASN A CG  1 
ATOM   1189 O OD1 . ASN A 1 159 ? 7.895   -5.764  -15.907 1.00 88.74  ? 173 ASN A OD1 1 
ATOM   1190 N ND2 . ASN A 1 159 ? 8.628   -7.698  -16.774 1.00 88.94  ? 173 ASN A ND2 1 
ATOM   1191 N N   . HIS A 1 160 ? 11.346  -6.866  -13.894 1.00 80.74  ? 174 HIS A N   1 
ATOM   1192 C CA  . HIS A 1 160 ? 11.469  -7.537  -12.585 1.00 71.82  ? 174 HIS A CA  1 
ATOM   1193 C C   . HIS A 1 160 ? 10.143  -7.797  -11.818 1.00 63.22  ? 174 HIS A C   1 
ATOM   1194 O O   . HIS A 1 160 ? 9.338   -6.884  -11.596 1.00 65.96  ? 174 HIS A O   1 
ATOM   1195 C CB  . HIS A 1 160 ? 12.439  -6.741  -11.695 1.00 76.21  ? 174 HIS A CB  1 
ATOM   1196 C CG  . HIS A 1 160 ? 13.788  -6.504  -12.314 1.00 83.85  ? 174 HIS A CG  1 
ATOM   1197 N ND1 . HIS A 1 160 ? 14.464  -7.468  -13.035 1.00 86.72  ? 174 HIS A ND1 1 
ATOM   1198 C CD2 . HIS A 1 160 ? 14.600  -5.416  -12.292 1.00 84.53  ? 174 HIS A CD2 1 
ATOM   1199 C CE1 . HIS A 1 160 ? 15.622  -6.979  -13.443 1.00 87.22  ? 174 HIS A CE1 1 
ATOM   1200 N NE2 . HIS A 1 160 ? 15.731  -5.738  -13.001 1.00 83.77  ? 174 HIS A NE2 1 
ATOM   1201 N N   . ILE A 1 161 ? 9.959   -9.048  -11.399 1.00 57.61  ? 175 ILE A N   1 
ATOM   1202 C CA  . ILE A 1 161 ? 8.796   -9.529  -10.638 1.00 55.45  ? 175 ILE A CA  1 
ATOM   1203 C C   . ILE A 1 161 ? 9.314   -10.154 -9.334  1.00 55.87  ? 175 ILE A C   1 
ATOM   1204 O O   . ILE A 1 161 ? 10.310  -10.879 -9.363  1.00 54.65  ? 175 ILE A O   1 
ATOM   1205 C CB  . ILE A 1 161 ? 8.022   -10.602 -11.458 1.00 59.57  ? 175 ILE A CB  1 
ATOM   1206 C CG1 . ILE A 1 161 ? 7.399   -9.959  -12.706 1.00 66.24  ? 175 ILE A CG1 1 
ATOM   1207 C CG2 . ILE A 1 161 ? 6.947   -11.303 -10.634 1.00 57.74  ? 175 ILE A CG2 1 
ATOM   1208 C CD1 . ILE A 1 161 ? 6.890   -10.952 -13.735 1.00 67.62  ? 175 ILE A CD1 1 
ATOM   1209 N N   . PHE A 1 162 ? 8.634   -9.886  -8.216  1.00 45.98  ? 176 PHE A N   1 
ATOM   1210 C CA  . PHE A 1 162 ? 8.921   -10.505 -6.914  1.00 40.15  ? 176 PHE A CA  1 
ATOM   1211 C C   . PHE A 1 162 ? 7.974   -11.669 -6.642  1.00 39.95  ? 176 PHE A C   1 
ATOM   1212 O O   . PHE A 1 162 ? 6.792   -11.560 -6.908  1.00 40.43  ? 176 PHE A O   1 
ATOM   1213 C CB  . PHE A 1 162 ? 8.735   -9.507  -5.772  1.00 39.58  ? 176 PHE A CB  1 
ATOM   1214 C CG  . PHE A 1 162 ? 9.648   -8.311  -5.816  1.00 38.45  ? 176 PHE A CG  1 
ATOM   1215 C CD1 . PHE A 1 162 ? 10.819  -8.275  -6.599  1.00 42.56  ? 176 PHE A CD1 1 
ATOM   1216 C CD2 . PHE A 1 162 ? 9.334   -7.194  -5.061  1.00 38.91  ? 176 PHE A CD2 1 
ATOM   1217 C CE1 . PHE A 1 162 ? 11.641  -7.146  -6.583  1.00 40.20  ? 176 PHE A CE1 1 
ATOM   1218 C CE2 . PHE A 1 162 ? 10.152  -6.081  -5.059  1.00 38.57  ? 176 PHE A CE2 1 
ATOM   1219 C CZ  . PHE A 1 162 ? 11.299  -6.051  -5.813  1.00 39.03  ? 176 PHE A CZ  1 
ATOM   1220 N N   . GLU A 1 163 ? 8.504   -12.766 -6.092  1.00 40.06  ? 177 GLU A N   1 
ATOM   1221 C CA  . GLU A 1 163 ? 7.723   -13.907 -5.589  1.00 42.48  ? 177 GLU A CA  1 
ATOM   1222 C C   . GLU A 1 163 ? 7.888   -14.052 -4.080  1.00 36.80  ? 177 GLU A C   1 
ATOM   1223 O O   . GLU A 1 163 ? 8.997   -14.124 -3.585  1.00 36.31  ? 177 GLU A O   1 
ATOM   1224 C CB  . GLU A 1 163 ? 8.170   -15.221 -6.225  1.00 48.76  ? 177 GLU A CB  1 
ATOM   1225 C CG  . GLU A 1 163 ? 7.963   -15.270 -7.726  1.00 62.17  ? 177 GLU A CG  1 
ATOM   1226 C CD  . GLU A 1 163 ? 7.879   -16.683 -8.306  1.00 73.20  ? 177 GLU A CD  1 
ATOM   1227 O OE1 . GLU A 1 163 ? 8.005   -17.693 -7.543  1.00 67.97  ? 177 GLU A OE1 1 
ATOM   1228 O OE2 . GLU A 1 163 ? 7.669   -16.754 -9.547  1.00 77.39  ? 177 GLU A OE2 1 
ATOM   1229 N N   . TYR A 1 164 ? 6.774   -14.099 -3.374  1.00 36.31  ? 178 TYR A N   1 
ATOM   1230 C CA  . TYR A 1 164 ? 6.754   -14.239 -1.925  1.00 36.86  ? 178 TYR A CA  1 
ATOM   1231 C C   . TYR A 1 164 ? 5.899   -15.475 -1.647  1.00 37.88  ? 178 TYR A C   1 
ATOM   1232 O O   . TYR A 1 164 ? 4.764   -15.574 -2.141  1.00 37.08  ? 178 TYR A O   1 
ATOM   1233 C CB  . TYR A 1 164 ? 6.159   -12.987 -1.211  1.00 35.43  ? 178 TYR A CB  1 
ATOM   1234 C CG  . TYR A 1 164 ? 5.991   -13.217 0.275   1.00 35.99  ? 178 TYR A CG  1 
ATOM   1235 C CD1 . TYR A 1 164 ? 7.095   -13.166 1.122   1.00 38.63  ? 178 TYR A CD1 1 
ATOM   1236 C CD2 . TYR A 1 164 ? 4.765   -13.587 0.830   1.00 35.93  ? 178 TYR A CD2 1 
ATOM   1237 C CE1 . TYR A 1 164 ? 6.972   -13.429 2.476   1.00 38.95  ? 178 TYR A CE1 1 
ATOM   1238 C CE2 . TYR A 1 164 ? 4.632   -13.817 2.209   1.00 33.17  ? 178 TYR A CE2 1 
ATOM   1239 C CZ  . TYR A 1 164 ? 5.725   -13.773 3.009   1.00 36.69  ? 178 TYR A CZ  1 
ATOM   1240 O OH  . TYR A 1 164 ? 5.658   -14.068 4.361   1.00 42.69  ? 178 TYR A OH  1 
ATOM   1241 N N   . THR A 1 165 ? 6.444   -16.396 -0.853  1.00 36.96  ? 179 THR A N   1 
ATOM   1242 C CA  . THR A 1 165 ? 5.722   -17.576 -0.377  1.00 37.84  ? 179 THR A CA  1 
ATOM   1243 C C   . THR A 1 165 ? 5.420   -17.421 1.105   1.00 37.35  ? 179 THR A C   1 
ATOM   1244 O O   . THR A 1 165 ? 6.315   -17.181 1.884   1.00 37.51  ? 179 THR A O   1 
ATOM   1245 C CB  . THR A 1 165 ? 6.597   -18.820 -0.587  1.00 39.82  ? 179 THR A CB  1 
ATOM   1246 O OG1 . THR A 1 165 ? 6.953   -18.877 -1.971  1.00 40.59  ? 179 THR A OG1 1 
ATOM   1247 C CG2 . THR A 1 165 ? 5.865   -20.113 -0.145  1.00 39.85  ? 179 THR A CG2 1 
ATOM   1248 N N   . ASN A 1 166 ? 4.149   -17.496 1.487   1.00 35.17  ? 180 ASN A N   1 
ATOM   1249 C CA  . ASN A 1 166 ? 3.758   -17.396 2.888   1.00 35.30  ? 180 ASN A CA  1 
ATOM   1250 C C   . ASN A 1 166 ? 4.142   -18.722 3.606   1.00 38.58  ? 180 ASN A C   1 
ATOM   1251 O O   . ASN A 1 166 ? 3.644   -19.784 3.231   1.00 37.54  ? 180 ASN A O   1 
ATOM   1252 C CB  . ASN A 1 166 ? 2.243   -17.166 2.916   1.00 38.39  ? 180 ASN A CB  1 
ATOM   1253 C CG  . ASN A 1 166 ? 1.661   -17.002 4.306   1.00 38.99  ? 180 ASN A CG  1 
ATOM   1254 O OD1 . ASN A 1 166 ? 2.321   -17.180 5.329   1.00 41.27  ? 180 ASN A OD1 1 
ATOM   1255 N ND2 . ASN A 1 166 ? 0.368   -16.669 4.337   1.00 38.33  ? 180 ASN A ND2 1 
ATOM   1256 N N   . PRO A 1 167 ? 4.993   -18.664 4.639   1.00 40.64  ? 181 PRO A N   1 
ATOM   1257 C CA  . PRO A 1 167 ? 5.386   -19.919 5.334   1.00 43.07  ? 181 PRO A CA  1 
ATOM   1258 C C   . PRO A 1 167 ? 4.253   -20.599 6.137   1.00 41.16  ? 181 PRO A C   1 
ATOM   1259 O O   . PRO A 1 167 ? 4.359   -21.755 6.463   1.00 42.32  ? 181 PRO A O   1 
ATOM   1260 C CB  . PRO A 1 167 ? 6.550   -19.483 6.265   1.00 41.68  ? 181 PRO A CB  1 
ATOM   1261 C CG  . PRO A 1 167 ? 6.451   -18.001 6.372   1.00 45.41  ? 181 PRO A CG  1 
ATOM   1262 C CD  . PRO A 1 167 ? 5.613   -17.457 5.236   1.00 42.39  ? 181 PRO A CD  1 
ATOM   1263 N N   . GLU A 1 168 ? 3.185   -19.883 6.435   1.00 44.95  ? 182 GLU A N   1 
ATOM   1264 C CA  . GLU A 1 168 ? 1.970   -20.463 7.039   1.00 49.20  ? 182 GLU A CA  1 
ATOM   1265 C C   . GLU A 1 168 ? 1.335   -21.606 6.228   1.00 50.38  ? 182 GLU A C   1 
ATOM   1266 O O   . GLU A 1 168 ? 0.929   -22.631 6.824   1.00 47.23  ? 182 GLU A O   1 
ATOM   1267 C CB  . GLU A 1 168 ? 0.893   -19.393 7.178   1.00 54.65  ? 182 GLU A CB  1 
ATOM   1268 C CG  . GLU A 1 168 ? 1.190   -18.306 8.200   1.00 61.61  ? 182 GLU A CG  1 
ATOM   1269 C CD  . GLU A 1 168 ? 1.309   -18.846 9.606   1.00 64.64  ? 182 GLU A CD  1 
ATOM   1270 O OE1 . GLU A 1 168 ? 0.298   -19.406 10.157  1.00 63.02  ? 182 GLU A OE1 1 
ATOM   1271 O OE2 . GLU A 1 168 ? 2.430   -18.712 10.140  1.00 68.84  ? 182 GLU A OE2 1 
ATOM   1272 N N   . ASP A 1 169 ? 1.257   -21.409 4.900   1.00 44.16  ? 183 ASP A N   1 
ATOM   1273 C CA  . ASP A 1 169 ? 0.537   -22.274 3.991   1.00 42.16  ? 183 ASP A CA  1 
ATOM   1274 C C   . ASP A 1 169 ? 1.197   -22.646 2.653   1.00 39.63  ? 183 ASP A C   1 
ATOM   1275 O O   . ASP A 1 169 ? 0.621   -23.398 1.882   1.00 40.05  ? 183 ASP A O   1 
ATOM   1276 C CB  . ASP A 1 169 ? -0.879  -21.715 3.763   1.00 40.20  ? 183 ASP A CB  1 
ATOM   1277 C CG  . ASP A 1 169 ? -0.890  -20.402 2.960   1.00 49.73  ? 183 ASP A CG  1 
ATOM   1278 O OD1 . ASP A 1 169 ? 0.158   -20.022 2.383   1.00 43.40  ? 183 ASP A OD1 1 
ATOM   1279 O OD2 . ASP A 1 169 ? -1.977  -19.763 2.894   1.00 49.62  ? 183 ASP A OD2 1 
ATOM   1280 N N   . GLY A 1 170 ? 2.382   -22.126 2.355   1.00 42.36  ? 184 GLY A N   1 
ATOM   1281 C CA  . GLY A 1 170 ? 3.083   -22.389 1.075   1.00 39.70  ? 184 GLY A CA  1 
ATOM   1282 C C   . GLY A 1 170 ? 2.529   -21.713 -0.174  1.00 42.84  ? 184 GLY A C   1 
ATOM   1283 O O   . GLY A 1 170 ? 3.009   -21.987 -1.305  1.00 42.58  ? 184 GLY A O   1 
ATOM   1284 N N   . VAL A 1 171 ? 1.560   -20.813 -0.006  1.00 42.76  ? 185 VAL A N   1 
ATOM   1285 C CA  . VAL A 1 171 ? 0.998   -20.103 -1.172  1.00 43.87  ? 185 VAL A CA  1 
ATOM   1286 C C   . VAL A 1 171 ? 1.972   -19.040 -1.681  1.00 43.73  ? 185 VAL A C   1 
ATOM   1287 O O   . VAL A 1 171 ? 2.502   -18.260 -0.886  1.00 38.41  ? 185 VAL A O   1 
ATOM   1288 C CB  . VAL A 1 171 ? -0.369  -19.455 -0.862  1.00 47.31  ? 185 VAL A CB  1 
ATOM   1289 C CG1 . VAL A 1 171 ? -0.937  -18.761 -2.105  1.00 47.50  ? 185 VAL A CG1 1 
ATOM   1290 C CG2 . VAL A 1 171 ? -1.358  -20.513 -0.362  1.00 53.67  ? 185 VAL A CG2 1 
ATOM   1291 N N   . THR A 1 172 ? 2.210   -19.042 -2.993  1.00 39.80  ? 186 THR A N   1 
ATOM   1292 C CA  . THR A 1 172 ? 3.051   -18.043 -3.654  1.00 43.22  ? 186 THR A CA  1 
ATOM   1293 C C   . THR A 1 172 ? 2.227   -16.892 -4.287  1.00 42.05  ? 186 THR A C   1 
ATOM   1294 O O   . THR A 1 172 ? 1.185   -17.115 -4.890  1.00 40.91  ? 186 THR A O   1 
ATOM   1295 C CB  . THR A 1 172 ? 3.992   -18.747 -4.653  1.00 46.67  ? 186 THR A CB  1 
ATOM   1296 O OG1 . THR A 1 172 ? 4.788   -19.688 -3.912  1.00 43.94  ? 186 THR A OG1 1 
ATOM   1297 C CG2 . THR A 1 172 ? 4.941   -17.759 -5.339  1.00 49.88  ? 186 THR A CG2 1 
ATOM   1298 N N   . TYR A 1 173 ? 2.705   -15.658 -4.100  1.00 36.97  ? 187 TYR A N   1 
ATOM   1299 C CA  . TYR A 1 173 ? 2.138   -14.440 -4.695  1.00 38.20  ? 187 TYR A CA  1 
ATOM   1300 C C   . TYR A 1 173 ? 3.215   -13.731 -5.522  1.00 40.60  ? 187 TYR A C   1 
ATOM   1301 O O   . TYR A 1 173 ? 4.411   -13.701 -5.131  1.00 38.10  ? 187 TYR A O   1 
ATOM   1302 C CB  . TYR A 1 173 ? 1.718   -13.467 -3.592  1.00 38.40  ? 187 TYR A CB  1 
ATOM   1303 C CG  . TYR A 1 173 ? 0.657   -13.998 -2.658  1.00 39.51  ? 187 TYR A CG  1 
ATOM   1304 C CD1 . TYR A 1 173 ? -0.684  -13.869 -2.967  1.00 37.27  ? 187 TYR A CD1 1 
ATOM   1305 C CD2 . TYR A 1 173 ? 1.014   -14.668 -1.479  1.00 42.62  ? 187 TYR A CD2 1 
ATOM   1306 C CE1 . TYR A 1 173 ? -1.662  -14.370 -2.115  1.00 40.08  ? 187 TYR A CE1 1 
ATOM   1307 C CE2 . TYR A 1 173 ? 0.065   -15.172 -0.610  1.00 43.85  ? 187 TYR A CE2 1 
ATOM   1308 C CZ  . TYR A 1 173 ? -1.286  -15.027 -0.923  1.00 44.47  ? 187 TYR A CZ  1 
ATOM   1309 O OH  . TYR A 1 173 ? -2.255  -15.526 -0.033  1.00 42.21  ? 187 TYR A OH  1 
ATOM   1310 N N   . GLN A 1 174 ? 2.784   -13.151 -6.636  1.00 39.14  ? 188 GLN A N   1 
ATOM   1311 C CA  . GLN A 1 174 ? 3.641   -12.321 -7.508  1.00 43.37  ? 188 GLN A CA  1 
ATOM   1312 C C   . GLN A 1 174 ? 3.316   -10.832 -7.302  1.00 37.30  ? 188 GLN A C   1 
ATOM   1313 O O   . GLN A 1 174 ? 2.168   -10.469 -7.262  1.00 36.02  ? 188 GLN A O   1 
ATOM   1314 C CB  . GLN A 1 174 ? 3.442   -12.715 -8.981  1.00 47.38  ? 188 GLN A CB  1 
ATOM   1315 C CG  . GLN A 1 174 ? 4.019   -14.085 -9.345  1.00 54.42  ? 188 GLN A CG  1 
ATOM   1316 C CD  . GLN A 1 174 ? 3.974   -14.365 -10.846 1.00 64.50  ? 188 GLN A CD  1 
ATOM   1317 O OE1 . GLN A 1 174 ? 3.222   -13.733 -11.610 1.00 64.21  ? 188 GLN A OE1 1 
ATOM   1318 N NE2 . GLN A 1 174 ? 4.794   -15.315 -11.278 1.00 67.15  ? 188 GLN A NE2 1 
ATOM   1319 N N   . ILE A 1 175 ? 4.332   -9.993  -7.132  1.00 34.97  ? 189 ILE A N   1 
ATOM   1320 C CA  . ILE A 1 175 ? 4.116   -8.586  -6.850  1.00 35.32  ? 189 ILE A CA  1 
ATOM   1321 C C   . ILE A 1 175 ? 4.950   -7.824  -7.881  1.00 36.21  ? 189 ILE A C   1 
ATOM   1322 O O   . ILE A 1 175 ? 6.162   -8.112  -8.025  1.00 36.29  ? 189 ILE A O   1 
ATOM   1323 C CB  . ILE A 1 175 ? 4.591   -8.215  -5.426  1.00 34.31  ? 189 ILE A CB  1 
ATOM   1324 C CG1 . ILE A 1 175 ? 3.960   -9.159  -4.391  1.00 38.14  ? 189 ILE A CG1 1 
ATOM   1325 C CG2 . ILE A 1 175 ? 4.225   -6.763  -5.088  1.00 32.09  ? 189 ILE A CG2 1 
ATOM   1326 C CD1 . ILE A 1 175 ? 4.450   -8.961  -2.967  1.00 36.71  ? 189 ILE A CD1 1 
ATOM   1327 N N   . LYS A 1 176 ? 4.347   -6.883  -8.589  1.00 36.38  ? 190 LYS A N   1 
ATOM   1328 C CA  . LYS A 1 176 ? 5.084   -6.212  -9.666  1.00 37.75  ? 190 LYS A CA  1 
ATOM   1329 C C   . LYS A 1 176 ? 4.663   -4.763  -9.886  1.00 35.96  ? 190 LYS A C   1 
ATOM   1330 O O   . LYS A 1 176 ? 3.788   -4.256  -9.171  1.00 30.88  ? 190 LYS A O   1 
ATOM   1331 C CB  . LYS A 1 176 ? 4.962   -7.035  -10.931 1.00 42.34  ? 190 LYS A CB  1 
ATOM   1332 C CG  . LYS A 1 176 ? 3.605   -7.007  -11.567 1.00 47.02  ? 190 LYS A CG  1 
ATOM   1333 C CD  . LYS A 1 176 ? 3.366   -8.210  -12.496 1.00 51.64  ? 190 LYS A CD  1 
ATOM   1334 C CE  . LYS A 1 176 ? 2.133   -7.935  -13.362 1.00 58.19  ? 190 LYS A CE  1 
ATOM   1335 N NZ  . LYS A 1 176 ? 1.789   -8.992  -14.366 1.00 64.30  ? 190 LYS A NZ  1 
ATOM   1336 N N   . GLY A 1 177 ? 5.325   -4.075  -10.829 1.00 35.30  ? 191 GLY A N   1 
ATOM   1337 C CA  . GLY A 1 177 ? 4.912   -2.701  -11.238 1.00 32.07  ? 191 GLY A CA  1 
ATOM   1338 C C   . GLY A 1 177 ? 5.012   -1.678  -10.108 1.00 31.01  ? 191 GLY A C   1 
ATOM   1339 O O   . GLY A 1 177 ? 5.913   -1.737  -9.275  1.00 29.31  ? 191 GLY A O   1 
ATOM   1340 N N   . MET A 1 178 ? 4.100   -0.719  -10.102 1.00 29.04  ? 192 MET A N   1 
ATOM   1341 C CA  . MET A 1 178 ? 4.098   0.373   -9.123  1.00 31.64  ? 192 MET A CA  1 
ATOM   1342 C C   . MET A 1 178 ? 3.972   -0.181  -7.683  1.00 30.10  ? 192 MET A C   1 
ATOM   1343 O O   . MET A 1 178 ? 4.571   0.356   -6.751  1.00 29.24  ? 192 MET A O   1 
ATOM   1344 C CB  . MET A 1 178 ? 2.924   1.317   -9.441  1.00 34.67  ? 192 MET A CB  1 
ATOM   1345 C CG  . MET A 1 178 ? 2.730   2.551   -8.538  1.00 37.78  ? 192 MET A CG  1 
ATOM   1346 S SD  . MET A 1 178 ? 1.047   3.274   -8.660  1.00 40.42  ? 192 MET A SD  1 
ATOM   1347 C CE  . MET A 1 178 ? 0.057   2.111   -7.680  1.00 43.75  ? 192 MET A CE  1 
ATOM   1348 N N   . THR A 1 179 ? 3.178   -1.236  -7.521  1.00 29.15  ? 193 THR A N   1 
ATOM   1349 C CA  . THR A 1 179 ? 3.000   -1.901  -6.206  1.00 30.78  ? 193 THR A CA  1 
ATOM   1350 C C   . THR A 1 179 ? 4.351   -2.342  -5.650  1.00 28.38  ? 193 THR A C   1 
ATOM   1351 O O   . THR A 1 179 ? 4.687   -1.972  -4.543  1.00 27.81  ? 193 THR A O   1 
ATOM   1352 C CB  . THR A 1 179 ? 1.994   -3.066  -6.298  1.00 29.28  ? 193 THR A CB  1 
ATOM   1353 O OG1 . THR A 1 179 ? 0.757   -2.565  -6.826  1.00 28.81  ? 193 THR A OG1 1 
ATOM   1354 C CG2 . THR A 1 179 ? 1.704   -3.691  -4.902  1.00 30.38  ? 193 THR A CG2 1 
ATOM   1355 N N   . ALA A 1 180 ? 5.149   -3.074  -6.433  1.00 28.01  ? 194 ALA A N   1 
ATOM   1356 C CA  . ALA A 1 180 ? 6.503   -3.490  -5.980  1.00 27.92  ? 194 ALA A CA  1 
ATOM   1357 C C   . ALA A 1 180 ? 7.433   -2.323  -5.739  1.00 27.58  ? 194 ALA A C   1 
ATOM   1358 O O   . ALA A 1 180 ? 8.218   -2.316  -4.748  1.00 29.41  ? 194 ALA A O   1 
ATOM   1359 C CB  . ALA A 1 180 ? 7.147   -4.466  -6.947  1.00 28.85  ? 194 ALA A CB  1 
ATOM   1360 N N   . ASN A 1 181 ? 7.322   -1.300  -6.592  1.00 29.15  ? 195 ASN A N   1 
ATOM   1361 C CA  . ASN A 1 181 ? 8.169   -0.093  -6.433  1.00 27.90  ? 195 ASN A CA  1 
ATOM   1362 C C   . ASN A 1 181 ? 7.924   0.627   -5.146  1.00 25.80  ? 195 ASN A C   1 
ATOM   1363 O O   . ASN A 1 181 ? 8.881   1.016   -4.477  1.00 27.67  ? 195 ASN A O   1 
ATOM   1364 C CB  . ASN A 1 181 ? 8.086   0.863   -7.658  1.00 29.47  ? 195 ASN A CB  1 
ATOM   1365 C CG  . ASN A 1 181 ? 8.920   0.357   -8.843  1.00 38.02  ? 195 ASN A CG  1 
ATOM   1366 O OD1 . ASN A 1 181 ? 10.032  0.854   -9.073  1.00 54.97  ? 195 ASN A OD1 1 
ATOM   1367 N ND2 . ASN A 1 181 ? 8.441   -0.633  -9.560  1.00 39.28  ? 195 ASN A ND2 1 
ATOM   1368 N N   . LEU A 1 182 ? 6.652   0.828   -4.796  1.00 27.44  ? 196 LEU A N   1 
ATOM   1369 C CA  . LEU A 1 182 ? 6.283   1.496   -3.552  1.00 26.43  ? 196 LEU A CA  1 
ATOM   1370 C C   . LEU A 1 182 ? 6.683   0.709   -2.285  1.00 24.68  ? 196 LEU A C   1 
ATOM   1371 O O   . LEU A 1 182 ? 7.050   1.294   -1.230  1.00 25.26  ? 196 LEU A O   1 
ATOM   1372 C CB  . LEU A 1 182 ? 4.781   1.859   -3.560  1.00 27.79  ? 196 LEU A CB  1 
ATOM   1373 C CG  . LEU A 1 182 ? 4.333   2.960   -4.574  1.00 29.99  ? 196 LEU A CG  1 
ATOM   1374 C CD1 . LEU A 1 182 ? 2.820   3.085   -4.706  1.00 31.14  ? 196 LEU A CD1 1 
ATOM   1375 C CD2 . LEU A 1 182 ? 4.914   4.353   -4.268  1.00 30.05  ? 196 LEU A CD2 1 
ATOM   1376 N N   . ALA A 1 183 ? 6.596   -0.620  -2.382  1.00 27.79  ? 197 ALA A N   1 
ATOM   1377 C CA  . ALA A 1 183 ? 6.980   -1.501  -1.256  1.00 29.52  ? 197 ALA A CA  1 
ATOM   1378 C C   . ALA A 1 183 ? 8.463   -1.356  -0.907  1.00 28.20  ? 197 ALA A C   1 
ATOM   1379 O O   . ALA A 1 183 ? 8.829   -1.244  0.268   1.00 28.37  ? 197 ALA A O   1 
ATOM   1380 C CB  . ALA A 1 183 ? 6.618   -2.965  -1.576  1.00 28.63  ? 197 ALA A CB  1 
ATOM   1381 N N   . VAL A 1 184 ? 9.306   -1.340  -1.948  1.00 27.79  ? 198 VAL A N   1 
ATOM   1382 C CA  . VAL A 1 184 ? 10.753  -1.138  -1.807  1.00 27.62  ? 198 VAL A CA  1 
ATOM   1383 C C   . VAL A 1 184 ? 11.072  0.225   -1.210  1.00 25.20  ? 198 VAL A C   1 
ATOM   1384 O O   . VAL A 1 184 ? 11.896  0.351   -0.277  1.00 26.75  ? 198 VAL A O   1 
ATOM   1385 C CB  . VAL A 1 184 ? 11.515  -1.333  -3.156  1.00 27.51  ? 198 VAL A CB  1 
ATOM   1386 C CG1 . VAL A 1 184 ? 12.995  -0.952  -3.032  1.00 30.45  ? 198 VAL A CG1 1 
ATOM   1387 C CG2 . VAL A 1 184 ? 11.436  -2.772  -3.612  1.00 30.04  ? 198 VAL A CG2 1 
ATOM   1388 N N   . LEU A 1 185 ? 10.427  1.263   -1.725  1.00 25.39  ? 199 LEU A N   1 
ATOM   1389 C CA  . LEU A 1 185 ? 10.582  2.593   -1.182  1.00 24.66  ? 199 LEU A CA  1 
ATOM   1390 C C   . LEU A 1 185 ? 10.304  2.688   0.326   1.00 26.76  ? 199 LEU A C   1 
ATOM   1391 O O   . LEU A 1 185 ? 11.094  3.244   1.108   1.00 25.05  ? 199 LEU A O   1 
ATOM   1392 C CB  . LEU A 1 185 ? 9.660   3.575   -1.937  1.00 26.11  ? 199 LEU A CB  1 
ATOM   1393 C CG  . LEU A 1 185 ? 9.603   5.052   -1.459  1.00 29.17  ? 199 LEU A CG  1 
ATOM   1394 C CD1 . LEU A 1 185 ? 10.957  5.744   -1.553  1.00 30.13  ? 199 LEU A CD1 1 
ATOM   1395 C CD2 . LEU A 1 185 ? 8.562   5.847   -2.234  1.00 32.21  ? 199 LEU A CD2 1 
ATOM   1396 N N   . VAL A 1 186 ? 9.137   2.179   0.748   1.00 27.05  ? 200 VAL A N   1 
ATOM   1397 C CA  . VAL A 1 186 ? 8.793   2.199   2.170   1.00 27.11  ? 200 VAL A CA  1 
ATOM   1398 C C   . VAL A 1 186 ? 9.822   1.402   3.032   1.00 26.38  ? 200 VAL A C   1 
ATOM   1399 O O   . VAL A 1 186 ? 10.251  1.898   4.066   1.00 27.30  ? 200 VAL A O   1 
ATOM   1400 C CB  . VAL A 1 186 ? 7.347   1.672   2.382   1.00 30.65  ? 200 VAL A CB  1 
ATOM   1401 C CG1 . VAL A 1 186 ? 7.025   1.510   3.855   1.00 35.64  ? 200 VAL A CG1 1 
ATOM   1402 C CG2 . VAL A 1 186 ? 6.397   2.688   1.815   1.00 35.67  ? 200 VAL A CG2 1 
ATOM   1403 N N   . ALA A 1 187 ? 10.232  0.214   2.560   1.00 25.59  ? 201 ALA A N   1 
ATOM   1404 C CA  . ALA A 1 187 ? 11.275  -0.588  3.232   1.00 28.38  ? 201 ALA A CA  1 
ATOM   1405 C C   . ALA A 1 187 ? 12.613  0.191   3.429   1.00 30.09  ? 201 ALA A C   1 
ATOM   1406 O O   . ALA A 1 187 ? 13.224  0.192   4.555   1.00 26.70  ? 201 ALA A O   1 
ATOM   1407 C CB  . ALA A 1 187 ? 11.490  -1.885  2.483   1.00 28.93  ? 201 ALA A CB  1 
ATOM   1408 N N   . PHE A 1 188 ? 13.072  0.862   2.363   1.00 30.28  ? 202 PHE A N   1 
ATOM   1409 C CA  . PHE A 1 188 ? 14.283  1.710   2.472   1.00 28.83  ? 202 PHE A CA  1 
ATOM   1410 C C   . PHE A 1 188 ? 14.110  2.826   3.499   1.00 27.62  ? 202 PHE A C   1 
ATOM   1411 O O   . PHE A 1 188 ? 15.016  3.067   4.317   1.00 28.03  ? 202 PHE A O   1 
ATOM   1412 C CB  . PHE A 1 188 ? 14.718  2.368   1.126   1.00 29.65  ? 202 PHE A CB  1 
ATOM   1413 C CG  . PHE A 1 188 ? 15.281  1.439   0.060   1.00 30.59  ? 202 PHE A CG  1 
ATOM   1414 C CD1 . PHE A 1 188 ? 15.742  0.147   0.321   1.00 31.68  ? 202 PHE A CD1 1 
ATOM   1415 C CD2 . PHE A 1 188 ? 15.431  1.936   -1.256  1.00 33.66  ? 202 PHE A CD2 1 
ATOM   1416 C CE1 . PHE A 1 188 ? 16.264  -0.659  -0.678  1.00 31.96  ? 202 PHE A CE1 1 
ATOM   1417 C CE2 . PHE A 1 188 ? 15.961  1.130   -2.265  1.00 34.78  ? 202 PHE A CE2 1 
ATOM   1418 C CZ  . PHE A 1 188 ? 16.402  -0.173  -1.970  1.00 34.99  ? 202 PHE A CZ  1 
ATOM   1419 N N   . ILE A 1 189 ? 12.978  3.538   3.448   1.00 26.38  ? 203 ILE A N   1 
ATOM   1420 C CA  . ILE A 1 189 ? 12.748  4.675   4.331   1.00 26.90  ? 203 ILE A CA  1 
ATOM   1421 C C   . ILE A 1 189 ? 12.845  4.243   5.788   1.00 27.27  ? 203 ILE A C   1 
ATOM   1422 O O   . ILE A 1 189 ? 13.450  4.931   6.606   1.00 26.04  ? 203 ILE A O   1 
ATOM   1423 C CB  . ILE A 1 189 ? 11.365  5.329   4.077   1.00 26.60  ? 203 ILE A CB  1 
ATOM   1424 C CG1 . ILE A 1 189 ? 11.397  6.134   2.759   1.00 30.24  ? 203 ILE A CG1 1 
ATOM   1425 C CG2 . ILE A 1 189 ? 10.985  6.274   5.206   1.00 27.97  ? 203 ILE A CG2 1 
ATOM   1426 C CD1 . ILE A 1 189 ? 10.048  6.652   2.270   1.00 31.51  ? 203 ILE A CD1 1 
ATOM   1427 N N   . ILE A 1 190 ? 12.182  3.124   6.093   1.00 26.39  ? 204 ILE A N   1 
ATOM   1428 C CA  . ILE A 1 190 ? 11.988  2.684   7.490   1.00 30.03  ? 204 ILE A CA  1 
ATOM   1429 C C   . ILE A 1 190 ? 13.183  1.842   8.031   1.00 27.59  ? 204 ILE A C   1 
ATOM   1430 O O   . ILE A 1 190 ? 13.528  1.985   9.181   1.00 28.40  ? 204 ILE A O   1 
ATOM   1431 C CB  . ILE A 1 190 ? 10.614  1.922   7.636   1.00 29.52  ? 204 ILE A CB  1 
ATOM   1432 C CG1 . ILE A 1 190 ? 9.426   2.897   7.363   1.00 30.25  ? 204 ILE A CG1 1 
ATOM   1433 C CG2 . ILE A 1 190 ? 10.513  1.199   8.999   1.00 31.64  ? 204 ILE A CG2 1 
ATOM   1434 C CD1 . ILE A 1 190 ? 8.063   2.226   7.399   1.00 32.77  ? 204 ILE A CD1 1 
ATOM   1435 N N   . LEU A 1 191 ? 13.771  0.978   7.203   1.00 26.99  ? 205 LEU A N   1 
ATOM   1436 C CA  . LEU A 1 191 ? 14.787  -0.002  7.655   1.00 29.09  ? 205 LEU A CA  1 
ATOM   1437 C C   . LEU A 1 191 ? 16.283  0.338   7.358   1.00 34.23  ? 205 LEU A C   1 
ATOM   1438 O O   . LEU A 1 191 ? 17.187  -0.320  7.905   1.00 33.52  ? 205 LEU A O   1 
ATOM   1439 C CB  . LEU A 1 191 ? 14.428  -1.366  7.086   1.00 29.86  ? 205 LEU A CB  1 
ATOM   1440 C CG  . LEU A 1 191 ? 13.026  -1.897  7.489   1.00 31.03  ? 205 LEU A CG  1 
ATOM   1441 C CD1 . LEU A 1 191 ? 12.782  -3.246  6.843   1.00 31.61  ? 205 LEU A CD1 1 
ATOM   1442 C CD2 . LEU A 1 191 ? 12.870  -2.019  9.002   1.00 31.92  ? 205 LEU A CD2 1 
ATOM   1443 N N   . GLU A 1 192 ? 16.564  1.326   6.503   1.00 30.93  ? 206 GLU A N   1 
ATOM   1444 C CA  . GLU A 1 192 ? 17.975  1.668   6.217   1.00 35.71  ? 206 GLU A CA  1 
ATOM   1445 C C   . GLU A 1 192 ? 18.701  2.150   7.458   1.00 35.05  ? 206 GLU A C   1 
ATOM   1446 O O   . GLU A 1 192 ? 18.146  2.870   8.289   1.00 34.26  ? 206 GLU A O   1 
ATOM   1447 C CB  . GLU A 1 192 ? 18.131  2.736   5.111   1.00 38.12  ? 206 GLU A CB  1 
ATOM   1448 C CG  . GLU A 1 192 ? 17.826  4.160   5.564   1.00 42.32  ? 206 GLU A CG  1 
ATOM   1449 C CD  . GLU A 1 192 ? 18.041  5.235   4.472   1.00 51.45  ? 206 GLU A CD  1 
ATOM   1450 O OE1 . GLU A 1 192 ? 18.815  4.981   3.518   1.00 46.35  ? 206 GLU A OE1 1 
ATOM   1451 O OE2 . GLU A 1 192 ? 17.449  6.341   4.597   1.00 51.08  ? 206 GLU A OE2 1 
ATOM   1452 N N   . LYS A 1 193 ? 19.974  1.788   7.554   1.00 38.43  ? 207 LYS A N   1 
ATOM   1453 C CA  . LYS A 1 193 ? 20.835  2.317   8.593   1.00 40.63  ? 207 LYS A CA  1 
ATOM   1454 C C   . LYS A 1 193 ? 20.263  2.173   9.985   1.00 40.17  ? 207 LYS A C   1 
ATOM   1455 O O   . LYS A 1 193 ? 20.081  3.155   10.654  1.00 45.62  ? 207 LYS A O   1 
ATOM   1456 C CB  . LYS A 1 193 ? 21.203  3.774   8.304   1.00 49.23  ? 207 LYS A CB  1 
ATOM   1457 C CG  . LYS A 1 193 ? 21.971  3.944   6.996   1.00 57.58  ? 207 LYS A CG  1 
ATOM   1458 C CD  . LYS A 1 193 ? 22.115  5.430   6.659   1.00 73.92  ? 207 LYS A CD  1 
ATOM   1459 C CE  . LYS A 1 193 ? 22.499  5.678   5.196   1.00 85.46  ? 207 LYS A CE  1 
ATOM   1460 N NZ  . LYS A 1 193 ? 21.864  6.922   4.647   1.00 94.84  ? 207 LYS A NZ  1 
ATOM   1461 N N   . LYS A 1 194 ? 19.977  0.946   10.414  1.00 43.83  ? 208 LYS A N   1 
ATOM   1462 C CA  . LYS A 1 194 ? 19.478  0.681   11.790  1.00 52.97  ? 208 LYS A CA  1 
ATOM   1463 C C   . LYS A 1 194 ? 20.435  -0.232  12.569  1.00 50.73  ? 208 LYS A C   1 
ATOM   1464 O O   . LYS A 1 194 ? 20.805  -1.296  12.046  1.00 42.98  ? 208 LYS A O   1 
ATOM   1465 C CB  . LYS A 1 194 ? 18.097  0.001   11.781  1.00 56.24  ? 208 LYS A CB  1 
ATOM   1466 C CG  . LYS A 1 194 ? 16.920  0.959   11.572  1.00 69.28  ? 208 LYS A CG  1 
ATOM   1467 C CD  . LYS A 1 194 ? 15.696  0.611   12.424  1.00 74.38  ? 208 LYS A CD  1 
ATOM   1468 C CE  . LYS A 1 194 ? 15.229  -0.821  12.195  1.00 77.13  ? 208 LYS A CE  1 
ATOM   1469 N NZ  . LYS A 1 194 ? 13.924  -1.031  12.868  1.00 86.16  ? 208 LYS A NZ  1 
ATOM   1470 N N   . PRO A 1 195 ? 20.768  0.146   13.832  1.00 56.71  ? 209 PRO A N   1 
ATOM   1471 C CA  . PRO A 1 195 ? 21.430  -0.774  14.784  1.00 63.60  ? 209 PRO A CA  1 
ATOM   1472 C C   . PRO A 1 195 ? 20.633  -2.080  15.001  1.00 64.65  ? 209 PRO A C   1 
ATOM   1473 O O   . PRO A 1 195 ? 19.414  -2.062  14.854  1.00 67.54  ? 209 PRO A O   1 
ATOM   1474 C CB  . PRO A 1 195 ? 21.489  0.049   16.083  1.00 63.98  ? 209 PRO A CB  1 
ATOM   1475 C CG  . PRO A 1 195 ? 21.412  1.489   15.660  1.00 65.16  ? 209 PRO A CG  1 
ATOM   1476 C CD  . PRO A 1 195 ? 20.537  1.486   14.435  1.00 62.31  ? 209 PRO A CD  1 
ATOM   1477 N N   . THR A 1 196 ? 21.311  -3.188  15.325  1.00 69.72  ? 210 THR A N   1 
ATOM   1478 C CA  . THR A 1 196 ? 20.655  -4.505  15.556  1.00 75.23  ? 210 THR A CA  1 
ATOM   1479 C C   . THR A 1 196 ? 20.731  -4.985  17.024  1.00 78.36  ? 210 THR A C   1 
ATOM   1480 O O   . THR A 1 196 ? 20.308  -4.304  17.952  1.00 80.17  ? 210 THR A O   1 
ATOM   1481 C CB  . THR A 1 196 ? 21.276  -5.608  14.669  1.00 73.09  ? 210 THR A CB  1 
ATOM   1482 O OG1 . THR A 1 196 ? 22.607  -5.896  15.114  1.00 72.32  ? 210 THR A OG1 1 
ATOM   1483 C CG2 . THR A 1 196 ? 21.332  -5.178  13.208  1.00 77.41  ? 210 THR A CG2 1 
HETATM 1484 C C   . ACT B 2 .   ? -0.811  -13.369 -7.746  1.00 67.26  ? 301 ACT A C   1 
HETATM 1485 O O   . ACT B 2 .   ? -1.532  -13.383 -6.725  1.00 72.59  ? 301 ACT A O   1 
HETATM 1486 O OXT . ACT B 2 .   ? 0.249   -14.007 -7.711  1.00 56.37  ? 301 ACT A OXT 1 
HETATM 1487 C CH3 . ACT B 2 .   ? -1.196  -12.595 -9.001  1.00 65.40  ? 301 ACT A CH3 1 
HETATM 1488 C C   . ACT C 2 .   ? -6.033  7.344   14.556  1.00 77.30  ? 302 ACT A C   1 
HETATM 1489 O O   . ACT C 2 .   ? -6.797  7.491   13.583  1.00 77.77  ? 302 ACT A O   1 
HETATM 1490 O OXT . ACT C 2 .   ? -5.929  6.217   15.098  1.00 82.48  ? 302 ACT A OXT 1 
HETATM 1491 C CH3 . ACT C 2 .   ? -5.244  8.521   15.068  1.00 72.83  ? 302 ACT A CH3 1 
HETATM 1492 S S   . DMS D 3 .   ? -12.664 -5.095  11.709  1.00 91.36  ? 303 DMS A S   1 
HETATM 1493 O O   . DMS D 3 .   ? -11.419 -5.297  12.575  1.00 42.82  ? 303 DMS A O   1 
HETATM 1494 C C1  . DMS D 3 .   ? -13.236 -3.481  11.521  1.00 66.86  ? 303 DMS A C1  1 
HETATM 1495 C C2  . DMS D 3 .   ? -12.543 -5.431  10.003  1.00 75.69  ? 303 DMS A C2  1 
HETATM 1496 S S   . DMS E 3 .   ? -2.356  0.462   18.430  1.00 82.86  ? 304 DMS A S   1 
HETATM 1497 O O   . DMS E 3 .   ? -2.295  -0.830  17.655  1.00 50.72  ? 304 DMS A O   1 
HETATM 1498 C C1  . DMS E 3 .   ? -2.649  0.227   20.107  1.00 65.38  ? 304 DMS A C1  1 
HETATM 1499 C C2  . DMS E 3 .   ? -0.808  1.203   18.468  1.00 81.71  ? 304 DMS A C2  1 
HETATM 1500 N N1  . H04 F 4 .   ? -3.254  0.063   -10.911 0.47 32.73  ? 305 H04 A N1  1 
HETATM 1501 C C4  . H04 F 4 .   ? -4.892  3.235   -11.736 0.47 30.96  ? 305 H04 A C4  1 
HETATM 1502 C C5  . H04 F 4 .   ? -4.551  3.374   -13.067 0.47 31.21  ? 305 H04 A C5  1 
HETATM 1503 C C6  . H04 F 4 .   ? -3.786  2.417   -13.696 0.47 30.46  ? 305 H04 A C6  1 
HETATM 1504 C C7  . H04 F 4 .   ? -3.333  1.305   -12.992 0.47 32.22  ? 305 H04 A C7  1 
HETATM 1505 C C8  . H04 F 4 .   ? -3.655  1.151   -11.646 0.47 30.83  ? 305 H04 A C8  1 
HETATM 1506 C C10 . H04 F 4 .   ? -1.905  -0.822  -8.989  0.47 31.75  ? 305 H04 A C10 1 
HETATM 1507 C C1  . H04 F 4 .   ? -5.504  2.660   -7.565  0.47 27.22  ? 305 H04 A C1  1 
HETATM 1508 C C2  . H04 F 4 .   ? -5.388  3.021   -9.013  0.47 29.34  ? 305 H04 A C2  1 
HETATM 1509 O O1  . H04 F 4 .   ? -4.751  1.941   -9.706  0.47 29.46  ? 305 H04 A O1  1 
HETATM 1510 C C3  . H04 F 4 .   ? -4.444  2.135   -11.020 0.47 30.23  ? 305 H04 A C3  1 
HETATM 1511 C C9  . H04 F 4 .   ? -2.854  0.235   -9.504  0.47 33.60  ? 305 H04 A C9  1 
HETATM 1512 N N2  . H04 F 4 .   ? -2.283  -2.188  -9.413  0.47 30.19  ? 305 H04 A N2  1 
HETATM 1513 C C11 . H04 F 4 .   ? -2.367  -2.271  -10.884 0.47 32.26  ? 305 H04 A C11 1 
HETATM 1514 C C12 . H04 F 4 .   ? -3.389  -1.305  -11.433 0.47 32.48  ? 305 H04 A C12 1 
HETATM 1515 O O   . HOH G 5 .   ? -2.296  21.321  -4.374  1.00 74.04  ? 401 HOH A O   1 
HETATM 1516 O O   . HOH G 5 .   ? 20.634  3.743   2.840   1.00 48.92  ? 402 HOH A O   1 
HETATM 1517 O O   . HOH G 5 .   ? -5.664  20.902  -3.504  1.00 58.05  ? 403 HOH A O   1 
HETATM 1518 O O   . HOH G 5 .   ? -0.773  20.956  -6.465  1.00 39.63  ? 404 HOH A O   1 
HETATM 1519 O O   . HOH G 5 .   ? 2.973   -11.340 -11.884 1.00 78.37  ? 405 HOH A O   1 
HETATM 1520 O O   . HOH G 5 .   ? -15.479 -6.190  4.416   1.00 52.94  ? 406 HOH A O   1 
HETATM 1521 O O   . HOH G 5 .   ? -6.142  1.264   19.714  1.00 54.06  ? 407 HOH A O   1 
HETATM 1522 O O   . HOH G 5 .   ? -1.125  -3.682  -13.431 1.00 106.93 ? 408 HOH A O   1 
HETATM 1523 O O   . HOH G 5 .   ? 7.841   -4.942  -12.089 1.00 48.61  ? 409 HOH A O   1 
HETATM 1524 O O   . HOH G 5 .   ? 2.925   -22.139 -3.805  1.00 83.00  ? 410 HOH A O   1 
HETATM 1525 O O   . HOH G 5 .   ? 1.698   14.251  -16.386 1.00 32.92  ? 411 HOH A O   1 
HETATM 1526 O O   . HOH G 5 .   ? 11.271  -4.343  -13.697 1.00 73.06  ? 412 HOH A O   1 
HETATM 1527 O O   . HOH G 5 .   ? -4.676  -15.898 -3.336  1.00 57.97  ? 413 HOH A O   1 
HETATM 1528 O O   . HOH G 5 .   ? 5.188   2.353   20.326  1.00 57.54  ? 414 HOH A O   1 
HETATM 1529 O O   . HOH G 5 .   ? 2.524   12.567  10.830  1.00 56.42  ? 415 HOH A O   1 
HETATM 1530 O O   . HOH G 5 .   ? -1.636  -17.010 1.965   1.00 59.96  ? 416 HOH A O   1 
HETATM 1531 O O   . HOH G 5 .   ? 18.133  -4.065  -0.439  1.00 67.52  ? 417 HOH A O   1 
HETATM 1532 O O   . HOH G 5 .   ? -13.640 -12.272 -5.486  1.00 51.61  ? 418 HOH A O   1 
HETATM 1533 O O   . HOH G 5 .   ? -12.377 11.655  -9.728  1.00 63.75  ? 419 HOH A O   1 
HETATM 1534 O O   . HOH G 5 .   ? 19.291  -3.220  11.143  1.00 45.53  ? 420 HOH A O   1 
HETATM 1535 O O   . HOH G 5 .   ? 15.296  6.976   5.943   1.00 37.44  ? 421 HOH A O   1 
HETATM 1536 O O   . HOH G 5 .   ? 7.624   9.474   16.059  1.00 48.14  ? 422 HOH A O   1 
HETATM 1537 O O   . HOH G 5 .   ? -8.514  16.901  -11.548 1.00 37.26  ? 423 HOH A O   1 
HETATM 1538 O O   . HOH G 5 .   ? 10.599  0.812   13.170  1.00 43.69  ? 424 HOH A O   1 
HETATM 1539 O O   . HOH G 5 .   ? -11.276 12.055  -13.781 1.00 52.82  ? 425 HOH A O   1 
HETATM 1540 O O   . HOH G 5 .   ? -8.824  -7.924  18.814  1.00 74.96  ? 426 HOH A O   1 
HETATM 1541 O O   . HOH G 5 .   ? -7.696  -1.466  19.522  1.00 36.35  ? 427 HOH A O   1 
HETATM 1542 O O   . HOH G 5 .   ? -1.510  4.791   15.596  1.00 48.04  ? 428 HOH A O   1 
HETATM 1543 O O   . HOH G 5 .   ? 1.365   -6.492  -8.634  1.00 31.51  ? 429 HOH A O   1 
HETATM 1544 O O   . HOH G 5 .   ? -13.630 15.006  -4.092  1.00 35.31  ? 430 HOH A O   1 
HETATM 1545 O O   . HOH G 5 .   ? 19.473  -9.650  -1.932  1.00 59.40  ? 431 HOH A O   1 
HETATM 1546 O O   . HOH G 5 .   ? -14.616 10.178  1.633   1.00 35.47  ? 432 HOH A O   1 
HETATM 1547 O O   . HOH G 5 .   ? 12.298  1.811   -8.006  1.00 34.62  ? 433 HOH A O   1 
HETATM 1548 O O   . HOH G 5 .   ? -14.181 5.564   -6.309  1.00 52.85  ? 434 HOH A O   1 
HETATM 1549 O O   . HOH G 5 .   ? 0.586   -4.885  -10.909 1.00 49.76  ? 435 HOH A O   1 
HETATM 1550 O O   . HOH G 5 .   ? 1.384   -13.926 3.731   1.00 49.11  ? 436 HOH A O   1 
HETATM 1551 O O   . HOH G 5 .   ? -15.720 -3.089  9.028   1.00 53.55  ? 437 HOH A O   1 
HETATM 1552 O O   . HOH G 5 .   ? 8.925   -17.323 -3.328  1.00 55.84  ? 438 HOH A O   1 
HETATM 1553 O O   . HOH G 5 .   ? -11.830 2.992   -8.504  1.00 36.87  ? 439 HOH A O   1 
HETATM 1554 O O   . HOH G 5 .   ? 10.588  13.187  11.709  1.00 47.76  ? 440 HOH A O   1 
HETATM 1555 O O   . HOH G 5 .   ? -0.303  -3.039  14.149  1.00 41.01  ? 441 HOH A O   1 
HETATM 1556 O O   . HOH G 5 .   ? 14.067  -12.072 1.997   1.00 48.20  ? 442 HOH A O   1 
HETATM 1557 O O   . HOH G 5 .   ? 12.517  16.385  5.195   1.00 57.75  ? 443 HOH A O   1 
HETATM 1558 O O   . HOH G 5 .   ? 8.142   -14.572 5.438   1.00 48.96  ? 444 HOH A O   1 
HETATM 1559 O O   . HOH G 5 .   ? -15.240 -0.541  -15.080 1.00 100.21 ? 445 HOH A O   1 
HETATM 1560 O O   . HOH G 5 .   ? -3.996  -0.009  -5.827  1.00 45.63  ? 446 HOH A O   1 
HETATM 1561 O O   . HOH G 5 .   ? 0.568   14.500  4.100   1.00 57.40  ? 447 HOH A O   1 
HETATM 1562 O O   . HOH G 5 .   ? -12.923 -12.683 -0.993  1.00 38.16  ? 448 HOH A O   1 
HETATM 1563 O O   . HOH G 5 .   ? -12.273 -1.993  -12.310 1.00 55.42  ? 449 HOH A O   1 
HETATM 1564 O O   . HOH G 5 .   ? -6.532  10.986  -5.481  1.00 32.31  ? 450 HOH A O   1 
HETATM 1565 O O   . HOH G 5 .   ? -4.172  11.725  -6.961  1.00 30.08  ? 451 HOH A O   1 
HETATM 1566 O O   . HOH G 5 .   ? 2.161   23.354  -4.728  1.00 44.05  ? 452 HOH A O   1 
HETATM 1567 O O   . HOH G 5 .   ? -10.108 0.145   -6.966  1.00 38.07  ? 453 HOH A O   1 
HETATM 1568 O O   . HOH G 5 .   ? -9.255  13.137  5.048   1.00 47.32  ? 454 HOH A O   1 
HETATM 1569 O O   . HOH G 5 .   ? 9.728   -1.156  20.040  1.00 50.03  ? 455 HOH A O   1 
HETATM 1570 O O   . HOH G 5 .   ? -10.592 3.266   6.223   1.00 38.77  ? 456 HOH A O   1 
HETATM 1571 O O   . HOH G 5 .   ? 0.816   -24.931 -0.437  1.00 44.96  ? 457 HOH A O   1 
HETATM 1572 O O   . HOH G 5 .   ? 1.832   -16.843 -7.591  1.00 70.63  ? 458 HOH A O   1 
HETATM 1573 O O   . HOH G 5 .   ? 15.866  -8.678  4.499   1.00 50.75  ? 459 HOH A O   1 
HETATM 1574 O O   . HOH G 5 .   ? 16.348  -13.061 -6.567  1.00 56.38  ? 460 HOH A O   1 
HETATM 1575 O O   . HOH G 5 .   ? -3.290  2.995   14.174  1.00 39.79  ? 461 HOH A O   1 
HETATM 1576 O O   . HOH G 5 .   ? 12.573  2.446   11.784  1.00 39.89  ? 462 HOH A O   1 
HETATM 1577 O O   . HOH G 5 .   ? 15.651  -4.217  -2.680  1.00 39.92  ? 463 HOH A O   1 
HETATM 1578 O O   . HOH G 5 .   ? 5.851   9.114   -11.766 1.00 41.75  ? 464 HOH A O   1 
HETATM 1579 O O   . HOH G 5 .   ? -18.958 7.257   -2.336  1.00 42.26  ? 465 HOH A O   1 
HETATM 1580 O O   . HOH G 5 .   ? 17.448  -9.846  -3.620  1.00 52.79  ? 466 HOH A O   1 
HETATM 1581 O O   . HOH G 5 .   ? -17.343 9.538   1.424   1.00 40.96  ? 467 HOH A O   1 
HETATM 1582 O O   . HOH G 5 .   ? -6.946  17.654  -3.485  1.00 71.11  ? 468 HOH A O   1 
HETATM 1583 O O   . HOH G 5 .   ? -13.005 8.654   3.516   1.00 33.72  ? 469 HOH A O   1 
HETATM 1584 O O   . HOH G 5 .   ? -6.135  -9.072  8.749   1.00 57.88  ? 470 HOH A O   1 
HETATM 1585 O O   . HOH G 5 .   ? 8.876   -2.085  -11.960 1.00 44.24  ? 471 HOH A O   1 
HETATM 1586 O O   . HOH G 5 .   ? -9.183  7.918   -14.893 1.00 64.42  ? 472 HOH A O   1 
HETATM 1587 O O   . HOH G 5 .   ? -14.336 -12.820 3.195   1.00 45.51  ? 473 HOH A O   1 
HETATM 1588 O O   . HOH G 5 .   ? 16.732  -2.594  9.572   1.00 36.81  ? 474 HOH A O   1 
HETATM 1589 O O   . HOH G 5 .   ? -4.122  -5.960  12.382  1.00 54.79  ? 475 HOH A O   1 
HETATM 1590 O O   . HOH G 5 .   ? -9.547  -1.955  16.372  1.00 44.42  ? 476 HOH A O   1 
HETATM 1591 O O   . HOH G 5 .   ? 0.797   16.263  -3.027  1.00 47.17  ? 477 HOH A O   1 
HETATM 1592 O O   . HOH G 5 .   ? -3.440  16.286  -8.603  1.00 32.31  ? 478 HOH A O   1 
HETATM 1593 O O   . HOH G 5 .   ? -10.187 -4.217  -5.555  1.00 38.57  ? 479 HOH A O   1 
HETATM 1594 O O   . HOH G 5 .   ? -10.282 12.667  -11.015 1.00 37.93  ? 480 HOH A O   1 
HETATM 1595 O O   . HOH G 5 .   ? 23.525  -2.165  11.431  1.00 36.08  ? 481 HOH A O   1 
HETATM 1596 O O   . HOH G 5 .   ? -19.996 -8.368  -1.546  1.00 59.65  ? 482 HOH A O   1 
HETATM 1597 O O   . HOH G 5 .   ? 9.993   -6.802  8.639   1.00 32.92  ? 483 HOH A O   1 
HETATM 1598 O O   . HOH G 5 .   ? 10.916  -9.237  9.183   1.00 39.19  ? 484 HOH A O   1 
HETATM 1599 O O   . HOH G 5 .   ? -7.084  -1.546  -4.966  1.00 49.85  ? 485 HOH A O   1 
HETATM 1600 O O   . HOH G 5 .   ? 9.231   -16.011 0.034   1.00 44.43  ? 486 HOH A O   1 
HETATM 1601 O O   . HOH G 5 .   ? 2.816   5.891   -18.278 1.00 52.08  ? 487 HOH A O   1 
HETATM 1602 O O   . HOH G 5 .   ? -5.552  9.280   10.185  1.00 46.01  ? 488 HOH A O   1 
HETATM 1603 O O   . HOH G 5 .   ? -2.997  13.455  -22.554 1.00 56.42  ? 489 HOH A O   1 
HETATM 1604 O O   . HOH G 5 .   ? -8.183  7.866   10.128  1.00 46.67  ? 490 HOH A O   1 
HETATM 1605 O O   . HOH G 5 .   ? -16.315 3.003   2.480   1.00 44.18  ? 491 HOH A O   1 
HETATM 1606 O O   . HOH G 5 .   ? 13.339  7.168   13.744  1.00 55.93  ? 492 HOH A O   1 
HETATM 1607 O O   . HOH G 5 .   ? -0.731  14.381  -4.572  1.00 53.42  ? 493 HOH A O   1 
HETATM 1608 O O   . HOH G 5 .   ? 23.840  -8.199  13.698  1.00 56.77  ? 494 HOH A O   1 
HETATM 1609 O O   . HOH G 5 .   ? -2.877  15.076  -20.338 1.00 44.95  ? 495 HOH A O   1 
HETATM 1610 O O   . HOH G 5 .   ? -15.395 8.345   -8.896  1.00 55.72  ? 496 HOH A O   1 
HETATM 1611 O O   . HOH G 5 .   ? -5.025  14.393  1.542   1.00 36.53  ? 497 HOH A O   1 
HETATM 1612 O O   . HOH G 5 .   ? -12.452 -13.290 -7.977  1.00 51.07  ? 498 HOH A O   1 
HETATM 1613 O O   . HOH G 5 .   ? -0.857  -0.411  -5.498  1.00 21.91  ? 499 HOH A O   1 
HETATM 1614 O O   . HOH G 5 .   ? -15.148 -2.959  -12.664 1.00 58.02  ? 500 HOH A O   1 
HETATM 1615 O O   . HOH G 5 .   ? -5.188  15.543  -17.362 1.00 72.70  ? 501 HOH A O   1 
HETATM 1616 O O   . HOH G 5 .   ? -4.165  -21.719 3.610   1.00 45.94  ? 502 HOH A O   1 
HETATM 1617 O O   . HOH G 5 .   ? -5.501  3.221   15.166  1.00 65.88  ? 503 HOH A O   1 
HETATM 1618 O O   . HOH G 5 .   ? -5.835  16.432  -1.405  1.00 38.80  ? 504 HOH A O   1 
HETATM 1619 O O   . HOH G 5 .   ? -1.836  -16.991 6.431   1.00 54.67  ? 505 HOH A O   1 
HETATM 1620 O O   . HOH G 5 .   ? -8.959  18.590  -1.756  1.00 58.93  ? 506 HOH A O   1 
HETATM 1621 O O   . HOH G 5 .   ? -16.772 3.140   12.270  1.00 63.43  ? 507 HOH A O   1 
HETATM 1622 O O   . HOH G 5 .   ? -16.461 -3.862  3.599   1.00 48.82  ? 508 HOH A O   1 
HETATM 1623 O O   . HOH G 5 .   ? 11.050  -2.034  12.461  1.00 57.51  ? 509 HOH A O   1 
HETATM 1624 O O   . HOH G 5 .   ? -6.453  18.550  -17.718 1.00 56.61  ? 510 HOH A O   1 
HETATM 1625 O O   . HOH G 5 .   ? -7.739  18.488  -9.631  1.00 58.61  ? 511 HOH A O   1 
HETATM 1626 O O   . HOH G 5 .   ? 12.849  0.415   15.395  1.00 63.27  ? 512 HOH A O   1 
HETATM 1627 O O   . HOH G 5 .   ? -8.007  17.998  -6.836  1.00 69.45  ? 513 HOH A O   1 
HETATM 1628 O O   . HOH G 5 .   ? -17.400 0.740   3.182   1.00 56.77  ? 514 HOH A O   1 
HETATM 1629 O O   . HOH G 5 .   ? -1.287  -13.251 5.520   1.00 28.63  ? 515 HOH A O   1 
HETATM 1630 O O   . HOH G 5 .   ? -6.030  -0.728  -7.375  1.00 50.21  ? 516 HOH A O   1 
HETATM 1631 O O   . HOH G 5 .   ? 5.897   -13.005 9.290   1.00 57.82  ? 517 HOH A O   1 
HETATM 1632 O O   . HOH G 5 .   ? 10.531  -4.481  10.833  1.00 33.09  ? 518 HOH A O   1 
HETATM 1633 O O   . HOH G 5 .   ? -6.094  18.358  2.902   1.00 75.05  ? 519 HOH A O   1 
HETATM 1634 O O   . HOH G 5 .   ? -14.467 4.623   12.858  1.00 60.30  ? 520 HOH A O   1 
HETATM 1635 O O   . HOH G 5 .   ? -16.648 5.758   8.069   1.00 65.20  ? 521 HOH A O   1 
HETATM 1636 O O   . HOH G 5 .   ? -5.364  -8.065  21.928  1.00 56.45  ? 522 HOH A O   1 
HETATM 1637 O O   . HOH G 5 .   ? 6.006   8.748   -15.769 1.00 45.03  ? 523 HOH A O   1 
HETATM 1638 O O   . HOH G 5 .   ? 0.931   -1.925  -10.219 1.00 70.00  ? 524 HOH A O   1 
HETATM 1639 O O   . HOH G 5 .   ? 8.678   13.038  13.919  1.00 62.57  ? 525 HOH A O   1 
HETATM 1640 O O   . HOH G 5 .   ? -3.934  -8.128  19.094  1.00 63.27  ? 526 HOH A O   1 
HETATM 1641 O O   . HOH G 5 .   ? -14.464 13.549  -8.206  1.00 50.89  ? 527 HOH A O   1 
HETATM 1642 O O   . HOH G 5 .   ? 15.696  11.647  5.432   1.00 55.41  ? 528 HOH A O   1 
HETATM 1643 O O   . HOH G 5 .   ? -10.188 15.260  -10.327 1.00 56.49  ? 529 HOH A O   1 
HETATM 1644 O O   . HOH G 5 .   ? -16.048 5.418   3.822   1.00 56.21  ? 530 HOH A O   1 
HETATM 1645 O O   . HOH G 5 .   ? -2.371  15.041  -0.694  1.00 58.52  ? 531 HOH A O   1 
HETATM 1646 O O   . HOH G 5 .   ? -9.963  18.178  4.652   1.00 72.05  ? 532 HOH A O   1 
HETATM 1647 O O   . HOH G 5 .   ? -12.039 -2.434  -5.639  1.00 60.46  ? 533 HOH A O   1 
HETATM 1648 O O   . HOH G 5 .   ? 5.280   -21.346 9.906   1.00 57.92  ? 534 HOH A O   1 
HETATM 1649 O O   . HOH G 5 .   ? -11.487 -14.086 0.825   1.00 41.87  ? 535 HOH A O   1 
HETATM 1650 O O   . HOH G 5 .   ? 24.638  -2.522  13.987  1.00 54.15  ? 536 HOH A O   1 
HETATM 1651 O O   . HOH G 5 .   ? 13.946  9.671   12.099  1.00 61.17  ? 537 HOH A O   1 
HETATM 1652 O O   . HOH G 5 .   ? -11.394 4.387   18.961  1.00 47.31  ? 538 HOH A O   1 
HETATM 1653 O O   . HOH G 5 .   ? -18.526 4.615   -2.967  1.00 56.44  ? 539 HOH A O   1 
HETATM 1654 O O   . HOH G 5 .   ? 14.206  4.326   13.432  1.00 57.08  ? 540 HOH A O   1 
HETATM 1655 O O   . HOH G 5 .   ? 9.977   15.033  10.187  1.00 77.51  ? 541 HOH A O   1 
HETATM 1656 O O   . HOH G 5 .   ? 26.117  -4.623  14.115  1.00 53.33  ? 542 HOH A O   1 
HETATM 1657 O O   . HOH G 5 .   ? 22.924  -9.023  -1.007  1.00 67.33  ? 543 HOH A O   1 
HETATM 1658 O O   . HOH G 5 .   ? 3.719   -4.490  -14.341 1.00 65.11  ? 544 HOH A O   1 
HETATM 1659 O O   . HOH G 5 .   ? 4.578   -25.105 3.556   1.00 64.25  ? 545 HOH A O   1 
HETATM 1660 O O   . HOH G 5 .   ? -17.981 3.731   0.433   1.00 50.58  ? 546 HOH A O   1 
HETATM 1661 O O   . HOH G 5 .   ? -0.968  12.743  5.189   1.00 54.00  ? 547 HOH A O   1 
HETATM 1662 O O   . HOH G 5 .   ? 11.561  -11.206 6.641   1.00 52.86  ? 548 HOH A O   1 
HETATM 1663 O O   . HOH G 5 .   ? 0.478   1.035   -12.346 1.00 71.32  ? 549 HOH A O   1 
HETATM 1664 O O   . HOH G 5 .   ? -3.831  14.123  4.047   1.00 70.15  ? 550 HOH A O   1 
HETATM 1665 O O   . HOH G 5 .   ? 7.908   -14.409 8.636   1.00 55.08  ? 551 HOH A O   1 
HETATM 1666 O O   . HOH G 5 .   ? 10.488  -12.403 4.752   1.00 45.57  ? 552 HOH A O   1 
HETATM 1667 O O   . HOH G 5 .   ? 4.740   3.253   -11.966 1.00 64.18  ? 553 HOH A O   1 
HETATM 1668 O O   . HOH G 5 .   ? 5.108   -1.982  -14.900 1.00 75.11  ? 554 HOH A O   1 
HETATM 1669 O O   . HOH G 5 .   ? 13.365  -8.863  10.129  1.00 52.60  ? 555 HOH A O   1 
HETATM 1670 O O   . HOH G 5 .   ? 16.596  -7.085  7.390   1.00 51.64  ? 556 HOH A O   1 
HETATM 1671 O O   . HOH G 5 .   ? 12.456  -13.522 3.048   1.00 62.55  ? 557 HOH A O   1 
HETATM 1672 O O   . HOH G 5 .   ? 13.099  -5.701  10.090  1.00 47.58  ? 558 HOH A O   1 
HETATM 1673 O O   . HOH G 5 .   ? 15.628  -4.981  8.602   1.00 41.25  ? 559 HOH A O   1 
HETATM 1674 O O   . HOH G 5 .   ? -6.556  11.126  7.071   1.00 70.92  ? 560 HOH A O   1 
HETATM 1675 O O   . HOH G 5 .   ? 15.608  -9.232  8.636   1.00 43.53  ? 561 HOH A O   1 
# 
loop_
_pdbx_poly_seq_scheme.asym_id 
_pdbx_poly_seq_scheme.entity_id 
_pdbx_poly_seq_scheme.seq_id 
_pdbx_poly_seq_scheme.mon_id 
_pdbx_poly_seq_scheme.ndb_seq_num 
_pdbx_poly_seq_scheme.pdb_seq_num 
_pdbx_poly_seq_scheme.auth_seq_num 
_pdbx_poly_seq_scheme.pdb_mon_id 
_pdbx_poly_seq_scheme.auth_mon_id 
_pdbx_poly_seq_scheme.pdb_strand_id 
_pdbx_poly_seq_scheme.pdb_ins_code 
_pdbx_poly_seq_scheme.hetero 
A 1 1   SER 1   15  15  SER SER A . n 
A 1 2   MET 2   16  16  MET MET A . n 
A 1 3   LEU 3   17  17  LEU LEU A . n 
A 1 4   ASP 4   18  18  ASP ASP A . n 
A 1 5   ASP 5   19  19  ASP ASP A . n 
A 1 6   ALA 6   20  20  ALA ALA A . n 
A 1 7   LYS 7   21  21  LYS LYS A . n 
A 1 8   ALA 8   22  22  ALA ALA A . n 
A 1 9   ARG 9   23  23  ARG ARG A . n 
A 1 10  LEU 10  24  24  LEU LEU A . n 
A 1 11  ARG 11  25  25  ARG ARG A . n 
A 1 12  LYS 12  26  26  LYS LYS A . n 
A 1 13  TYR 13  27  27  TYR TYR A . n 
A 1 14  ASP 14  28  28  ASP ASP A . n 
A 1 15  ILE 15  29  29  ILE ILE A . n 
A 1 16  GLY 16  30  30  GLY GLY A . n 
A 1 17  GLY 17  31  31  GLY GLY A . n 
A 1 18  LYS 18  32  32  LYS LYS A . n 
A 1 19  TYR 19  33  33  TYR TYR A . n 
A 1 20  SER 20  34  34  SER SER A . n 
A 1 21  HIS 21  35  35  HIS HIS A . n 
A 1 22  LEU 22  36  36  LEU LEU A . n 
A 1 23  PRO 23  37  37  PRO PRO A . n 
A 1 24  TYR 24  38  38  TYR TYR A . n 
A 1 25  ASN 25  39  39  ASN ASN A . n 
A 1 26  LYS 26  40  40  LYS LYS A . n 
A 1 27  TYR 27  41  41  TYR TYR A . n 
A 1 28  SER 28  42  42  SER SER A . n 
A 1 29  VAL 29  43  43  VAL VAL A . n 
A 1 30  LEU 30  44  44  LEU LEU A . n 
A 1 31  LEU 31  45  45  LEU LEU A . n 
A 1 32  PRO 32  46  46  PRO PRO A . n 
A 1 33  LEU 33  47  47  LEU LEU A . n 
A 1 34  VAL 34  48  48  VAL VAL A . n 
A 1 35  ALA 35  49  49  ALA ALA A . n 
A 1 36  LYS 36  50  50  LYS LYS A . n 
A 1 37  GLU 37  51  51  GLU GLU A . n 
A 1 38  GLY 38  52  52  GLY GLY A . n 
A 1 39  LYS 39  53  53  LYS LYS A . n 
A 1 40  LEU 40  54  54  LEU LEU A . n 
A 1 41  HIS 41  55  55  HIS HIS A . n 
A 1 42  LEU 42  56  56  LEU LEU A . n 
A 1 43  LEU 43  57  57  LEU LEU A . n 
A 1 44  PHE 44  58  58  PHE PHE A . n 
A 1 45  THR 45  59  59  THR THR A . n 
A 1 46  VAL 46  60  60  VAL VAL A . n 
A 1 47  ARG 47  61  61  ARG ARG A . n 
A 1 48  SER 48  62  62  SER SER A . n 
A 1 49  GLU 49  63  63  GLU GLU A . n 
A 1 50  LYS 50  64  64  LYS LYS A . n 
A 1 51  LEU 51  65  65  LEU LEU A . n 
A 1 52  ARG 52  66  66  ARG ARG A . n 
A 1 53  ARG 53  67  67  ARG ARG A . n 
A 1 54  ALA 54  68  68  ALA ALA A . n 
A 1 55  PRO 55  69  69  PRO PRO A . n 
A 1 56  GLY 56  70  70  GLY GLY A . n 
A 1 57  GLU 57  71  71  GLU GLU A . n 
A 1 58  VAL 58  72  72  VAL VAL A . n 
A 1 59  CYS 59  73  73  CYS CYS A . n 
A 1 60  PHE 60  74  74  PHE PHE A . n 
A 1 61  PRO 61  75  75  PRO PRO A . n 
A 1 62  GLY 62  76  76  GLY GLY A . n 
A 1 63  GLY 63  77  77  GLY GLY A . n 
A 1 64  LYS 64  78  78  LYS LYS A . n 
A 1 65  ARG 65  79  79  ARG ARG A . n 
A 1 66  ASP 66  80  80  ASP ASP A . n 
A 1 67  PRO 67  81  81  PRO PRO A . n 
A 1 68  THR 68  82  82  THR THR A . n 
A 1 69  ASP 69  83  83  ASP ASP A . n 
A 1 70  MET 70  84  84  MET MET A . n 
A 1 71  ASP 71  85  85  ASP ASP A . n 
A 1 72  ASP 72  86  86  ASP ASP A . n 
A 1 73  ALA 73  87  87  ALA ALA A . n 
A 1 74  ALA 74  88  88  ALA ALA A . n 
A 1 75  THR 75  89  89  THR THR A . n 
A 1 76  ALA 76  90  90  ALA ALA A . n 
A 1 77  LEU 77  91  91  LEU LEU A . n 
A 1 78  ARG 78  92  92  ARG ARG A . n 
A 1 79  GLU 79  93  93  GLU GLU A . n 
A 1 80  ALA 80  94  94  ALA ALA A . n 
A 1 81  GLN 81  95  95  GLN GLN A . n 
A 1 82  GLU 82  96  96  GLU GLU A . n 
A 1 83  GLU 83  97  97  GLU GLU A . n 
A 1 84  VAL 84  98  98  VAL VAL A . n 
A 1 85  GLY 85  99  99  GLY GLY A . n 
A 1 86  LEU 86  100 100 LEU LEU A . n 
A 1 87  ARG 87  101 101 ARG ARG A . n 
A 1 88  HYP 88  102 102 HYP HYP A . n 
A 1 89  HIS 89  103 103 HIS HIS A . n 
A 1 90  GLN 90  104 104 GLN GLN A . n 
A 1 91  VAL 91  105 105 VAL VAL A . n 
A 1 92  GLU 92  106 106 GLU GLU A . n 
A 1 93  VAL 93  107 107 VAL VAL A . n 
A 1 94  VAL 94  108 108 VAL VAL A . n 
A 1 95  CSO 95  109 109 CSO CSO A . n 
A 1 96  CYS 96  110 110 CYS CYS A . n 
A 1 97  LEU 97  111 111 LEU LEU A . n 
A 1 98  VAL 98  112 112 VAL VAL A . n 
A 1 99  PRO 99  113 113 PRO PRO A . n 
A 1 100 CYS 100 114 114 CYS CYS A . n 
A 1 101 LEU 101 115 115 LEU LEU A . n 
A 1 102 ILE 102 116 116 ILE ILE A . n 
A 1 103 ASP 103 117 117 ASP ASP A . n 
A 1 104 THR 104 118 118 THR THR A . n 
A 1 105 ASP 105 119 119 ASP ASP A . n 
A 1 106 THR 106 120 120 THR THR A . n 
A 1 107 LEU 107 121 121 LEU LEU A . n 
A 1 108 ILE 108 122 122 ILE ILE A . n 
A 1 109 THR 109 123 123 THR THR A . n 
A 1 110 PRO 110 124 124 PRO PRO A . n 
A 1 111 PHE 111 125 125 PHE PHE A . n 
A 1 112 VAL 112 126 126 VAL VAL A . n 
A 1 113 GLY 113 127 127 GLY GLY A . n 
A 1 114 LEU 114 128 128 LEU LEU A . n 
A 1 115 ILE 115 129 129 ILE ILE A . n 
A 1 116 ASP 116 130 130 ASP ASP A . n 
A 1 117 HIS 117 131 131 HIS HIS A . n 
A 1 118 ASN 118 132 132 ASN ASN A . n 
A 1 119 PHE 119 133 133 PHE PHE A . n 
A 1 120 GLN 120 134 134 GLN GLN A . n 
A 1 121 ALA 121 135 135 ALA ALA A . n 
A 1 122 GLN 122 136 136 GLN GLN A . n 
A 1 123 PRO 123 137 137 PRO PRO A . n 
A 1 124 ASN 124 138 138 ASN ASN A . n 
A 1 125 PRO 125 139 139 PRO PRO A . n 
A 1 126 ALA 126 140 140 ALA ALA A . n 
A 1 127 GLU 127 141 141 GLU GLU A . n 
A 1 128 VAL 128 142 142 VAL VAL A . n 
A 1 129 LYS 129 143 143 LYS LYS A . n 
A 1 130 ASP 130 144 144 ASP ASP A . n 
A 1 131 VAL 131 145 145 VAL VAL A . n 
A 1 132 PHE 132 146 146 PHE PHE A . n 
A 1 133 LEU 133 147 147 LEU LEU A . n 
A 1 134 VAL 134 148 148 VAL VAL A . n 
A 1 135 PRO 135 149 149 PRO PRO A . n 
A 1 136 LEU 136 150 150 LEU LEU A . n 
A 1 137 ALA 137 151 151 ALA ALA A . n 
A 1 138 TYR 138 152 152 TYR TYR A . n 
A 1 139 PHE 139 153 153 PHE PHE A . n 
A 1 140 LEU 140 154 154 LEU LEU A . n 
A 1 141 HIS 141 155 155 HIS HIS A . n 
A 1 142 PRO 142 156 156 PRO PRO A . n 
A 1 143 GLN 143 157 157 GLN GLN A . n 
A 1 144 VAL 144 158 158 VAL VAL A . n 
A 1 145 HIS 145 159 159 HIS HIS A . n 
A 1 146 ASP 146 160 160 ASP ASP A . n 
A 1 147 GLN 147 161 161 GLN GLN A . n 
A 1 148 HIS 148 162 ?   ?   ?   A . n 
A 1 149 TYR 149 163 ?   ?   ?   A . n 
A 1 150 VAL 150 164 ?   ?   ?   A . n 
A 1 151 THR 151 165 ?   ?   ?   A . n 
A 1 152 ARG 152 166 ?   ?   ?   A . n 
A 1 153 LEU 153 167 ?   ?   ?   A . n 
A 1 154 GLY 154 168 ?   ?   ?   A . n 
A 1 155 HIS 155 169 ?   ?   ?   A . n 
A 1 156 ARG 156 170 ?   ?   ?   A . n 
A 1 157 PHE 157 171 ?   ?   ?   A . n 
A 1 158 ILE 158 172 172 ILE ILE A . n 
A 1 159 ASN 159 173 173 ASN ASN A . n 
A 1 160 HIS 160 174 174 HIS HIS A . n 
A 1 161 ILE 161 175 175 ILE ILE A . n 
A 1 162 PHE 162 176 176 PHE PHE A . n 
A 1 163 GLU 163 177 177 GLU GLU A . n 
A 1 164 TYR 164 178 178 TYR TYR A . n 
A 1 165 THR 165 179 179 THR THR A . n 
A 1 166 ASN 166 180 180 ASN ASN A . n 
A 1 167 PRO 167 181 181 PRO PRO A . n 
A 1 168 GLU 168 182 182 GLU GLU A . n 
A 1 169 ASP 169 183 183 ASP ASP A . n 
A 1 170 GLY 170 184 184 GLY GLY A . n 
A 1 171 VAL 171 185 185 VAL VAL A . n 
A 1 172 THR 172 186 186 THR THR A . n 
A 1 173 TYR 173 187 187 TYR TYR A . n 
A 1 174 GLN 174 188 188 GLN GLN A . n 
A 1 175 ILE 175 189 189 ILE ILE A . n 
A 1 176 LYS 176 190 190 LYS LYS A . n 
A 1 177 GLY 177 191 191 GLY GLY A . n 
A 1 178 MET 178 192 192 MET MET A . n 
A 1 179 THR 179 193 193 THR THR A . n 
A 1 180 ALA 180 194 194 ALA ALA A . n 
A 1 181 ASN 181 195 195 ASN ASN A . n 
A 1 182 LEU 182 196 196 LEU LEU A . n 
A 1 183 ALA 183 197 197 ALA ALA A . n 
A 1 184 VAL 184 198 198 VAL VAL A . n 
A 1 185 LEU 185 199 199 LEU LEU A . n 
A 1 186 VAL 186 200 200 VAL VAL A . n 
A 1 187 ALA 187 201 201 ALA ALA A . n 
A 1 188 PHE 188 202 202 PHE PHE A . n 
A 1 189 ILE 189 203 203 ILE ILE A . n 
A 1 190 ILE 190 204 204 ILE ILE A . n 
A 1 191 LEU 191 205 205 LEU LEU A . n 
A 1 192 GLU 192 206 206 GLU GLU A . n 
A 1 193 LYS 193 207 207 LYS LYS A . n 
A 1 194 LYS 194 208 208 LYS LYS A . n 
A 1 195 PRO 195 209 209 PRO PRO A . n 
A 1 196 THR 196 210 210 THR THR A . n 
# 
loop_
_pdbx_nonpoly_scheme.asym_id 
_pdbx_nonpoly_scheme.entity_id 
_pdbx_nonpoly_scheme.mon_id 
_pdbx_nonpoly_scheme.ndb_seq_num 
_pdbx_nonpoly_scheme.pdb_seq_num 
_pdbx_nonpoly_scheme.auth_seq_num 
_pdbx_nonpoly_scheme.pdb_mon_id 
_pdbx_nonpoly_scheme.auth_mon_id 
_pdbx_nonpoly_scheme.pdb_strand_id 
_pdbx_nonpoly_scheme.pdb_ins_code 
B 2 ACT 1   301 1   ACT ACT A . 
C 2 ACT 1   302 2   ACT ACT A . 
D 3 DMS 1   303 1   DMS DMS A . 
E 3 DMS 1   304 2   DMS DMS A . 
F 4 H04 1   305 1   H04 LIG A . 
G 5 HOH 1   401 202 HOH HOH A . 
G 5 HOH 2   402 94  HOH HOH A . 
G 5 HOH 3   403 203 HOH HOH A . 
G 5 HOH 4   404 9   HOH HOH A . 
G 5 HOH 5   405 150 HOH HOH A . 
G 5 HOH 6   406 69  HOH HOH A . 
G 5 HOH 7   407 143 HOH HOH A . 
G 5 HOH 8   408 52  HOH HOH A . 
G 5 HOH 9   409 124 HOH HOH A . 
G 5 HOH 10  410 154 HOH HOH A . 
G 5 HOH 11  411 53  HOH HOH A . 
G 5 HOH 12  412 162 HOH HOH A . 
G 5 HOH 13  413 80  HOH HOH A . 
G 5 HOH 14  414 199 HOH HOH A . 
G 5 HOH 15  415 49  HOH HOH A . 
G 5 HOH 16  416 134 HOH HOH A . 
G 5 HOH 17  417 147 HOH HOH A . 
G 5 HOH 18  418 48  HOH HOH A . 
G 5 HOH 19  419 157 HOH HOH A . 
G 5 HOH 20  420 24  HOH HOH A . 
G 5 HOH 21  421 105 HOH HOH A . 
G 5 HOH 22  422 113 HOH HOH A . 
G 5 HOH 23  423 36  HOH HOH A . 
G 5 HOH 24  424 101 HOH HOH A . 
G 5 HOH 25  425 140 HOH HOH A . 
G 5 HOH 26  426 71  HOH HOH A . 
G 5 HOH 27  427 13  HOH HOH A . 
G 5 HOH 28  428 85  HOH HOH A . 
G 5 HOH 29  429 97  HOH HOH A . 
G 5 HOH 30  430 10  HOH HOH A . 
G 5 HOH 31  431 167 HOH HOH A . 
G 5 HOH 32  432 6   HOH HOH A . 
G 5 HOH 33  433 64  HOH HOH A . 
G 5 HOH 34  434 79  HOH HOH A . 
G 5 HOH 35  435 18  HOH HOH A . 
G 5 HOH 36  436 179 HOH HOH A . 
G 5 HOH 37  437 35  HOH HOH A . 
G 5 HOH 38  438 158 HOH HOH A . 
G 5 HOH 39  439 56  HOH HOH A . 
G 5 HOH 40  440 109 HOH HOH A . 
G 5 HOH 41  441 108 HOH HOH A . 
G 5 HOH 42  442 117 HOH HOH A . 
G 5 HOH 43  443 146 HOH HOH A . 
G 5 HOH 44  444 103 HOH HOH A . 
G 5 HOH 45  445 207 HOH HOH A . 
G 5 HOH 46  446 33  HOH HOH A . 
G 5 HOH 47  447 62  HOH HOH A . 
G 5 HOH 48  448 15  HOH HOH A . 
G 5 HOH 49  449 206 HOH HOH A . 
G 5 HOH 50  450 14  HOH HOH A . 
G 5 HOH 51  451 8   HOH HOH A . 
G 5 HOH 52  452 25  HOH HOH A . 
G 5 HOH 53  453 51  HOH HOH A . 
G 5 HOH 54  454 34  HOH HOH A . 
G 5 HOH 55  455 137 HOH HOH A . 
G 5 HOH 56  456 39  HOH HOH A . 
G 5 HOH 57  457 193 HOH HOH A . 
G 5 HOH 58  458 186 HOH HOH A . 
G 5 HOH 59  459 197 HOH HOH A . 
G 5 HOH 60  460 139 HOH HOH A . 
G 5 HOH 61  461 28  HOH HOH A . 
G 5 HOH 62  462 99  HOH HOH A . 
G 5 HOH 63  463 104 HOH HOH A . 
G 5 HOH 64  464 7   HOH HOH A . 
G 5 HOH 65  465 26  HOH HOH A . 
G 5 HOH 66  466 118 HOH HOH A . 
G 5 HOH 67  467 19  HOH HOH A . 
G 5 HOH 68  468 75  HOH HOH A . 
G 5 HOH 69  469 1   HOH HOH A . 
G 5 HOH 70  470 159 HOH HOH A . 
G 5 HOH 71  471 125 HOH HOH A . 
G 5 HOH 72  472 141 HOH HOH A . 
G 5 HOH 73  473 110 HOH HOH A . 
G 5 HOH 74  474 45  HOH HOH A . 
G 5 HOH 75  475 58  HOH HOH A . 
G 5 HOH 76  476 27  HOH HOH A . 
G 5 HOH 77  477 38  HOH HOH A . 
G 5 HOH 78  478 2   HOH HOH A . 
G 5 HOH 79  479 40  HOH HOH A . 
G 5 HOH 80  480 17  HOH HOH A . 
G 5 HOH 81  481 12  HOH HOH A . 
G 5 HOH 82  482 61  HOH HOH A . 
G 5 HOH 83  483 98  HOH HOH A . 
G 5 HOH 84  484 106 HOH HOH A . 
G 5 HOH 85  485 11  HOH HOH A . 
G 5 HOH 86  486 121 HOH HOH A . 
G 5 HOH 87  487 43  HOH HOH A . 
G 5 HOH 88  488 37  HOH HOH A . 
G 5 HOH 89  489 72  HOH HOH A . 
G 5 HOH 90  490 22  HOH HOH A . 
G 5 HOH 91  491 55  HOH HOH A . 
G 5 HOH 92  492 153 HOH HOH A . 
G 5 HOH 93  493 59  HOH HOH A . 
G 5 HOH 94  494 191 HOH HOH A . 
G 5 HOH 95  495 138 HOH HOH A . 
G 5 HOH 96  496 42  HOH HOH A . 
G 5 HOH 97  497 21  HOH HOH A . 
G 5 HOH 98  498 46  HOH HOH A . 
G 5 HOH 99  499 3   HOH HOH A . 
G 5 HOH 100 500 201 HOH HOH A . 
G 5 HOH 101 501 194 HOH HOH A . 
G 5 HOH 102 502 116 HOH HOH A . 
G 5 HOH 103 503 145 HOH HOH A . 
G 5 HOH 104 504 31  HOH HOH A . 
G 5 HOH 105 505 200 HOH HOH A . 
G 5 HOH 106 506 63  HOH HOH A . 
G 5 HOH 107 507 88  HOH HOH A . 
G 5 HOH 108 508 5   HOH HOH A . 
G 5 HOH 109 509 127 HOH HOH A . 
G 5 HOH 110 510 152 HOH HOH A . 
G 5 HOH 111 511 149 HOH HOH A . 
G 5 HOH 112 512 166 HOH HOH A . 
G 5 HOH 113 513 173 HOH HOH A . 
G 5 HOH 114 514 66  HOH HOH A . 
G 5 HOH 115 515 96  HOH HOH A . 
G 5 HOH 116 516 102 HOH HOH A . 
G 5 HOH 117 517 176 HOH HOH A . 
G 5 HOH 118 518 170 HOH HOH A . 
G 5 HOH 119 519 78  HOH HOH A . 
G 5 HOH 120 520 111 HOH HOH A . 
G 5 HOH 121 521 182 HOH HOH A . 
G 5 HOH 122 522 155 HOH HOH A . 
G 5 HOH 123 523 23  HOH HOH A . 
G 5 HOH 124 524 20  HOH HOH A . 
G 5 HOH 125 525 126 HOH HOH A . 
G 5 HOH 126 526 122 HOH HOH A . 
G 5 HOH 127 527 129 HOH HOH A . 
G 5 HOH 128 528 119 HOH HOH A . 
G 5 HOH 129 529 144 HOH HOH A . 
G 5 HOH 130 530 169 HOH HOH A . 
G 5 HOH 131 531 44  HOH HOH A . 
G 5 HOH 132 532 205 HOH HOH A . 
G 5 HOH 133 533 196 HOH HOH A . 
G 5 HOH 134 534 204 HOH HOH A . 
G 5 HOH 135 535 16  HOH HOH A . 
G 5 HOH 136 536 57  HOH HOH A . 
G 5 HOH 137 537 123 HOH HOH A . 
G 5 HOH 138 538 29  HOH HOH A . 
G 5 HOH 139 539 50  HOH HOH A . 
G 5 HOH 140 540 161 HOH HOH A . 
G 5 HOH 141 541 168 HOH HOH A . 
G 5 HOH 142 542 174 HOH HOH A . 
G 5 HOH 143 543 177 HOH HOH A . 
G 5 HOH 144 544 178 HOH HOH A . 
G 5 HOH 145 545 172 HOH HOH A . 
G 5 HOH 146 546 131 HOH HOH A . 
G 5 HOH 147 547 190 HOH HOH A . 
G 5 HOH 148 548 192 HOH HOH A . 
G 5 HOH 149 549 30  HOH HOH A . 
G 5 HOH 150 550 132 HOH HOH A . 
G 5 HOH 151 551 184 HOH HOH A . 
G 5 HOH 152 552 188 HOH HOH A . 
G 5 HOH 153 553 195 HOH HOH A . 
G 5 HOH 154 554 185 HOH HOH A . 
G 5 HOH 155 555 148 HOH HOH A . 
G 5 HOH 156 556 165 HOH HOH A . 
G 5 HOH 157 557 130 HOH HOH A . 
G 5 HOH 158 558 171 HOH HOH A . 
G 5 HOH 159 559 68  HOH HOH A . 
G 5 HOH 160 560 164 HOH HOH A . 
G 5 HOH 161 561 115 HOH HOH A . 
# 
loop_
_pdbx_struct_mod_residue.id 
_pdbx_struct_mod_residue.label_asym_id 
_pdbx_struct_mod_residue.label_comp_id 
_pdbx_struct_mod_residue.label_seq_id 
_pdbx_struct_mod_residue.auth_asym_id 
_pdbx_struct_mod_residue.auth_comp_id 
_pdbx_struct_mod_residue.auth_seq_id 
_pdbx_struct_mod_residue.PDB_ins_code 
_pdbx_struct_mod_residue.parent_comp_id 
_pdbx_struct_mod_residue.details 
1 A HYP 88 A HYP 102 ? PRO 'modified residue' 
2 A CSO 95 A CSO 109 ? CYS 'modified residue' 
# 
_pdbx_struct_assembly.id                   1 
_pdbx_struct_assembly.details              author_and_software_defined_assembly 
_pdbx_struct_assembly.method_details       PISA 
_pdbx_struct_assembly.oligomeric_details   monomeric 
_pdbx_struct_assembly.oligomeric_count     1 
# 
_pdbx_struct_assembly_gen.assembly_id       1 
_pdbx_struct_assembly_gen.oper_expression   1 
_pdbx_struct_assembly_gen.asym_id_list      A,B,C,D,E,F,G 
# 
loop_
_pdbx_struct_assembly_prop.biol_id 
_pdbx_struct_assembly_prop.type 
_pdbx_struct_assembly_prop.value 
_pdbx_struct_assembly_prop.details 
1 'ABSA (A^2)' 750   ? 
1 MORE         5     ? 
1 'SSA (A^2)'  10520 ? 
# 
_pdbx_struct_oper_list.id                   1 
_pdbx_struct_oper_list.type                 'identity operation' 
_pdbx_struct_oper_list.name                 1_555 
_pdbx_struct_oper_list.symmetry_operation   x,y,z 
_pdbx_struct_oper_list.matrix[1][1]         1.0000000000 
_pdbx_struct_oper_list.matrix[1][2]         0.0000000000 
_pdbx_struct_oper_list.matrix[1][3]         0.0000000000 
_pdbx_struct_oper_list.vector[1]            0.0000000000 
_pdbx_struct_oper_list.matrix[2][1]         0.0000000000 
_pdbx_struct_oper_list.matrix[2][2]         1.0000000000 
_pdbx_struct_oper_list.matrix[2][3]         0.0000000000 
_pdbx_struct_oper_list.vector[2]            0.0000000000 
_pdbx_struct_oper_list.matrix[3][1]         0.0000000000 
_pdbx_struct_oper_list.matrix[3][2]         0.0000000000 
_pdbx_struct_oper_list.matrix[3][3]         1.0000000000 
_pdbx_struct_oper_list.vector[3]            0.0000000000 
# 
loop_
_pdbx_audit_revision_history.ordinal 
_pdbx_audit_revision_history.data_content_type 
_pdbx_audit_revision_history.major_revision 
_pdbx_audit_revision_history.minor_revision 
_pdbx_audit_revision_history.revision_date 
1 'Structure model' 1 0 2019-03-27 
2 'Structure model' 1 1 2023-11-15 
# 
_pdbx_audit_revision_details.ordinal             1 
_pdbx_audit_revision_details.revision_ordinal    1 
_pdbx_audit_revision_details.data_content_type   'Structure model' 
_pdbx_audit_revision_details.provider            repository 
_pdbx_audit_revision_details.type                'Initial release' 
_pdbx_audit_revision_details.description         ? 
_pdbx_audit_revision_details.details             ? 
# 
loop_
_pdbx_audit_revision_group.ordinal 
_pdbx_audit_revision_group.revision_ordinal 
_pdbx_audit_revision_group.data_content_type 
_pdbx_audit_revision_group.group 
1 2 'Structure model' 'Data collection'     
2 2 'Structure model' 'Database references' 
# 
loop_
_pdbx_audit_revision_category.ordinal 
_pdbx_audit_revision_category.revision_ordinal 
_pdbx_audit_revision_category.data_content_type 
_pdbx_audit_revision_category.category 
1 2 'Structure model' chem_comp_atom 
2 2 'Structure model' chem_comp_bond 
3 2 'Structure model' database_2     
# 
loop_
_pdbx_audit_revision_item.ordinal 
_pdbx_audit_revision_item.revision_ordinal 
_pdbx_audit_revision_item.data_content_type 
_pdbx_audit_revision_item.item 
1 2 'Structure model' '_database_2.pdbx_DOI'                
2 2 'Structure model' '_database_2.pdbx_database_accession' 
# 
_phasing.method   MR 
# 
loop_
_software.pdbx_ordinal 
_software.name 
_software.version 
_software.date 
_software.type 
_software.contact_author 
_software.contact_author_email 
_software.classification 
_software.location 
_software.language 
_software.citation_id 
1 REFMAC      5.8.0189 ?               program 'Garib N. Murshudov' garib@ysbl.york.ac.uk    refinement        
http://www.ccp4.ac.uk/dist/html/refmac5.html        Fortran_77 ? 
2 Aimless     0.5.31   12/12/16        program 'Phil Evans'         ?                        'data scaling'    
http://www.mrc-lmb.cam.ac.uk/harry/pre/aimless.html ?          ? 
3 PDB_EXTRACT 3.23     'SEP. 23, 2016' package PDB                  deposit@deposit.rcsb.org 'data extraction' 
http://sw-tools.pdb.org/apps/PDB_EXTRACT/           C++        ? 
4 XDS         .        ?               program ?                    ?                        'data reduction'  ? ?          ? 
5 REFMAC      .        ?               program ?                    ?                        phasing           ? ?          ? 
# 
_pdbx_validate_close_contact.id               1 
_pdbx_validate_close_contact.PDB_model_num    1 
_pdbx_validate_close_contact.auth_atom_id_1   ND1 
_pdbx_validate_close_contact.auth_asym_id_1   A 
_pdbx_validate_close_contact.auth_comp_id_1   HIS 
_pdbx_validate_close_contact.auth_seq_id_1    35 
_pdbx_validate_close_contact.PDB_ins_code_1   ? 
_pdbx_validate_close_contact.label_alt_id_1   B 
_pdbx_validate_close_contact.auth_atom_id_2   O 
_pdbx_validate_close_contact.auth_asym_id_2   A 
_pdbx_validate_close_contact.auth_comp_id_2   HOH 
_pdbx_validate_close_contact.auth_seq_id_2    401 
_pdbx_validate_close_contact.PDB_ins_code_2   ? 
_pdbx_validate_close_contact.label_alt_id_2   ? 
_pdbx_validate_close_contact.dist             1.93 
# 
_pdbx_validate_torsion.id              1 
_pdbx_validate_torsion.PDB_model_num   1 
_pdbx_validate_torsion.auth_comp_id    THR 
_pdbx_validate_torsion.auth_asym_id    A 
_pdbx_validate_torsion.auth_seq_id     118 
_pdbx_validate_torsion.PDB_ins_code    ? 
_pdbx_validate_torsion.label_alt_id    ? 
_pdbx_validate_torsion.phi             71.96 
_pdbx_validate_torsion.psi             -15.28 
# 
loop_
_pdbx_unobs_or_zero_occ_atoms.id 
_pdbx_unobs_or_zero_occ_atoms.PDB_model_num 
_pdbx_unobs_or_zero_occ_atoms.polymer_flag 
_pdbx_unobs_or_zero_occ_atoms.occupancy_flag 
_pdbx_unobs_or_zero_occ_atoms.auth_asym_id 
_pdbx_unobs_or_zero_occ_atoms.auth_comp_id 
_pdbx_unobs_or_zero_occ_atoms.auth_seq_id 
_pdbx_unobs_or_zero_occ_atoms.PDB_ins_code 
_pdbx_unobs_or_zero_occ_atoms.auth_atom_id 
_pdbx_unobs_or_zero_occ_atoms.label_alt_id 
_pdbx_unobs_or_zero_occ_atoms.label_asym_id 
_pdbx_unobs_or_zero_occ_atoms.label_comp_id 
_pdbx_unobs_or_zero_occ_atoms.label_seq_id 
_pdbx_unobs_or_zero_occ_atoms.label_atom_id 
1 1 Y 1 A GLN 161 ? CG  ? A GLN 147 CG  
2 1 Y 1 A GLN 161 ? CD  ? A GLN 147 CD  
3 1 Y 1 A GLN 161 ? OE1 ? A GLN 147 OE1 
4 1 Y 1 A GLN 161 ? NE2 ? A GLN 147 NE2 
# 
loop_
_pdbx_unobs_or_zero_occ_residues.id 
_pdbx_unobs_or_zero_occ_residues.PDB_model_num 
_pdbx_unobs_or_zero_occ_residues.polymer_flag 
_pdbx_unobs_or_zero_occ_residues.occupancy_flag 
_pdbx_unobs_or_zero_occ_residues.auth_asym_id 
_pdbx_unobs_or_zero_occ_residues.auth_comp_id 
_pdbx_unobs_or_zero_occ_residues.auth_seq_id 
_pdbx_unobs_or_zero_occ_residues.PDB_ins_code 
_pdbx_unobs_or_zero_occ_residues.label_asym_id 
_pdbx_unobs_or_zero_occ_residues.label_comp_id 
_pdbx_unobs_or_zero_occ_residues.label_seq_id 
1  1 Y 1 A HIS 162 ? A HIS 148 
2  1 Y 1 A TYR 163 ? A TYR 149 
3  1 Y 1 A VAL 164 ? A VAL 150 
4  1 Y 1 A THR 165 ? A THR 151 
5  1 Y 1 A ARG 166 ? A ARG 152 
6  1 Y 1 A LEU 167 ? A LEU 153 
7  1 Y 1 A GLY 168 ? A GLY 154 
8  1 Y 1 A HIS 169 ? A HIS 155 
9  1 Y 1 A ARG 170 ? A ARG 156 
10 1 Y 1 A PHE 171 ? A PHE 157 
# 
loop_
_chem_comp_atom.comp_id 
_chem_comp_atom.atom_id 
_chem_comp_atom.type_symbol 
_chem_comp_atom.pdbx_aromatic_flag 
_chem_comp_atom.pdbx_stereo_config 
_chem_comp_atom.pdbx_ordinal 
ACT C    C N N 1   
ACT O    O N N 2   
ACT OXT  O N N 3   
ACT CH3  C N N 4   
ACT H1   H N N 5   
ACT H2   H N N 6   
ACT H3   H N N 7   
ALA N    N N N 8   
ALA CA   C N S 9   
ALA C    C N N 10  
ALA O    O N N 11  
ALA CB   C N N 12  
ALA OXT  O N N 13  
ALA H    H N N 14  
ALA H2   H N N 15  
ALA HA   H N N 16  
ALA HB1  H N N 17  
ALA HB2  H N N 18  
ALA HB3  H N N 19  
ALA HXT  H N N 20  
ARG N    N N N 21  
ARG CA   C N S 22  
ARG C    C N N 23  
ARG O    O N N 24  
ARG CB   C N N 25  
ARG CG   C N N 26  
ARG CD   C N N 27  
ARG NE   N N N 28  
ARG CZ   C N N 29  
ARG NH1  N N N 30  
ARG NH2  N N N 31  
ARG OXT  O N N 32  
ARG H    H N N 33  
ARG H2   H N N 34  
ARG HA   H N N 35  
ARG HB2  H N N 36  
ARG HB3  H N N 37  
ARG HG2  H N N 38  
ARG HG3  H N N 39  
ARG HD2  H N N 40  
ARG HD3  H N N 41  
ARG HE   H N N 42  
ARG HH11 H N N 43  
ARG HH12 H N N 44  
ARG HH21 H N N 45  
ARG HH22 H N N 46  
ARG HXT  H N N 47  
ASN N    N N N 48  
ASN CA   C N S 49  
ASN C    C N N 50  
ASN O    O N N 51  
ASN CB   C N N 52  
ASN CG   C N N 53  
ASN OD1  O N N 54  
ASN ND2  N N N 55  
ASN OXT  O N N 56  
ASN H    H N N 57  
ASN H2   H N N 58  
ASN HA   H N N 59  
ASN HB2  H N N 60  
ASN HB3  H N N 61  
ASN HD21 H N N 62  
ASN HD22 H N N 63  
ASN HXT  H N N 64  
ASP N    N N N 65  
ASP CA   C N S 66  
ASP C    C N N 67  
ASP O    O N N 68  
ASP CB   C N N 69  
ASP CG   C N N 70  
ASP OD1  O N N 71  
ASP OD2  O N N 72  
ASP OXT  O N N 73  
ASP H    H N N 74  
ASP H2   H N N 75  
ASP HA   H N N 76  
ASP HB2  H N N 77  
ASP HB3  H N N 78  
ASP HD2  H N N 79  
ASP HXT  H N N 80  
CSO N    N N N 81  
CSO CA   C N R 82  
CSO CB   C N N 83  
CSO SG   S N N 84  
CSO C    C N N 85  
CSO O    O N N 86  
CSO OXT  O N N 87  
CSO OD   O N N 88  
CSO H    H N N 89  
CSO H2   H N N 90  
CSO HA   H N N 91  
CSO HB2  H N N 92  
CSO HB3  H N N 93  
CSO HXT  H N N 94  
CSO HD   H N N 95  
CYS N    N N N 96  
CYS CA   C N R 97  
CYS C    C N N 98  
CYS O    O N N 99  
CYS CB   C N N 100 
CYS SG   S N N 101 
CYS OXT  O N N 102 
CYS H    H N N 103 
CYS H2   H N N 104 
CYS HA   H N N 105 
CYS HB2  H N N 106 
CYS HB3  H N N 107 
CYS HG   H N N 108 
CYS HXT  H N N 109 
DMS S    S N N 110 
DMS O    O N N 111 
DMS C1   C N N 112 
DMS C2   C N N 113 
DMS H11  H N N 114 
DMS H12  H N N 115 
DMS H13  H N N 116 
DMS H21  H N N 117 
DMS H22  H N N 118 
DMS H23  H N N 119 
GLN N    N N N 120 
GLN CA   C N S 121 
GLN C    C N N 122 
GLN O    O N N 123 
GLN CB   C N N 124 
GLN CG   C N N 125 
GLN CD   C N N 126 
GLN OE1  O N N 127 
GLN NE2  N N N 128 
GLN OXT  O N N 129 
GLN H    H N N 130 
GLN H2   H N N 131 
GLN HA   H N N 132 
GLN HB2  H N N 133 
GLN HB3  H N N 134 
GLN HG2  H N N 135 
GLN HG3  H N N 136 
GLN HE21 H N N 137 
GLN HE22 H N N 138 
GLN HXT  H N N 139 
GLU N    N N N 140 
GLU CA   C N S 141 
GLU C    C N N 142 
GLU O    O N N 143 
GLU CB   C N N 144 
GLU CG   C N N 145 
GLU CD   C N N 146 
GLU OE1  O N N 147 
GLU OE2  O N N 148 
GLU OXT  O N N 149 
GLU H    H N N 150 
GLU H2   H N N 151 
GLU HA   H N N 152 
GLU HB2  H N N 153 
GLU HB3  H N N 154 
GLU HG2  H N N 155 
GLU HG3  H N N 156 
GLU HE2  H N N 157 
GLU HXT  H N N 158 
GLY N    N N N 159 
GLY CA   C N N 160 
GLY C    C N N 161 
GLY O    O N N 162 
GLY OXT  O N N 163 
GLY H    H N N 164 
GLY H2   H N N 165 
GLY HA2  H N N 166 
GLY HA3  H N N 167 
GLY HXT  H N N 168 
H04 N1   N N N 169 
H04 C4   C Y N 170 
H04 C5   C Y N 171 
H04 C6   C Y N 172 
H04 C7   C Y N 173 
H04 C8   C Y N 174 
H04 C10  C N N 175 
H04 C1   C N N 176 
H04 C2   C N N 177 
H04 O1   O N N 178 
H04 C3   C Y N 179 
H04 C9   C N N 180 
H04 N2   N N N 181 
H04 C11  C N N 182 
H04 C12  C N N 183 
H04 H1   H N N 184 
H04 H2   H N N 185 
H04 H3   H N N 186 
H04 H4   H N N 187 
H04 H5   H N N 188 
H04 H6   H N N 189 
H04 H7   H N N 190 
H04 H8   H N N 191 
H04 H9   H N N 192 
H04 H10  H N N 193 
H04 H11  H N N 194 
H04 H12  H N N 195 
H04 H13  H N N 196 
H04 H14  H N N 197 
H04 H16  H N N 198 
H04 H17  H N N 199 
H04 H18  H N N 200 
H04 H19  H N N 201 
HIS N    N N N 202 
HIS CA   C N S 203 
HIS C    C N N 204 
HIS O    O N N 205 
HIS CB   C N N 206 
HIS CG   C Y N 207 
HIS ND1  N Y N 208 
HIS CD2  C Y N 209 
HIS CE1  C Y N 210 
HIS NE2  N Y N 211 
HIS OXT  O N N 212 
HIS H    H N N 213 
HIS H2   H N N 214 
HIS HA   H N N 215 
HIS HB2  H N N 216 
HIS HB3  H N N 217 
HIS HD1  H N N 218 
HIS HD2  H N N 219 
HIS HE1  H N N 220 
HIS HE2  H N N 221 
HIS HXT  H N N 222 
HOH O    O N N 223 
HOH H1   H N N 224 
HOH H2   H N N 225 
HYP N    N N N 226 
HYP CA   C N S 227 
HYP C    C N N 228 
HYP O    O N N 229 
HYP CB   C N N 230 
HYP CG   C N R 231 
HYP CD   C N N 232 
HYP OD1  O N N 233 
HYP OXT  O N N 234 
HYP H    H N N 235 
HYP HA   H N N 236 
HYP HB2  H N N 237 
HYP HB3  H N N 238 
HYP HG   H N N 239 
HYP HD22 H N N 240 
HYP HD23 H N N 241 
HYP HD1  H N N 242 
HYP HXT  H N N 243 
ILE N    N N N 244 
ILE CA   C N S 245 
ILE C    C N N 246 
ILE O    O N N 247 
ILE CB   C N S 248 
ILE CG1  C N N 249 
ILE CG2  C N N 250 
ILE CD1  C N N 251 
ILE OXT  O N N 252 
ILE H    H N N 253 
ILE H2   H N N 254 
ILE HA   H N N 255 
ILE HB   H N N 256 
ILE HG12 H N N 257 
ILE HG13 H N N 258 
ILE HG21 H N N 259 
ILE HG22 H N N 260 
ILE HG23 H N N 261 
ILE HD11 H N N 262 
ILE HD12 H N N 263 
ILE HD13 H N N 264 
ILE HXT  H N N 265 
LEU N    N N N 266 
LEU CA   C N S 267 
LEU C    C N N 268 
LEU O    O N N 269 
LEU CB   C N N 270 
LEU CG   C N N 271 
LEU CD1  C N N 272 
LEU CD2  C N N 273 
LEU OXT  O N N 274 
LEU H    H N N 275 
LEU H2   H N N 276 
LEU HA   H N N 277 
LEU HB2  H N N 278 
LEU HB3  H N N 279 
LEU HG   H N N 280 
LEU HD11 H N N 281 
LEU HD12 H N N 282 
LEU HD13 H N N 283 
LEU HD21 H N N 284 
LEU HD22 H N N 285 
LEU HD23 H N N 286 
LEU HXT  H N N 287 
LYS N    N N N 288 
LYS CA   C N S 289 
LYS C    C N N 290 
LYS O    O N N 291 
LYS CB   C N N 292 
LYS CG   C N N 293 
LYS CD   C N N 294 
LYS CE   C N N 295 
LYS NZ   N N N 296 
LYS OXT  O N N 297 
LYS H    H N N 298 
LYS H2   H N N 299 
LYS HA   H N N 300 
LYS HB2  H N N 301 
LYS HB3  H N N 302 
LYS HG2  H N N 303 
LYS HG3  H N N 304 
LYS HD2  H N N 305 
LYS HD3  H N N 306 
LYS HE2  H N N 307 
LYS HE3  H N N 308 
LYS HZ1  H N N 309 
LYS HZ2  H N N 310 
LYS HZ3  H N N 311 
LYS HXT  H N N 312 
MET N    N N N 313 
MET CA   C N S 314 
MET C    C N N 315 
MET O    O N N 316 
MET CB   C N N 317 
MET CG   C N N 318 
MET SD   S N N 319 
MET CE   C N N 320 
MET OXT  O N N 321 
MET H    H N N 322 
MET H2   H N N 323 
MET HA   H N N 324 
MET HB2  H N N 325 
MET HB3  H N N 326 
MET HG2  H N N 327 
MET HG3  H N N 328 
MET HE1  H N N 329 
MET HE2  H N N 330 
MET HE3  H N N 331 
MET HXT  H N N 332 
PHE N    N N N 333 
PHE CA   C N S 334 
PHE C    C N N 335 
PHE O    O N N 336 
PHE CB   C N N 337 
PHE CG   C Y N 338 
PHE CD1  C Y N 339 
PHE CD2  C Y N 340 
PHE CE1  C Y N 341 
PHE CE2  C Y N 342 
PHE CZ   C Y N 343 
PHE OXT  O N N 344 
PHE H    H N N 345 
PHE H2   H N N 346 
PHE HA   H N N 347 
PHE HB2  H N N 348 
PHE HB3  H N N 349 
PHE HD1  H N N 350 
PHE HD2  H N N 351 
PHE HE1  H N N 352 
PHE HE2  H N N 353 
PHE HZ   H N N 354 
PHE HXT  H N N 355 
PRO N    N N N 356 
PRO CA   C N S 357 
PRO C    C N N 358 
PRO O    O N N 359 
PRO CB   C N N 360 
PRO CG   C N N 361 
PRO CD   C N N 362 
PRO OXT  O N N 363 
PRO H    H N N 364 
PRO HA   H N N 365 
PRO HB2  H N N 366 
PRO HB3  H N N 367 
PRO HG2  H N N 368 
PRO HG3  H N N 369 
PRO HD2  H N N 370 
PRO HD3  H N N 371 
PRO HXT  H N N 372 
SER N    N N N 373 
SER CA   C N S 374 
SER C    C N N 375 
SER O    O N N 376 
SER CB   C N N 377 
SER OG   O N N 378 
SER OXT  O N N 379 
SER H    H N N 380 
SER H2   H N N 381 
SER HA   H N N 382 
SER HB2  H N N 383 
SER HB3  H N N 384 
SER HG   H N N 385 
SER HXT  H N N 386 
THR N    N N N 387 
THR CA   C N S 388 
THR C    C N N 389 
THR O    O N N 390 
THR CB   C N R 391 
THR OG1  O N N 392 
THR CG2  C N N 393 
THR OXT  O N N 394 
THR H    H N N 395 
THR H2   H N N 396 
THR HA   H N N 397 
THR HB   H N N 398 
THR HG1  H N N 399 
THR HG21 H N N 400 
THR HG22 H N N 401 
THR HG23 H N N 402 
THR HXT  H N N 403 
TYR N    N N N 404 
TYR CA   C N S 405 
TYR C    C N N 406 
TYR O    O N N 407 
TYR CB   C N N 408 
TYR CG   C Y N 409 
TYR CD1  C Y N 410 
TYR CD2  C Y N 411 
TYR CE1  C Y N 412 
TYR CE2  C Y N 413 
TYR CZ   C Y N 414 
TYR OH   O N N 415 
TYR OXT  O N N 416 
TYR H    H N N 417 
TYR H2   H N N 418 
TYR HA   H N N 419 
TYR HB2  H N N 420 
TYR HB3  H N N 421 
TYR HD1  H N N 422 
TYR HD2  H N N 423 
TYR HE1  H N N 424 
TYR HE2  H N N 425 
TYR HH   H N N 426 
TYR HXT  H N N 427 
VAL N    N N N 428 
VAL CA   C N S 429 
VAL C    C N N 430 
VAL O    O N N 431 
VAL CB   C N N 432 
VAL CG1  C N N 433 
VAL CG2  C N N 434 
VAL OXT  O N N 435 
VAL H    H N N 436 
VAL H2   H N N 437 
VAL HA   H N N 438 
VAL HB   H N N 439 
VAL HG11 H N N 440 
VAL HG12 H N N 441 
VAL HG13 H N N 442 
VAL HG21 H N N 443 
VAL HG22 H N N 444 
VAL HG23 H N N 445 
VAL HXT  H N N 446 
# 
loop_
_chem_comp_bond.comp_id 
_chem_comp_bond.atom_id_1 
_chem_comp_bond.atom_id_2 
_chem_comp_bond.value_order 
_chem_comp_bond.pdbx_aromatic_flag 
_chem_comp_bond.pdbx_stereo_config 
_chem_comp_bond.pdbx_ordinal 
ACT C   O    doub N N 1   
ACT C   OXT  sing N N 2   
ACT C   CH3  sing N N 3   
ACT CH3 H1   sing N N 4   
ACT CH3 H2   sing N N 5   
ACT CH3 H3   sing N N 6   
ALA N   CA   sing N N 7   
ALA N   H    sing N N 8   
ALA N   H2   sing N N 9   
ALA CA  C    sing N N 10  
ALA CA  CB   sing N N 11  
ALA CA  HA   sing N N 12  
ALA C   O    doub N N 13  
ALA C   OXT  sing N N 14  
ALA CB  HB1  sing N N 15  
ALA CB  HB2  sing N N 16  
ALA CB  HB3  sing N N 17  
ALA OXT HXT  sing N N 18  
ARG N   CA   sing N N 19  
ARG N   H    sing N N 20  
ARG N   H2   sing N N 21  
ARG CA  C    sing N N 22  
ARG CA  CB   sing N N 23  
ARG CA  HA   sing N N 24  
ARG C   O    doub N N 25  
ARG C   OXT  sing N N 26  
ARG CB  CG   sing N N 27  
ARG CB  HB2  sing N N 28  
ARG CB  HB3  sing N N 29  
ARG CG  CD   sing N N 30  
ARG CG  HG2  sing N N 31  
ARG CG  HG3  sing N N 32  
ARG CD  NE   sing N N 33  
ARG CD  HD2  sing N N 34  
ARG CD  HD3  sing N N 35  
ARG NE  CZ   sing N N 36  
ARG NE  HE   sing N N 37  
ARG CZ  NH1  sing N N 38  
ARG CZ  NH2  doub N N 39  
ARG NH1 HH11 sing N N 40  
ARG NH1 HH12 sing N N 41  
ARG NH2 HH21 sing N N 42  
ARG NH2 HH22 sing N N 43  
ARG OXT HXT  sing N N 44  
ASN N   CA   sing N N 45  
ASN N   H    sing N N 46  
ASN N   H2   sing N N 47  
ASN CA  C    sing N N 48  
ASN CA  CB   sing N N 49  
ASN CA  HA   sing N N 50  
ASN C   O    doub N N 51  
ASN C   OXT  sing N N 52  
ASN CB  CG   sing N N 53  
ASN CB  HB2  sing N N 54  
ASN CB  HB3  sing N N 55  
ASN CG  OD1  doub N N 56  
ASN CG  ND2  sing N N 57  
ASN ND2 HD21 sing N N 58  
ASN ND2 HD22 sing N N 59  
ASN OXT HXT  sing N N 60  
ASP N   CA   sing N N 61  
ASP N   H    sing N N 62  
ASP N   H2   sing N N 63  
ASP CA  C    sing N N 64  
ASP CA  CB   sing N N 65  
ASP CA  HA   sing N N 66  
ASP C   O    doub N N 67  
ASP C   OXT  sing N N 68  
ASP CB  CG   sing N N 69  
ASP CB  HB2  sing N N 70  
ASP CB  HB3  sing N N 71  
ASP CG  OD1  doub N N 72  
ASP CG  OD2  sing N N 73  
ASP OD2 HD2  sing N N 74  
ASP OXT HXT  sing N N 75  
CSO N   CA   sing N N 76  
CSO N   H    sing N N 77  
CSO N   H2   sing N N 78  
CSO CA  CB   sing N N 79  
CSO CA  C    sing N N 80  
CSO CA  HA   sing N N 81  
CSO CB  SG   sing N N 82  
CSO CB  HB2  sing N N 83  
CSO CB  HB3  sing N N 84  
CSO SG  OD   sing N N 85  
CSO C   O    doub N N 86  
CSO C   OXT  sing N N 87  
CSO OXT HXT  sing N N 88  
CSO OD  HD   sing N N 89  
CYS N   CA   sing N N 90  
CYS N   H    sing N N 91  
CYS N   H2   sing N N 92  
CYS CA  C    sing N N 93  
CYS CA  CB   sing N N 94  
CYS CA  HA   sing N N 95  
CYS C   O    doub N N 96  
CYS C   OXT  sing N N 97  
CYS CB  SG   sing N N 98  
CYS CB  HB2  sing N N 99  
CYS CB  HB3  sing N N 100 
CYS SG  HG   sing N N 101 
CYS OXT HXT  sing N N 102 
DMS S   O    doub N N 103 
DMS S   C1   sing N N 104 
DMS S   C2   sing N N 105 
DMS C1  H11  sing N N 106 
DMS C1  H12  sing N N 107 
DMS C1  H13  sing N N 108 
DMS C2  H21  sing N N 109 
DMS C2  H22  sing N N 110 
DMS C2  H23  sing N N 111 
GLN N   CA   sing N N 112 
GLN N   H    sing N N 113 
GLN N   H2   sing N N 114 
GLN CA  C    sing N N 115 
GLN CA  CB   sing N N 116 
GLN CA  HA   sing N N 117 
GLN C   O    doub N N 118 
GLN C   OXT  sing N N 119 
GLN CB  CG   sing N N 120 
GLN CB  HB2  sing N N 121 
GLN CB  HB3  sing N N 122 
GLN CG  CD   sing N N 123 
GLN CG  HG2  sing N N 124 
GLN CG  HG3  sing N N 125 
GLN CD  OE1  doub N N 126 
GLN CD  NE2  sing N N 127 
GLN NE2 HE21 sing N N 128 
GLN NE2 HE22 sing N N 129 
GLN OXT HXT  sing N N 130 
GLU N   CA   sing N N 131 
GLU N   H    sing N N 132 
GLU N   H2   sing N N 133 
GLU CA  C    sing N N 134 
GLU CA  CB   sing N N 135 
GLU CA  HA   sing N N 136 
GLU C   O    doub N N 137 
GLU C   OXT  sing N N 138 
GLU CB  CG   sing N N 139 
GLU CB  HB2  sing N N 140 
GLU CB  HB3  sing N N 141 
GLU CG  CD   sing N N 142 
GLU CG  HG2  sing N N 143 
GLU CG  HG3  sing N N 144 
GLU CD  OE1  doub N N 145 
GLU CD  OE2  sing N N 146 
GLU OE2 HE2  sing N N 147 
GLU OXT HXT  sing N N 148 
GLY N   CA   sing N N 149 
GLY N   H    sing N N 150 
GLY N   H2   sing N N 151 
GLY CA  C    sing N N 152 
GLY CA  HA2  sing N N 153 
GLY CA  HA3  sing N N 154 
GLY C   O    doub N N 155 
GLY C   OXT  sing N N 156 
GLY OXT HXT  sing N N 157 
H04 C5  C4   doub Y N 158 
H04 C5  C6   sing Y N 159 
H04 C4  C3   sing Y N 160 
H04 C2  C1   sing N N 161 
H04 C2  O1   sing N N 162 
H04 C6  C7   doub Y N 163 
H04 C3  O1   sing N N 164 
H04 C3  C8   doub Y N 165 
H04 C7  C8   sing Y N 166 
H04 C8  N1   sing N N 167 
H04 N1  C12  sing N N 168 
H04 N1  C9   sing N N 169 
H04 C12 C11  sing N N 170 
H04 C9  C10  sing N N 171 
H04 C11 N2   sing N N 172 
H04 C10 N2   sing N N 173 
H04 C4  H1   sing N N 174 
H04 C5  H2   sing N N 175 
H04 C6  H3   sing N N 176 
H04 C7  H4   sing N N 177 
H04 C10 H5   sing N N 178 
H04 C10 H6   sing N N 179 
H04 C1  H7   sing N N 180 
H04 C1  H8   sing N N 181 
H04 C1  H9   sing N N 182 
H04 C2  H10  sing N N 183 
H04 C2  H11  sing N N 184 
H04 C9  H12  sing N N 185 
H04 C9  H13  sing N N 186 
H04 N2  H14  sing N N 187 
H04 C11 H16  sing N N 188 
H04 C11 H17  sing N N 189 
H04 C12 H18  sing N N 190 
H04 C12 H19  sing N N 191 
HIS N   CA   sing N N 192 
HIS N   H    sing N N 193 
HIS N   H2   sing N N 194 
HIS CA  C    sing N N 195 
HIS CA  CB   sing N N 196 
HIS CA  HA   sing N N 197 
HIS C   O    doub N N 198 
HIS C   OXT  sing N N 199 
HIS CB  CG   sing N N 200 
HIS CB  HB2  sing N N 201 
HIS CB  HB3  sing N N 202 
HIS CG  ND1  sing Y N 203 
HIS CG  CD2  doub Y N 204 
HIS ND1 CE1  doub Y N 205 
HIS ND1 HD1  sing N N 206 
HIS CD2 NE2  sing Y N 207 
HIS CD2 HD2  sing N N 208 
HIS CE1 NE2  sing Y N 209 
HIS CE1 HE1  sing N N 210 
HIS NE2 HE2  sing N N 211 
HIS OXT HXT  sing N N 212 
HOH O   H1   sing N N 213 
HOH O   H2   sing N N 214 
HYP N   CA   sing N N 215 
HYP N   CD   sing N N 216 
HYP N   H    sing N N 217 
HYP CA  C    sing N N 218 
HYP CA  CB   sing N N 219 
HYP CA  HA   sing N N 220 
HYP C   O    doub N N 221 
HYP C   OXT  sing N N 222 
HYP CB  CG   sing N N 223 
HYP CB  HB2  sing N N 224 
HYP CB  HB3  sing N N 225 
HYP CG  CD   sing N N 226 
HYP CG  OD1  sing N N 227 
HYP CG  HG   sing N N 228 
HYP CD  HD22 sing N N 229 
HYP CD  HD23 sing N N 230 
HYP OD1 HD1  sing N N 231 
HYP OXT HXT  sing N N 232 
ILE N   CA   sing N N 233 
ILE N   H    sing N N 234 
ILE N   H2   sing N N 235 
ILE CA  C    sing N N 236 
ILE CA  CB   sing N N 237 
ILE CA  HA   sing N N 238 
ILE C   O    doub N N 239 
ILE C   OXT  sing N N 240 
ILE CB  CG1  sing N N 241 
ILE CB  CG2  sing N N 242 
ILE CB  HB   sing N N 243 
ILE CG1 CD1  sing N N 244 
ILE CG1 HG12 sing N N 245 
ILE CG1 HG13 sing N N 246 
ILE CG2 HG21 sing N N 247 
ILE CG2 HG22 sing N N 248 
ILE CG2 HG23 sing N N 249 
ILE CD1 HD11 sing N N 250 
ILE CD1 HD12 sing N N 251 
ILE CD1 HD13 sing N N 252 
ILE OXT HXT  sing N N 253 
LEU N   CA   sing N N 254 
LEU N   H    sing N N 255 
LEU N   H2   sing N N 256 
LEU CA  C    sing N N 257 
LEU CA  CB   sing N N 258 
LEU CA  HA   sing N N 259 
LEU C   O    doub N N 260 
LEU C   OXT  sing N N 261 
LEU CB  CG   sing N N 262 
LEU CB  HB2  sing N N 263 
LEU CB  HB3  sing N N 264 
LEU CG  CD1  sing N N 265 
LEU CG  CD2  sing N N 266 
LEU CG  HG   sing N N 267 
LEU CD1 HD11 sing N N 268 
LEU CD1 HD12 sing N N 269 
LEU CD1 HD13 sing N N 270 
LEU CD2 HD21 sing N N 271 
LEU CD2 HD22 sing N N 272 
LEU CD2 HD23 sing N N 273 
LEU OXT HXT  sing N N 274 
LYS N   CA   sing N N 275 
LYS N   H    sing N N 276 
LYS N   H2   sing N N 277 
LYS CA  C    sing N N 278 
LYS CA  CB   sing N N 279 
LYS CA  HA   sing N N 280 
LYS C   O    doub N N 281 
LYS C   OXT  sing N N 282 
LYS CB  CG   sing N N 283 
LYS CB  HB2  sing N N 284 
LYS CB  HB3  sing N N 285 
LYS CG  CD   sing N N 286 
LYS CG  HG2  sing N N 287 
LYS CG  HG3  sing N N 288 
LYS CD  CE   sing N N 289 
LYS CD  HD2  sing N N 290 
LYS CD  HD3  sing N N 291 
LYS CE  NZ   sing N N 292 
LYS CE  HE2  sing N N 293 
LYS CE  HE3  sing N N 294 
LYS NZ  HZ1  sing N N 295 
LYS NZ  HZ2  sing N N 296 
LYS NZ  HZ3  sing N N 297 
LYS OXT HXT  sing N N 298 
MET N   CA   sing N N 299 
MET N   H    sing N N 300 
MET N   H2   sing N N 301 
MET CA  C    sing N N 302 
MET CA  CB   sing N N 303 
MET CA  HA   sing N N 304 
MET C   O    doub N N 305 
MET C   OXT  sing N N 306 
MET CB  CG   sing N N 307 
MET CB  HB2  sing N N 308 
MET CB  HB3  sing N N 309 
MET CG  SD   sing N N 310 
MET CG  HG2  sing N N 311 
MET CG  HG3  sing N N 312 
MET SD  CE   sing N N 313 
MET CE  HE1  sing N N 314 
MET CE  HE2  sing N N 315 
MET CE  HE3  sing N N 316 
MET OXT HXT  sing N N 317 
PHE N   CA   sing N N 318 
PHE N   H    sing N N 319 
PHE N   H2   sing N N 320 
PHE CA  C    sing N N 321 
PHE CA  CB   sing N N 322 
PHE CA  HA   sing N N 323 
PHE C   O    doub N N 324 
PHE C   OXT  sing N N 325 
PHE CB  CG   sing N N 326 
PHE CB  HB2  sing N N 327 
PHE CB  HB3  sing N N 328 
PHE CG  CD1  doub Y N 329 
PHE CG  CD2  sing Y N 330 
PHE CD1 CE1  sing Y N 331 
PHE CD1 HD1  sing N N 332 
PHE CD2 CE2  doub Y N 333 
PHE CD2 HD2  sing N N 334 
PHE CE1 CZ   doub Y N 335 
PHE CE1 HE1  sing N N 336 
PHE CE2 CZ   sing Y N 337 
PHE CE2 HE2  sing N N 338 
PHE CZ  HZ   sing N N 339 
PHE OXT HXT  sing N N 340 
PRO N   CA   sing N N 341 
PRO N   CD   sing N N 342 
PRO N   H    sing N N 343 
PRO CA  C    sing N N 344 
PRO CA  CB   sing N N 345 
PRO CA  HA   sing N N 346 
PRO C   O    doub N N 347 
PRO C   OXT  sing N N 348 
PRO CB  CG   sing N N 349 
PRO CB  HB2  sing N N 350 
PRO CB  HB3  sing N N 351 
PRO CG  CD   sing N N 352 
PRO CG  HG2  sing N N 353 
PRO CG  HG3  sing N N 354 
PRO CD  HD2  sing N N 355 
PRO CD  HD3  sing N N 356 
PRO OXT HXT  sing N N 357 
SER N   CA   sing N N 358 
SER N   H    sing N N 359 
SER N   H2   sing N N 360 
SER CA  C    sing N N 361 
SER CA  CB   sing N N 362 
SER CA  HA   sing N N 363 
SER C   O    doub N N 364 
SER C   OXT  sing N N 365 
SER CB  OG   sing N N 366 
SER CB  HB2  sing N N 367 
SER CB  HB3  sing N N 368 
SER OG  HG   sing N N 369 
SER OXT HXT  sing N N 370 
THR N   CA   sing N N 371 
THR N   H    sing N N 372 
THR N   H2   sing N N 373 
THR CA  C    sing N N 374 
THR CA  CB   sing N N 375 
THR CA  HA   sing N N 376 
THR C   O    doub N N 377 
THR C   OXT  sing N N 378 
THR CB  OG1  sing N N 379 
THR CB  CG2  sing N N 380 
THR CB  HB   sing N N 381 
THR OG1 HG1  sing N N 382 
THR CG2 HG21 sing N N 383 
THR CG2 HG22 sing N N 384 
THR CG2 HG23 sing N N 385 
THR OXT HXT  sing N N 386 
TYR N   CA   sing N N 387 
TYR N   H    sing N N 388 
TYR N   H2   sing N N 389 
TYR CA  C    sing N N 390 
TYR CA  CB   sing N N 391 
TYR CA  HA   sing N N 392 
TYR C   O    doub N N 393 
TYR C   OXT  sing N N 394 
TYR CB  CG   sing N N 395 
TYR CB  HB2  sing N N 396 
TYR CB  HB3  sing N N 397 
TYR CG  CD1  doub Y N 398 
TYR CG  CD2  sing Y N 399 
TYR CD1 CE1  sing Y N 400 
TYR CD1 HD1  sing N N 401 
TYR CD2 CE2  doub Y N 402 
TYR CD2 HD2  sing N N 403 
TYR CE1 CZ   doub Y N 404 
TYR CE1 HE1  sing N N 405 
TYR CE2 CZ   sing Y N 406 
TYR CE2 HE2  sing N N 407 
TYR CZ  OH   sing N N 408 
TYR OH  HH   sing N N 409 
TYR OXT HXT  sing N N 410 
VAL N   CA   sing N N 411 
VAL N   H    sing N N 412 
VAL N   H2   sing N N 413 
VAL CA  C    sing N N 414 
VAL CA  CB   sing N N 415 
VAL CA  HA   sing N N 416 
VAL C   O    doub N N 417 
VAL C   OXT  sing N N 418 
VAL CB  CG1  sing N N 419 
VAL CB  CG2  sing N N 420 
VAL CB  HB   sing N N 421 
VAL CG1 HG11 sing N N 422 
VAL CG1 HG12 sing N N 423 
VAL CG1 HG13 sing N N 424 
VAL CG2 HG21 sing N N 425 
VAL CG2 HG22 sing N N 426 
VAL CG2 HG23 sing N N 427 
VAL OXT HXT  sing N N 428 
# 
_pdbx_deposit_group.group_id            G_1002045 
_pdbx_deposit_group.group_description   
;human NUDT7 screened against the 3D-Fragment Consortium Library by X-ray Crystallography at the XChem facility of Diamond Light Source beamline I04-1
;
_pdbx_deposit_group.group_title         'PanDDA analysis group deposition of models with modelled events (e.g. bound ligands)' 
_pdbx_deposit_group.group_type          'changed state' 
# 
loop_
_pdbx_entity_nonpoly.entity_id 
_pdbx_entity_nonpoly.name 
_pdbx_entity_nonpoly.comp_id 
2 'ACETATE ION'                  ACT 
3 'DIMETHYL SULFOXIDE'           DMS 
4 '1-(2-ethoxyphenyl)piperazine' H04 
5 water                          HOH 
# 
_pdbx_related_exp_data_set.ordinal              1 
_pdbx_related_exp_data_set.data_reference       10.5281/zenodo.1244111 
_pdbx_related_exp_data_set.metadata_reference   10.5281/zenodo.1244111 
_pdbx_related_exp_data_set.data_set_type        'other data' 
_pdbx_related_exp_data_set.details              'Complete PanDDA analysis' 
# 
